data_7TNP
#
_entry.id   7TNP
#
_cell.length_a   1.00
_cell.length_b   1.00
_cell.length_c   1.00
_cell.angle_alpha   90.00
_cell.angle_beta   90.00
_cell.angle_gamma   90.00
#
_symmetry.space_group_name_H-M   'P 1'
#
loop_
_entity.id
_entity.type
_entity.pdbx_description
1 polymer 'Isoform Flip of Glutamate receptor 2,Voltage-dependent calcium channel gamma-3 subunit chimera'
2 non-polymer 'GLUTAMIC ACID'
3 non-polymer CYCLOTHIAZIDE
#
_entity_poly.entity_id   1
_entity_poly.type   'polypeptide(L)'
_entity_poly.pdbx_seq_one_letter_code
;NSIQIGGLFPRGADQEYSAFRVGMVQFSTSEFRLTPHIDNLEVANSFAVTNAFCSQFSRGVYAIFGFYDKKSVNTITSFC
GTLHVSFITPSFPTDGTHPFVIQMRPDLKGALLSLIEYYQWDKFAYLYDSDRGLSTLQAVLDSAAEKKWQVTAINVGNIN
NDKKDETYRSLFQDLELKKERRVILDCERDKVNDIVDQVITIGKHVKGYHYIIANLGFTDGDLLKIQFGGAEVSGFQIVD
YDDSLVSKFIERWSTLEEKEYPGAHTATIKYTSALTYDAVQVMTEAFRNLRKQRIEISRRGNAGDCLANPAVPWGQGVEI
ERALKQVQVEGLSGNIKFDQNGKRINYTINIMELKTNGPRKIGYWSEVDKMVLTEDDTSGLEQKTVVVTTILESPYVMMK
KNHEMLEGNERYEGYCVDLAAEIAKHCGFKYKLTIVGDGKYGARDADTKIWNGMVGELVYGKADIAIAPLTITLVREEVI
DFSKPFMSLGISIMIKKPQKSKPGVFSFLDPLAYEIWMCIVFAYIGVSVVLFLVSRFSPYEWHTEEFEDGRETQSSESTN
EFGIFNSLWFSLGAFMQQGCDISPRSLSGRIVGGVWWFFTLIIISSYTANLAAFLTVERMVSPIESAEDLSKQTEIAYGT
LDSGSTKEFFRRSKIAVFDKMWTYMRSAEPSVFVRTTAEGVARVRKSKGKYAYLLESTMNEYIEQRKPCDTMKVGGNLDS
KGYGIATPKGSSLGTPVNLAVLKLSEQGVLDKLKNKWWYDKGECGAKDSGSKEKTSALSLSNVAGVFYILVGGLGLAMLV
ALIEFCYKSRAEAKRMKGTGLFDRGVQMLLTTVGAFAAFSLMTIAVGTDYWLYSRGVCKTKSVSEDETSKKNEEVMTHSG
LWRTCCLEGNFKGLCKQIDHFPEDADYEADTAEYFLRAVRASSIFPILSVILLFMGGLCIAASEFYKTRHNIILSAGIFF
VSAGLSNIIGIIVYISANAGDPSKSDSKKNSYSYGWSFYFGALSFIIAEMVGVLAVHMFIDRHKQLTGGLVPR
;
_entity_poly.pdbx_strand_id   A,B,C,D
#
loop_
_chem_comp.id
_chem_comp.type
_chem_comp.name
_chem_comp.formula
CYZ non-polymer CYCLOTHIAZIDE 'C14 H16 Cl N3 O4 S2'
#
# COMPACT_ATOMS: atom_id res chain seq x y z
N THR A 385 -23.77 59.63 25.31
CA THR A 385 -23.34 58.25 25.29
C THR A 385 -21.96 58.15 24.69
N VAL A 386 -21.48 56.93 24.49
CA VAL A 386 -20.24 56.73 23.75
C VAL A 386 -20.59 56.17 22.38
N VAL A 387 -19.64 56.25 21.46
CA VAL A 387 -19.83 55.76 20.11
C VAL A 387 -19.12 54.42 19.99
N VAL A 388 -19.88 53.37 19.69
CA VAL A 388 -19.33 52.03 19.64
C VAL A 388 -19.44 51.54 18.20
N THR A 389 -18.41 51.80 17.40
CA THR A 389 -18.47 51.49 15.98
C THR A 389 -18.16 50.02 15.75
N THR A 390 -18.77 49.46 14.71
CA THR A 390 -18.60 48.07 14.33
C THR A 390 -18.54 47.97 12.81
N ILE A 391 -18.24 46.77 12.34
CA ILE A 391 -18.37 46.42 10.94
C ILE A 391 -19.40 45.31 10.84
N LEU A 392 -20.15 45.29 9.74
CA LEU A 392 -21.25 44.33 9.58
C LEU A 392 -20.66 43.02 9.08
N GLU A 393 -20.47 42.08 10.00
CA GLU A 393 -19.97 40.77 9.62
C GLU A 393 -20.48 39.73 10.59
N SER A 394 -21.02 38.66 10.04
CA SER A 394 -21.52 37.56 10.84
C SER A 394 -20.35 36.72 11.34
N PRO A 395 -20.43 36.19 12.57
CA PRO A 395 -21.45 36.43 13.58
C PRO A 395 -21.01 37.48 14.58
N TYR A 396 -20.08 38.34 14.18
CA TYR A 396 -19.62 39.37 15.09
C TYR A 396 -20.66 40.45 15.24
N VAL A 397 -21.24 40.89 14.13
CA VAL A 397 -22.45 41.72 14.11
C VAL A 397 -23.37 41.14 13.05
N MET A 398 -24.55 40.71 13.46
CA MET A 398 -25.54 40.20 12.52
C MET A 398 -26.77 41.08 12.54
N MET A 399 -27.41 41.23 11.38
CA MET A 399 -28.69 41.91 11.31
C MET A 399 -29.76 41.12 12.04
N LYS A 400 -30.33 41.73 13.07
CA LYS A 400 -31.46 41.13 13.77
C LYS A 400 -32.67 41.08 12.84
N LYS A 401 -33.51 40.06 13.03
CA LYS A 401 -34.68 39.85 12.18
C LYS A 401 -35.68 41.00 12.29
N ASN A 402 -35.97 41.44 13.51
CA ASN A 402 -36.93 42.53 13.71
C ASN A 402 -36.21 43.86 13.91
N HIS A 403 -35.60 44.34 12.83
CA HIS A 403 -34.87 45.60 12.91
C HIS A 403 -35.83 46.79 12.92
N GLU A 404 -36.91 46.73 12.14
CA GLU A 404 -37.81 47.87 12.07
C GLU A 404 -38.81 47.85 13.22
N MET A 405 -38.94 46.71 13.89
CA MET A 405 -39.68 46.68 15.14
C MET A 405 -38.85 47.27 16.28
N LEU A 406 -37.61 46.83 16.42
CA LEU A 406 -36.82 47.20 17.59
C LEU A 406 -36.03 48.47 17.32
N GLU A 407 -35.39 48.98 18.38
CA GLU A 407 -34.87 50.33 18.36
C GLU A 407 -33.52 50.41 19.07
N GLY A 408 -32.63 51.23 18.51
CA GLY A 408 -31.42 51.62 19.23
C GLY A 408 -30.33 50.57 19.11
N ASN A 409 -29.76 50.20 20.25
CA ASN A 409 -28.75 49.16 20.27
C ASN A 409 -29.39 47.77 20.19
N GLU A 410 -30.71 47.71 20.40
CA GLU A 410 -31.42 46.46 20.23
C GLU A 410 -31.67 46.16 18.75
N ARG A 411 -31.35 47.10 17.87
CA ARG A 411 -31.46 46.86 16.43
C ARG A 411 -30.48 45.80 15.96
N TYR A 412 -29.37 45.64 16.66
CA TYR A 412 -28.33 44.73 16.24
C TYR A 412 -28.11 43.64 17.27
N GLU A 413 -27.67 42.50 16.79
CA GLU A 413 -27.31 41.37 17.63
C GLU A 413 -26.10 40.67 17.02
N GLY A 414 -25.08 40.50 17.83
CA GLY A 414 -23.85 39.90 17.35
C GLY A 414 -22.94 39.60 18.52
N TYR A 415 -21.78 39.05 18.16
CA TYR A 415 -20.76 38.77 19.17
C TYR A 415 -20.30 40.05 19.83
N CYS A 416 -19.93 41.03 19.02
CA CYS A 416 -19.44 42.29 19.56
C CYS A 416 -20.55 43.04 20.26
N VAL A 417 -21.78 42.90 19.76
CA VAL A 417 -22.95 43.51 20.38
C VAL A 417 -23.17 42.94 21.77
N ASP A 418 -22.94 41.64 21.94
CA ASP A 418 -22.98 41.05 23.27
C ASP A 418 -21.76 41.47 24.08
N LEU A 419 -20.60 41.54 23.44
CA LEU A 419 -19.38 41.86 24.17
C LEU A 419 -19.37 43.32 24.57
N ALA A 420 -20.01 44.18 23.78
CA ALA A 420 -20.13 45.58 24.18
C ALA A 420 -21.02 45.74 25.39
N ALA A 421 -22.07 44.92 25.48
CA ALA A 421 -22.94 44.97 26.64
C ALA A 421 -22.23 44.45 27.88
N GLU A 422 -21.33 43.48 27.71
CA GLU A 422 -20.64 42.91 28.86
C GLU A 422 -19.62 43.87 29.43
N ILE A 423 -18.87 44.55 28.56
CA ILE A 423 -17.83 45.44 29.04
C ILE A 423 -18.43 46.70 29.64
N ALA A 424 -19.59 47.12 29.14
CA ALA A 424 -20.20 48.36 29.63
C ALA A 424 -20.83 48.15 30.99
N LYS A 425 -21.14 46.90 31.32
CA LYS A 425 -21.54 46.59 32.68
C LYS A 425 -20.37 46.78 33.64
N HIS A 426 -19.20 46.24 33.29
CA HIS A 426 -18.08 46.25 34.23
C HIS A 426 -17.41 47.61 34.27
N CYS A 427 -17.53 48.39 33.21
CA CYS A 427 -16.93 49.72 33.21
C CYS A 427 -17.93 50.78 33.62
N GLY A 428 -19.21 50.59 33.31
CA GLY A 428 -20.23 51.48 33.79
C GLY A 428 -20.44 52.69 32.90
N PHE A 429 -20.57 52.48 31.60
CA PHE A 429 -20.84 53.57 30.67
C PHE A 429 -22.04 53.23 29.81
N LYS A 430 -22.89 54.23 29.61
CA LYS A 430 -23.96 54.13 28.64
C LYS A 430 -23.36 54.13 27.24
N TYR A 431 -23.99 53.40 26.31
CA TYR A 431 -23.38 53.21 25.00
C TYR A 431 -24.42 53.19 23.91
N LYS A 432 -24.00 53.60 22.72
CA LYS A 432 -24.87 53.66 21.55
C LYS A 432 -24.08 53.12 20.35
N LEU A 433 -24.55 52.01 19.79
CA LEU A 433 -23.84 51.37 18.69
C LEU A 433 -24.00 52.17 17.42
N THR A 434 -23.01 52.05 16.53
CA THR A 434 -23.08 52.61 15.19
C THR A 434 -22.51 51.59 14.22
N ILE A 435 -22.59 51.93 12.94
CA ILE A 435 -22.00 51.14 11.87
C ILE A 435 -21.07 52.07 11.09
N VAL A 436 -19.93 51.55 10.63
CA VAL A 436 -19.07 52.32 9.75
C VAL A 436 -19.77 52.53 8.41
N GLY A 437 -19.58 53.72 7.84
CA GLY A 437 -20.17 54.02 6.54
C GLY A 437 -19.37 53.40 5.41
N ASP A 438 -18.07 53.23 5.61
CA ASP A 438 -17.24 52.60 4.60
C ASP A 438 -17.61 51.13 4.42
N GLY A 439 -18.03 50.48 5.50
CA GLY A 439 -18.18 49.03 5.49
C GLY A 439 -16.85 48.33 5.28
N LYS A 440 -15.77 48.92 5.79
CA LYS A 440 -14.43 48.51 5.43
C LYS A 440 -13.53 48.54 6.65
N TYR A 441 -12.30 48.07 6.47
CA TYR A 441 -11.29 48.18 7.50
C TYR A 441 -10.32 49.32 7.18
N GLY A 442 -10.06 50.14 8.20
CA GLY A 442 -9.24 51.33 7.99
C GLY A 442 -7.78 51.00 7.80
N ALA A 443 -7.30 51.16 6.57
CA ALA A 443 -5.89 51.05 6.22
C ALA A 443 -5.50 52.29 5.42
N ARG A 444 -4.20 52.44 5.15
CA ARG A 444 -3.70 53.75 4.75
C ARG A 444 -3.85 54.00 3.26
N ASP A 445 -4.18 55.25 2.92
CA ASP A 445 -4.15 55.72 1.55
C ASP A 445 -2.72 56.01 1.13
N ALA A 446 -2.47 55.91 -0.17
CA ALA A 446 -1.23 56.38 -0.76
C ALA A 446 -1.21 57.90 -0.63
N ASP A 447 -0.09 58.43 -0.13
CA ASP A 447 0.29 59.84 -0.06
C ASP A 447 -0.60 60.63 0.92
N THR A 448 -1.52 59.97 1.63
CA THR A 448 -2.53 60.66 2.42
C THR A 448 -2.60 60.15 3.85
N LYS A 449 -2.41 58.83 4.06
CA LYS A 449 -2.38 58.14 5.37
C LYS A 449 -3.77 58.11 6.04
N ILE A 450 -4.77 58.75 5.44
CA ILE A 450 -6.11 58.85 6.02
C ILE A 450 -6.78 57.50 5.85
N TRP A 451 -7.20 56.92 6.96
CA TRP A 451 -7.73 55.57 6.95
C TRP A 451 -9.17 55.52 6.48
N ASN A 452 -9.47 54.58 5.60
CA ASN A 452 -10.79 54.40 5.03
C ASN A 452 -11.36 53.11 5.60
N GLY A 453 -12.24 53.23 6.58
CA GLY A 453 -12.76 52.07 7.27
C GLY A 453 -13.13 52.44 8.69
N MET A 454 -13.17 51.44 9.58
CA MET A 454 -13.62 51.69 10.95
C MET A 454 -12.64 52.54 11.73
N VAL A 455 -11.35 52.30 11.51
CA VAL A 455 -10.37 52.96 12.37
C VAL A 455 -10.22 54.41 11.95
N GLY A 456 -10.45 54.70 10.66
CA GLY A 456 -10.55 56.08 10.22
C GLY A 456 -11.73 56.80 10.84
N GLU A 457 -12.76 56.06 11.22
CA GLU A 457 -13.83 56.65 12.03
C GLU A 457 -13.41 56.71 13.49
N LEU A 458 -12.44 55.88 13.88
CA LEU A 458 -12.04 55.82 15.29
C LEU A 458 -10.96 56.84 15.59
N VAL A 459 -10.02 57.06 14.66
CA VAL A 459 -8.92 57.99 14.90
C VAL A 459 -9.43 59.43 15.00
N TYR A 460 -10.36 59.80 14.12
CA TYR A 460 -10.61 61.19 13.83
C TYR A 460 -11.65 61.82 14.74
N GLY A 461 -11.82 61.30 15.95
CA GLY A 461 -12.76 61.85 16.90
C GLY A 461 -14.21 61.52 16.65
N LYS A 462 -14.52 60.89 15.52
CA LYS A 462 -15.90 60.53 15.20
C LYS A 462 -16.41 59.45 16.16
N ALA A 463 -15.71 58.32 16.21
CA ALA A 463 -16.14 57.19 17.01
C ALA A 463 -15.30 57.09 18.27
N ASP A 464 -15.90 56.51 19.31
CA ASP A 464 -15.23 56.45 20.60
C ASP A 464 -14.55 55.10 20.83
N ILE A 465 -15.32 54.02 20.72
CA ILE A 465 -14.83 52.67 20.97
C ILE A 465 -15.09 51.85 19.72
N ALA A 466 -14.14 51.00 19.36
CA ALA A 466 -14.27 50.12 18.20
C ALA A 466 -14.21 48.68 18.66
N ILE A 467 -15.37 48.05 18.78
CA ILE A 467 -15.47 46.67 19.22
C ILE A 467 -15.84 45.87 17.99
N ALA A 468 -14.85 45.21 17.39
CA ALA A 468 -15.03 44.65 16.07
C ALA A 468 -13.94 43.62 15.84
N PRO A 469 -14.10 42.76 14.84
CA PRO A 469 -12.94 41.93 14.47
C PRO A 469 -11.87 42.76 13.76
N LEU A 470 -11.09 43.47 14.57
CA LEU A 470 -10.07 44.39 14.08
C LEU A 470 -8.71 43.81 14.41
N THR A 471 -7.94 43.48 13.38
CA THR A 471 -6.65 42.86 13.55
C THR A 471 -5.65 43.81 14.20
N ILE A 472 -5.04 43.37 15.29
CA ILE A 472 -3.98 44.13 15.94
C ILE A 472 -2.73 43.94 15.08
N THR A 473 -2.47 44.92 14.22
CA THR A 473 -1.22 44.97 13.46
C THR A 473 -0.48 46.25 13.83
N LEU A 474 0.80 46.29 13.46
CA LEU A 474 1.71 47.31 13.96
C LEU A 474 1.32 48.69 13.45
N VAL A 475 0.78 48.74 12.24
CA VAL A 475 0.37 50.00 11.61
C VAL A 475 -0.73 50.65 12.41
N ARG A 476 -1.64 49.85 12.96
CA ARG A 476 -2.75 50.42 13.71
C ARG A 476 -2.30 50.85 15.09
N GLU A 477 -1.55 50.00 15.78
CA GLU A 477 -1.29 50.20 17.21
C GLU A 477 -0.30 51.35 17.43
N GLU A 478 0.44 51.74 16.40
CA GLU A 478 1.34 52.87 16.58
C GLU A 478 0.59 54.19 16.59
N VAL A 479 -0.67 54.19 16.14
CA VAL A 479 -1.45 55.43 16.14
C VAL A 479 -2.84 55.25 16.74
N ILE A 480 -3.23 54.06 17.18
CA ILE A 480 -4.40 53.90 18.06
C ILE A 480 -3.97 53.02 19.23
N ASP A 481 -4.83 52.93 20.23
CA ASP A 481 -4.59 51.95 21.28
C ASP A 481 -5.43 50.71 21.04
N PHE A 482 -4.92 49.57 21.49
CA PHE A 482 -5.69 48.34 21.59
C PHE A 482 -5.72 47.90 23.04
N SER A 483 -6.82 47.26 23.44
CA SER A 483 -6.77 46.46 24.64
C SER A 483 -6.13 45.11 24.33
N LYS A 484 -5.98 44.29 25.36
CA LYS A 484 -5.44 42.95 25.17
C LYS A 484 -6.43 42.14 24.34
N PRO A 485 -5.96 41.16 23.57
CA PRO A 485 -6.87 40.47 22.63
C PRO A 485 -7.93 39.64 23.35
N PHE A 486 -8.97 39.32 22.60
CA PHE A 486 -10.11 38.58 23.11
C PHE A 486 -10.40 37.32 22.31
N MET A 487 -9.68 37.09 21.23
CA MET A 487 -9.93 35.94 20.39
C MET A 487 -8.65 35.66 19.61
N SER A 488 -8.40 34.38 19.37
CA SER A 488 -7.17 33.93 18.73
C SER A 488 -7.50 33.24 17.42
N LEU A 489 -6.71 33.51 16.38
CA LEU A 489 -7.02 33.10 15.03
C LEU A 489 -5.77 33.20 14.17
N GLY A 490 -5.95 33.04 12.88
CA GLY A 490 -4.83 33.14 11.95
C GLY A 490 -5.28 33.05 10.52
N ILE A 491 -4.29 33.17 9.61
CA ILE A 491 -4.59 33.07 8.19
C ILE A 491 -4.86 31.62 7.84
N SER A 492 -5.98 31.37 7.15
CA SER A 492 -6.38 30.01 6.81
C SER A 492 -7.11 30.04 5.48
N ILE A 493 -7.42 28.86 4.97
CA ILE A 493 -7.92 28.68 3.61
C ILE A 493 -9.32 28.12 3.70
N MET A 494 -10.23 28.63 2.87
CA MET A 494 -11.52 28.01 2.64
C MET A 494 -11.54 27.44 1.23
N ILE A 495 -11.82 26.15 1.13
CA ILE A 495 -12.11 25.51 -0.15
C ILE A 495 -13.34 24.63 -0.02
N LYS A 496 -14.01 24.43 -1.14
CA LYS A 496 -15.21 23.62 -1.16
C LYS A 496 -14.87 22.14 -1.21
N LYS A 497 -15.36 21.39 -0.23
CA LYS A 497 -15.36 19.95 -0.41
C LYS A 497 -16.41 19.63 -1.48
N PRO A 498 -16.00 19.04 -2.59
CA PRO A 498 -16.91 18.94 -3.75
C PRO A 498 -18.11 18.01 -3.58
N GLN A 499 -17.88 16.74 -3.31
CA GLN A 499 -18.92 15.73 -3.29
C GLN A 499 -18.72 14.83 -2.08
N LYS A 500 -19.82 14.30 -1.54
CA LYS A 500 -19.68 13.31 -0.48
C LYS A 500 -19.48 11.91 -1.06
N SER A 501 -20.48 11.43 -1.81
CA SER A 501 -20.39 10.22 -2.65
C SER A 501 -20.05 8.96 -1.85
N LYS A 502 -20.93 8.61 -0.92
CA LYS A 502 -20.79 7.38 -0.18
C LYS A 502 -21.02 6.19 -1.12
N PRO A 503 -20.51 5.00 -0.79
CA PRO A 503 -20.72 3.83 -1.67
C PRO A 503 -22.17 3.44 -1.81
N GLY A 504 -22.59 3.24 -3.07
CA GLY A 504 -23.93 2.77 -3.36
C GLY A 504 -24.12 1.34 -2.94
N VAL A 505 -25.32 0.84 -3.18
CA VAL A 505 -25.64 -0.46 -2.61
C VAL A 505 -25.11 -1.58 -3.48
N PHE A 506 -24.79 -1.32 -4.74
CA PHE A 506 -24.15 -2.33 -5.58
C PHE A 506 -22.68 -2.02 -5.77
N SER A 507 -22.03 -1.56 -4.70
CA SER A 507 -20.66 -1.10 -4.81
C SER A 507 -19.66 -2.26 -4.87
N PHE A 508 -20.10 -3.47 -4.55
CA PHE A 508 -19.17 -4.59 -4.57
C PHE A 508 -18.80 -5.00 -5.99
N LEU A 509 -19.62 -4.64 -6.98
CA LEU A 509 -19.33 -4.97 -8.37
C LEU A 509 -18.34 -4.02 -8.99
N ASP A 510 -17.98 -2.96 -8.30
CA ASP A 510 -17.10 -1.92 -8.83
C ASP A 510 -15.72 -2.33 -9.33
N PRO A 511 -14.91 -3.18 -8.67
CA PRO A 511 -13.53 -3.36 -9.16
C PRO A 511 -13.39 -4.04 -10.51
N LEU A 512 -14.46 -4.56 -11.08
CA LEU A 512 -14.49 -4.87 -12.48
C LEU A 512 -15.46 -3.91 -13.16
N ALA A 513 -15.11 -3.49 -14.36
CA ALA A 513 -15.96 -2.57 -15.10
C ALA A 513 -17.21 -3.28 -15.58
N TYR A 514 -18.22 -2.49 -15.97
CA TYR A 514 -19.47 -3.11 -16.37
C TYR A 514 -19.44 -3.60 -17.80
N GLU A 515 -18.34 -3.43 -18.52
CA GLU A 515 -18.20 -4.17 -19.76
C GLU A 515 -17.73 -5.58 -19.48
N ILE A 516 -16.96 -5.75 -18.41
CA ILE A 516 -16.38 -7.05 -18.10
C ILE A 516 -17.46 -7.98 -17.57
N TRP A 517 -18.28 -7.51 -16.63
CA TRP A 517 -19.39 -8.31 -16.13
C TRP A 517 -20.36 -8.66 -17.24
N MET A 518 -20.55 -7.75 -18.19
CA MET A 518 -21.37 -8.08 -19.35
C MET A 518 -20.66 -9.08 -20.25
N CYS A 519 -19.33 -8.99 -20.34
CA CYS A 519 -18.64 -9.96 -21.18
C CYS A 519 -18.35 -11.26 -20.42
N ILE A 520 -18.49 -11.25 -19.10
CA ILE A 520 -18.44 -12.51 -18.36
C ILE A 520 -19.72 -13.30 -18.60
N VAL A 521 -20.88 -12.63 -18.49
CA VAL A 521 -22.17 -13.30 -18.65
C VAL A 521 -22.34 -13.80 -20.08
N PHE A 522 -21.82 -13.05 -21.04
CA PHE A 522 -21.82 -13.54 -22.41
C PHE A 522 -20.89 -14.72 -22.58
N ALA A 523 -19.78 -14.73 -21.85
CA ALA A 523 -18.85 -15.85 -21.97
C ALA A 523 -19.31 -17.04 -21.16
N TYR A 524 -20.10 -16.81 -20.11
CA TYR A 524 -20.64 -17.92 -19.34
C TYR A 524 -21.71 -18.66 -20.12
N ILE A 525 -22.54 -17.93 -20.85
CA ILE A 525 -23.48 -18.60 -21.74
C ILE A 525 -22.73 -19.19 -22.92
N GLY A 526 -21.68 -18.51 -23.35
CA GLY A 526 -20.94 -18.96 -24.51
C GLY A 526 -20.15 -20.23 -24.26
N VAL A 527 -19.68 -20.43 -23.03
CA VAL A 527 -19.03 -21.69 -22.72
C VAL A 527 -20.05 -22.80 -22.59
N SER A 528 -21.11 -22.55 -21.83
CA SER A 528 -21.98 -23.62 -21.40
C SER A 528 -22.80 -24.18 -22.56
N VAL A 529 -22.96 -23.43 -23.63
CA VAL A 529 -23.60 -23.98 -24.82
C VAL A 529 -22.61 -24.86 -25.57
N VAL A 530 -21.32 -24.56 -25.46
CA VAL A 530 -20.34 -25.34 -26.20
C VAL A 530 -20.08 -26.65 -25.49
N LEU A 531 -20.10 -26.63 -24.16
CA LEU A 531 -19.88 -27.86 -23.42
C LEU A 531 -21.08 -28.78 -23.51
N PHE A 532 -22.26 -28.21 -23.79
CA PHE A 532 -23.40 -29.04 -24.14
C PHE A 532 -23.24 -29.69 -25.50
N LEU A 533 -22.86 -28.89 -26.49
CA LEU A 533 -22.86 -29.37 -27.88
C LEU A 533 -21.84 -30.47 -28.09
N VAL A 534 -20.71 -30.40 -27.39
CA VAL A 534 -19.69 -31.43 -27.51
C VAL A 534 -20.17 -32.73 -26.89
N SER A 535 -20.70 -32.66 -25.68
CA SER A 535 -21.01 -33.86 -24.95
C SER A 535 -22.30 -34.55 -25.40
N ARG A 536 -22.98 -34.03 -26.44
CA ARG A 536 -24.19 -34.64 -26.99
C ARG A 536 -24.04 -34.76 -28.51
N PHE A 537 -23.52 -35.91 -28.95
CA PHE A 537 -23.40 -36.25 -30.36
C PHE A 537 -23.86 -37.68 -30.58
N SER A 538 -23.87 -38.09 -31.84
CA SER A 538 -23.99 -39.50 -32.13
C SER A 538 -22.68 -40.18 -31.75
N PRO A 539 -22.69 -41.15 -30.83
CA PRO A 539 -21.46 -41.71 -30.28
C PRO A 539 -20.79 -42.72 -31.19
N GLN A 554 -26.50 -49.15 -26.36
CA GLN A 554 -27.46 -48.65 -27.34
C GLN A 554 -27.53 -47.13 -27.29
N SER A 555 -28.22 -46.59 -26.28
CA SER A 555 -28.31 -45.14 -26.09
C SER A 555 -27.02 -44.63 -25.47
N SER A 556 -25.97 -44.58 -26.31
CA SER A 556 -24.66 -44.23 -25.81
C SER A 556 -24.33 -42.76 -25.99
N GLU A 557 -25.31 -41.93 -26.34
CA GLU A 557 -25.15 -40.50 -26.12
C GLU A 557 -25.41 -40.17 -24.66
N SER A 558 -26.16 -41.03 -23.97
CA SER A 558 -26.55 -40.79 -22.58
C SER A 558 -25.44 -41.06 -21.59
N THR A 559 -24.27 -41.54 -22.06
CA THR A 559 -23.17 -41.82 -21.15
C THR A 559 -22.57 -40.53 -20.59
N ASN A 560 -22.58 -39.47 -21.40
CA ASN A 560 -22.27 -38.16 -20.86
C ASN A 560 -23.45 -37.64 -20.08
N GLU A 561 -23.21 -37.24 -18.84
CA GLU A 561 -24.23 -36.68 -17.98
C GLU A 561 -24.57 -35.24 -18.31
N PHE A 562 -23.97 -34.68 -19.36
CA PHE A 562 -24.12 -33.26 -19.66
C PHE A 562 -25.25 -33.07 -20.65
N GLY A 563 -26.43 -32.83 -20.12
CA GLY A 563 -27.43 -32.08 -20.83
C GLY A 563 -27.08 -30.62 -20.76
N ILE A 564 -27.96 -29.78 -21.29
CA ILE A 564 -27.65 -28.36 -21.24
C ILE A 564 -27.86 -27.84 -19.82
N PHE A 565 -28.76 -28.44 -19.06
CA PHE A 565 -29.00 -27.90 -17.74
C PHE A 565 -27.93 -28.33 -16.76
N ASN A 566 -27.34 -29.51 -16.95
CA ASN A 566 -26.14 -29.81 -16.20
C ASN A 566 -24.95 -29.01 -16.72
N SER A 567 -25.02 -28.53 -17.95
CA SER A 567 -23.92 -27.75 -18.48
C SER A 567 -23.90 -26.35 -17.86
N LEU A 568 -25.07 -25.74 -17.67
CA LEU A 568 -25.12 -24.44 -17.02
C LEU A 568 -24.69 -24.55 -15.56
N TRP A 569 -24.93 -25.71 -14.95
CA TRP A 569 -24.63 -25.83 -13.54
C TRP A 569 -23.18 -26.21 -13.31
N PHE A 570 -22.54 -26.83 -14.30
CA PHE A 570 -21.11 -27.09 -14.17
C PHE A 570 -20.33 -25.79 -14.26
N SER A 571 -20.60 -24.99 -15.27
CA SER A 571 -19.81 -23.79 -15.49
C SER A 571 -20.13 -22.72 -14.46
N LEU A 572 -21.31 -22.77 -13.84
CA LEU A 572 -21.52 -21.93 -12.67
C LEU A 572 -20.71 -22.46 -11.50
N GLY A 573 -20.60 -23.78 -11.39
CA GLY A 573 -19.77 -24.34 -10.34
C GLY A 573 -18.30 -24.06 -10.56
N ALA A 574 -17.87 -24.02 -11.81
CA ALA A 574 -16.47 -23.73 -12.07
C ALA A 574 -16.18 -22.25 -11.92
N PHE A 575 -17.17 -21.38 -12.18
CA PHE A 575 -16.90 -19.96 -12.06
C PHE A 575 -16.86 -19.53 -10.61
N MET A 576 -17.81 -19.99 -9.81
CA MET A 576 -17.82 -19.56 -8.42
C MET A 576 -16.80 -20.31 -7.57
N GLN A 577 -16.09 -21.27 -8.16
CA GLN A 577 -15.02 -22.03 -7.51
C GLN A 577 -15.52 -22.82 -6.32
N GLN A 578 -16.78 -23.22 -6.35
CA GLN A 578 -17.37 -24.00 -5.27
C GLN A 578 -17.40 -25.48 -5.64
N GLY A 579 -16.38 -25.93 -6.35
CA GLY A 579 -16.35 -27.30 -6.78
C GLY A 579 -17.32 -27.53 -7.90
N CYS A 580 -17.59 -28.80 -8.17
CA CYS A 580 -18.52 -29.19 -9.22
C CYS A 580 -19.02 -30.59 -8.93
N ASP A 581 -20.22 -30.88 -9.42
CA ASP A 581 -20.80 -32.20 -9.18
C ASP A 581 -20.07 -33.26 -9.99
N ILE A 582 -19.95 -33.04 -11.29
CA ILE A 582 -19.40 -34.02 -12.22
C ILE A 582 -18.30 -33.34 -13.00
N SER A 583 -17.76 -34.05 -13.97
CA SER A 583 -16.68 -33.50 -14.75
C SER A 583 -16.75 -34.05 -16.16
N PRO A 584 -16.40 -33.26 -17.17
CA PRO A 584 -16.34 -33.79 -18.53
C PRO A 584 -15.25 -34.83 -18.66
N ARG A 585 -15.52 -35.86 -19.45
CA ARG A 585 -14.60 -36.96 -19.58
C ARG A 585 -14.27 -37.30 -21.02
N SER A 586 -14.79 -36.55 -21.98
CA SER A 586 -14.32 -36.62 -23.35
C SER A 586 -13.04 -35.83 -23.50
N LEU A 587 -12.42 -35.95 -24.68
CA LEU A 587 -11.26 -35.12 -24.97
C LEU A 587 -11.67 -33.69 -25.16
N SER A 588 -12.65 -33.46 -26.02
CA SER A 588 -13.08 -32.10 -26.29
C SER A 588 -13.95 -31.55 -25.17
N GLY A 589 -14.47 -32.42 -24.31
CA GLY A 589 -15.15 -31.93 -23.14
C GLY A 589 -14.18 -31.37 -22.12
N ARG A 590 -12.98 -31.94 -22.04
CA ARG A 590 -12.03 -31.46 -21.05
C ARG A 590 -11.28 -30.24 -21.55
N ILE A 591 -11.32 -29.97 -22.85
CA ILE A 591 -10.72 -28.75 -23.35
C ILE A 591 -11.51 -27.55 -22.87
N VAL A 592 -12.82 -27.54 -23.15
CA VAL A 592 -13.68 -26.45 -22.71
C VAL A 592 -13.76 -26.41 -21.19
N GLY A 593 -13.68 -27.56 -20.54
CA GLY A 593 -13.62 -27.56 -19.09
C GLY A 593 -12.28 -27.07 -18.57
N GLY A 594 -11.23 -27.21 -19.38
CA GLY A 594 -9.92 -26.76 -18.93
C GLY A 594 -9.72 -25.27 -19.14
N VAL A 595 -10.19 -24.75 -20.27
CA VAL A 595 -9.99 -23.34 -20.60
C VAL A 595 -10.82 -22.47 -19.69
N TRP A 596 -12.07 -22.88 -19.42
CA TRP A 596 -12.92 -22.13 -18.51
C TRP A 596 -12.38 -22.16 -17.08
N TRP A 597 -11.66 -23.20 -16.72
CA TRP A 597 -10.95 -23.18 -15.46
C TRP A 597 -9.83 -22.15 -15.47
N PHE A 598 -9.13 -22.02 -16.59
CA PHE A 598 -8.06 -21.05 -16.67
C PHE A 598 -8.62 -19.65 -16.80
N PHE A 599 -9.80 -19.52 -17.38
CA PHE A 599 -10.49 -18.24 -17.41
C PHE A 599 -10.82 -17.78 -16.01
N THR A 600 -11.44 -18.65 -15.22
CA THR A 600 -12.00 -18.20 -13.96
C THR A 600 -10.92 -18.04 -12.90
N LEU A 601 -9.72 -18.51 -13.16
CA LEU A 601 -8.66 -18.32 -12.19
C LEU A 601 -8.07 -16.93 -12.34
N ILE A 602 -8.16 -16.34 -13.53
CA ILE A 602 -7.68 -14.99 -13.72
C ILE A 602 -8.70 -14.00 -13.19
N ILE A 603 -9.96 -14.20 -13.56
CA ILE A 603 -11.00 -13.20 -13.35
C ILE A 603 -11.35 -13.08 -11.88
N ILE A 604 -11.55 -14.20 -11.20
CA ILE A 604 -11.87 -14.16 -9.77
C ILE A 604 -10.68 -13.64 -8.99
N SER A 605 -9.46 -13.88 -9.48
CA SER A 605 -8.30 -13.35 -8.78
C SER A 605 -8.09 -11.88 -9.11
N SER A 606 -8.47 -11.47 -10.31
CA SER A 606 -8.40 -10.05 -10.63
C SER A 606 -9.45 -9.28 -9.86
N TYR A 607 -10.53 -9.95 -9.49
CA TYR A 607 -11.50 -9.35 -8.59
C TYR A 607 -10.91 -9.15 -7.20
N THR A 608 -10.33 -10.21 -6.63
CA THR A 608 -9.88 -10.15 -5.24
C THR A 608 -8.60 -9.35 -5.08
N ALA A 609 -7.82 -9.22 -6.15
CA ALA A 609 -6.69 -8.32 -6.07
C ALA A 609 -7.15 -6.87 -6.13
N ASN A 610 -8.13 -6.57 -6.97
CA ASN A 610 -8.56 -5.20 -7.09
C ASN A 610 -9.48 -4.79 -5.95
N LEU A 611 -10.15 -5.75 -5.32
CA LEU A 611 -11.04 -5.38 -4.22
C LEU A 611 -10.23 -5.13 -2.96
N ALA A 612 -9.01 -5.68 -2.91
CA ALA A 612 -8.09 -5.28 -1.85
C ALA A 612 -7.60 -3.86 -2.06
N ALA A 613 -7.61 -3.40 -3.31
CA ALA A 613 -7.17 -2.04 -3.60
C ALA A 613 -8.24 -1.03 -3.21
N PHE A 614 -9.51 -1.35 -3.44
CA PHE A 614 -10.57 -0.45 -2.98
C PHE A 614 -10.75 -0.45 -1.47
N LEU A 615 -10.32 -1.49 -0.78
CA LEU A 615 -10.62 -1.60 0.63
C LEU A 615 -9.55 -1.00 1.55
N THR A 616 -8.66 -0.16 1.03
CA THR A 616 -7.83 0.63 1.92
C THR A 616 -8.20 2.11 1.85
N VAL A 617 -8.18 2.68 0.65
CA VAL A 617 -8.51 4.09 0.41
C VAL A 617 -9.51 4.17 -0.73
N GLU A 618 -10.73 4.62 -0.42
CA GLU A 618 -11.71 5.07 -1.42
C GLU A 618 -12.28 6.40 -0.91
N ARG A 619 -11.58 7.49 -1.22
CA ARG A 619 -11.94 8.81 -0.74
C ARG A 619 -11.30 9.86 -1.64
N MET A 620 -11.29 11.10 -1.16
CA MET A 620 -10.63 12.21 -1.83
C MET A 620 -9.46 12.69 -0.99
N VAL A 621 -8.34 12.97 -1.64
CA VAL A 621 -7.20 13.61 -0.99
C VAL A 621 -7.19 15.09 -1.35
N SER A 622 -6.96 15.94 -0.34
CA SER A 622 -7.10 17.38 -0.51
C SER A 622 -6.00 17.93 -1.42
N PRO A 623 -6.34 18.80 -2.38
CA PRO A 623 -5.34 19.19 -3.40
C PRO A 623 -4.28 20.17 -2.90
N ILE A 624 -4.64 21.09 -2.02
CA ILE A 624 -3.77 22.20 -1.66
C ILE A 624 -3.61 22.37 -0.15
N GLU A 625 -3.74 21.28 0.60
CA GLU A 625 -3.82 21.40 2.06
C GLU A 625 -2.45 21.64 2.68
N SER A 626 -1.38 21.35 1.94
CA SER A 626 -0.04 21.59 2.47
C SER A 626 0.36 23.05 2.46
N ALA A 627 -0.42 23.90 1.77
CA ALA A 627 -0.35 25.37 1.71
C ALA A 627 0.85 25.89 0.93
N GLU A 628 1.77 25.01 0.54
CA GLU A 628 2.81 25.39 -0.39
C GLU A 628 2.41 25.04 -1.81
N ASP A 629 1.59 24.00 -1.97
CA ASP A 629 0.99 23.73 -3.26
C ASP A 629 -0.11 24.73 -3.58
N LEU A 630 -0.68 25.35 -2.55
CA LEU A 630 -1.68 26.39 -2.78
C LEU A 630 -1.02 27.63 -3.36
N SER A 631 0.22 27.91 -2.95
CA SER A 631 0.94 29.03 -3.53
C SER A 631 1.45 28.69 -4.93
N LYS A 632 1.45 27.39 -5.26
CA LYS A 632 2.13 26.93 -6.47
C LYS A 632 1.23 27.04 -7.70
N GLN A 633 -0.02 26.62 -7.58
CA GLN A 633 -0.83 26.31 -8.75
C GLN A 633 -1.35 27.57 -9.43
N THR A 634 -1.29 27.58 -10.76
CA THR A 634 -1.77 28.72 -11.53
C THR A 634 -3.24 28.59 -11.90
N GLU A 635 -3.77 27.36 -11.86
CA GLU A 635 -5.21 27.18 -12.07
C GLU A 635 -5.99 27.70 -10.87
N ILE A 636 -5.58 27.29 -9.67
CA ILE A 636 -6.26 27.67 -8.44
C ILE A 636 -5.75 29.05 -8.04
N ALA A 637 -6.43 30.09 -8.51
CA ALA A 637 -6.14 31.43 -8.05
C ALA A 637 -6.60 31.59 -6.60
N TYR A 638 -5.89 32.43 -5.87
CA TYR A 638 -6.15 32.64 -4.46
C TYR A 638 -6.16 34.12 -4.15
N GLY A 639 -7.14 34.55 -3.36
CA GLY A 639 -7.29 35.95 -3.02
C GLY A 639 -7.77 36.12 -1.60
N THR A 640 -7.93 37.39 -1.22
CA THR A 640 -8.37 37.74 0.12
C THR A 640 -9.03 39.11 0.08
N LEU A 641 -9.37 39.61 1.26
CA LEU A 641 -10.16 40.84 1.34
C LEU A 641 -9.32 42.06 1.00
N ASP A 642 -9.88 42.94 0.17
CA ASP A 642 -9.19 44.18 -0.15
C ASP A 642 -9.22 45.14 1.03
N SER A 643 -8.07 45.83 1.21
CA SER A 643 -7.73 46.59 2.42
C SER A 643 -7.95 45.74 3.68
N GLY A 644 -7.51 44.49 3.60
CA GLY A 644 -7.62 43.56 4.70
C GLY A 644 -6.23 43.25 5.22
N SER A 645 -6.16 42.93 6.52
CA SER A 645 -4.86 42.72 7.15
C SER A 645 -4.22 41.41 6.70
N THR A 646 -5.00 40.51 6.09
CA THR A 646 -4.41 39.37 5.42
C THR A 646 -3.55 39.81 4.25
N LYS A 647 -4.07 40.74 3.44
CA LYS A 647 -3.27 41.37 2.40
C LYS A 647 -2.10 42.14 3.00
N GLU A 648 -2.31 42.75 4.16
CA GLU A 648 -1.24 43.48 4.82
C GLU A 648 -0.22 42.53 5.43
N PHE A 649 -0.60 41.27 5.61
CA PHE A 649 0.38 40.30 6.09
C PHE A 649 1.39 39.96 4.99
N PHE A 650 0.92 39.73 3.78
CA PHE A 650 1.80 39.18 2.75
C PHE A 650 2.61 40.27 2.06
N ARG A 651 2.29 41.54 2.34
CA ARG A 651 3.10 42.60 1.75
C ARG A 651 4.46 42.73 2.44
N ARG A 652 4.63 42.10 3.60
CA ARG A 652 5.92 42.08 4.27
C ARG A 652 6.40 40.67 4.56
N SER A 653 6.32 39.78 3.57
CA SER A 653 6.73 38.40 3.76
C SER A 653 8.24 38.28 3.87
N LYS A 654 8.67 37.33 4.70
CA LYS A 654 10.07 36.95 4.82
C LYS A 654 10.31 35.48 4.61
N ILE A 655 9.26 34.67 4.42
CA ILE A 655 9.36 33.26 4.09
C ILE A 655 9.18 33.10 2.59
N ALA A 656 9.95 32.20 1.99
CA ALA A 656 10.10 32.14 0.54
C ALA A 656 8.81 31.72 -0.17
N VAL A 657 8.08 30.76 0.40
CA VAL A 657 6.77 30.43 -0.16
C VAL A 657 5.79 31.58 0.10
N PHE A 658 5.98 32.31 1.19
CA PHE A 658 5.14 33.48 1.45
C PHE A 658 5.61 34.65 0.60
N ASP A 659 6.88 34.63 0.19
CA ASP A 659 7.37 35.61 -0.77
C ASP A 659 6.74 35.39 -2.13
N LYS A 660 6.42 34.12 -2.46
CA LYS A 660 5.82 33.85 -3.75
C LYS A 660 4.32 34.09 -3.71
N MET A 661 3.71 34.01 -2.52
CA MET A 661 2.27 34.23 -2.42
C MET A 661 1.89 35.66 -2.79
N TRP A 662 2.64 36.64 -2.29
CA TRP A 662 2.34 38.04 -2.57
C TRP A 662 2.52 38.38 -4.03
N THR A 663 3.38 37.63 -4.72
CA THR A 663 3.68 37.95 -6.10
C THR A 663 2.50 37.61 -7.02
N TYR A 664 1.85 36.47 -6.78
CA TYR A 664 0.65 36.17 -7.56
C TYR A 664 -0.55 36.96 -7.05
N MET A 665 -0.52 37.39 -5.78
CA MET A 665 -1.51 38.35 -5.30
C MET A 665 -1.36 39.68 -6.01
N ARG A 666 -0.13 40.11 -6.25
CA ARG A 666 0.12 41.31 -7.03
C ARG A 666 -0.18 41.11 -8.50
N SER A 667 0.19 39.95 -9.05
CA SER A 667 0.13 39.71 -10.49
C SER A 667 -1.02 38.81 -10.90
N ALA A 668 -2.21 38.98 -10.31
CA ALA A 668 -3.39 38.28 -10.76
C ALA A 668 -4.24 39.23 -11.62
N GLU A 669 -4.74 38.72 -12.75
CA GLU A 669 -5.56 39.51 -13.65
C GLU A 669 -6.93 38.84 -13.83
N PRO A 670 -8.03 39.51 -13.47
CA PRO A 670 -8.13 40.79 -12.76
C PRO A 670 -7.88 40.65 -11.27
N SER A 671 -8.37 41.60 -10.47
CA SER A 671 -8.12 41.59 -9.03
C SER A 671 -8.86 40.45 -8.36
N VAL A 672 -8.09 39.54 -7.76
CA VAL A 672 -8.67 38.49 -6.93
C VAL A 672 -9.10 38.99 -5.56
N PHE A 673 -8.82 40.25 -5.23
CA PHE A 673 -9.31 40.82 -4.00
C PHE A 673 -10.78 41.15 -4.10
N VAL A 674 -11.56 40.52 -3.22
CA VAL A 674 -13.01 40.63 -3.27
C VAL A 674 -13.41 41.72 -2.28
N ARG A 675 -14.49 42.43 -2.62
CA ARG A 675 -14.90 43.62 -1.89
C ARG A 675 -15.42 43.30 -0.49
N THR A 676 -16.00 42.13 -0.28
CA THR A 676 -16.33 41.67 1.07
C THR A 676 -15.92 40.22 1.22
N THR A 677 -16.06 39.71 2.44
CA THR A 677 -15.78 38.30 2.67
C THR A 677 -16.91 37.42 2.18
N ALA A 678 -18.16 37.86 2.41
CA ALA A 678 -19.32 37.06 2.03
C ALA A 678 -19.44 36.92 0.52
N GLU A 679 -19.02 37.95 -0.22
CA GLU A 679 -18.97 37.82 -1.67
C GLU A 679 -17.77 36.99 -2.09
N GLY A 680 -16.72 36.99 -1.26
CA GLY A 680 -15.59 36.12 -1.54
C GLY A 680 -15.91 34.65 -1.28
N VAL A 681 -16.80 34.39 -0.32
CA VAL A 681 -17.30 33.04 -0.10
C VAL A 681 -18.04 32.56 -1.33
N ALA A 682 -18.89 33.42 -1.90
CA ALA A 682 -19.74 33.02 -3.02
C ALA A 682 -18.94 32.86 -4.30
N ARG A 683 -17.72 33.38 -4.34
CA ARG A 683 -16.88 33.22 -5.53
C ARG A 683 -16.29 31.82 -5.59
N VAL A 684 -15.90 31.26 -4.44
CA VAL A 684 -15.30 29.93 -4.41
C VAL A 684 -16.35 28.87 -4.66
N ARG A 685 -17.58 29.11 -4.20
CA ARG A 685 -18.69 28.20 -4.48
C ARG A 685 -18.98 28.14 -5.98
N LYS A 686 -18.90 29.27 -6.68
CA LYS A 686 -19.10 29.28 -8.12
C LYS A 686 -17.91 28.67 -8.84
N SER A 687 -16.74 28.67 -8.20
CA SER A 687 -15.52 28.34 -8.92
C SER A 687 -15.36 26.84 -9.10
N LYS A 688 -15.70 26.06 -8.07
CA LYS A 688 -15.55 24.60 -8.03
C LYS A 688 -14.10 24.18 -8.26
N GLY A 689 -13.22 24.63 -7.36
CA GLY A 689 -11.82 24.30 -7.40
C GLY A 689 -10.97 25.29 -8.18
N LYS A 690 -11.60 26.17 -8.96
CA LYS A 690 -10.83 27.10 -9.79
C LYS A 690 -10.27 28.25 -8.98
N TYR A 691 -10.89 28.58 -7.85
CA TYR A 691 -10.49 29.74 -7.08
C TYR A 691 -10.50 29.40 -5.59
N ALA A 692 -9.54 29.96 -4.87
CA ALA A 692 -9.44 29.77 -3.43
C ALA A 692 -9.51 31.13 -2.76
N TYR A 693 -9.93 31.13 -1.51
CA TYR A 693 -10.07 32.36 -0.74
C TYR A 693 -9.30 32.22 0.56
N LEU A 694 -8.72 33.31 1.02
CA LEU A 694 -7.91 33.31 2.21
C LEU A 694 -8.57 34.22 3.24
N LEU A 695 -8.74 33.70 4.45
CA LEU A 695 -9.53 34.40 5.45
C LEU A 695 -9.17 33.87 6.82
N GLU A 696 -9.65 34.57 7.84
CA GLU A 696 -9.27 34.22 9.19
C GLU A 696 -10.01 32.98 9.64
N SER A 697 -9.39 32.24 10.56
CA SER A 697 -9.91 30.94 10.98
C SER A 697 -11.24 31.07 11.70
N THR A 698 -11.35 32.07 12.59
CA THR A 698 -12.65 32.29 13.22
C THR A 698 -13.63 32.89 12.23
N MET A 699 -13.12 33.56 11.20
CA MET A 699 -13.99 33.93 10.10
C MET A 699 -14.27 32.73 9.21
N ASN A 700 -13.36 31.74 9.19
CA ASN A 700 -13.62 30.54 8.40
C ASN A 700 -14.33 29.48 9.22
N GLU A 701 -14.49 29.70 10.52
CA GLU A 701 -15.28 28.77 11.31
C GLU A 701 -16.76 28.91 10.99
N TYR A 702 -17.26 30.14 10.96
CA TYR A 702 -18.68 30.35 10.80
C TYR A 702 -19.14 30.03 9.39
N ILE A 703 -18.22 30.00 8.43
CA ILE A 703 -18.57 29.62 7.07
C ILE A 703 -18.84 28.13 7.00
N GLU A 704 -18.08 27.32 7.75
CA GLU A 704 -18.34 25.89 7.79
C GLU A 704 -19.62 25.57 8.56
N GLN A 705 -19.87 26.29 9.64
CA GLN A 705 -21.01 26.05 10.53
C GLN A 705 -22.31 26.57 9.96
N ARG A 706 -22.41 26.84 8.67
CA ARG A 706 -23.65 27.23 8.03
C ARG A 706 -23.89 26.37 6.79
N LYS A 707 -25.16 26.25 6.42
CA LYS A 707 -25.51 25.56 5.20
C LYS A 707 -25.07 26.41 4.00
N PRO A 708 -24.71 25.78 2.87
CA PRO A 708 -24.77 24.39 2.39
C PRO A 708 -23.69 23.44 2.88
N CYS A 709 -22.98 23.77 3.97
CA CYS A 709 -21.97 22.93 4.61
C CYS A 709 -20.80 22.53 3.72
N ASP A 710 -20.68 23.12 2.55
CA ASP A 710 -19.65 22.74 1.59
C ASP A 710 -18.43 23.65 1.65
N THR A 711 -18.05 24.10 2.84
CA THR A 711 -16.81 24.87 3.02
C THR A 711 -16.06 24.26 4.18
N MET A 712 -14.76 24.03 3.98
CA MET A 712 -13.96 23.41 5.02
C MET A 712 -12.54 23.95 4.98
N LYS A 713 -11.89 23.94 6.14
CA LYS A 713 -10.59 24.57 6.32
C LYS A 713 -9.49 23.52 6.24
N VAL A 714 -8.48 23.77 5.41
CA VAL A 714 -7.35 22.87 5.24
C VAL A 714 -6.15 23.44 5.95
N GLY A 715 -5.25 22.56 6.38
CA GLY A 715 -4.05 22.97 7.07
C GLY A 715 -4.34 23.52 8.46
N GLY A 716 -3.28 23.96 9.10
CA GLY A 716 -3.45 24.79 10.27
C GLY A 716 -3.56 26.25 9.88
N ASN A 717 -3.45 27.11 10.87
CA ASN A 717 -3.39 28.54 10.59
C ASN A 717 -2.04 28.86 9.99
N LEU A 718 -1.99 29.86 9.12
CA LEU A 718 -0.71 30.22 8.55
C LEU A 718 0.13 31.02 9.53
N ASP A 719 -0.51 31.78 10.40
CA ASP A 719 0.17 32.56 11.43
C ASP A 719 -0.66 32.53 12.71
N SER A 720 -0.43 33.50 13.58
CA SER A 720 -1.25 33.70 14.76
C SER A 720 -1.39 35.20 15.03
N LYS A 721 -2.37 35.83 14.39
CA LYS A 721 -2.71 37.19 14.76
C LYS A 721 -3.92 37.19 15.68
N GLY A 722 -4.38 38.39 16.03
CA GLY A 722 -5.46 38.51 16.99
C GLY A 722 -6.31 39.74 16.72
N TYR A 723 -7.48 39.74 17.34
CA TYR A 723 -8.43 40.85 17.27
C TYR A 723 -8.34 41.63 18.56
N GLY A 724 -8.84 42.86 18.57
CA GLY A 724 -8.72 43.70 19.75
C GLY A 724 -9.87 44.69 19.87
N ILE A 725 -10.18 45.04 21.12
CA ILE A 725 -10.99 46.22 21.38
C ILE A 725 -10.12 47.46 21.24
N ALA A 726 -10.52 48.36 20.35
CA ALA A 726 -9.72 49.51 19.99
C ALA A 726 -10.25 50.77 20.63
N THR A 727 -9.32 51.63 21.05
CA THR A 727 -9.56 52.93 21.66
C THR A 727 -8.59 53.91 21.02
N PRO A 728 -8.86 55.22 21.11
CA PRO A 728 -7.88 56.19 20.65
C PRO A 728 -6.70 56.27 21.60
N LYS A 729 -5.63 56.90 21.11
CA LYS A 729 -4.46 57.09 21.94
C LYS A 729 -4.78 58.10 23.04
N GLY A 730 -4.43 57.75 24.27
CA GLY A 730 -4.72 58.62 25.38
C GLY A 730 -6.18 58.71 25.73
N SER A 731 -6.99 57.76 25.26
CA SER A 731 -8.38 57.73 25.66
C SER A 731 -8.46 57.23 27.10
N SER A 732 -9.07 58.05 27.97
CA SER A 732 -8.99 57.78 29.41
C SER A 732 -9.84 56.57 29.80
N LEU A 733 -10.82 56.23 28.97
CA LEU A 733 -11.65 55.07 29.26
C LEU A 733 -10.93 53.76 28.99
N GLY A 734 -9.86 53.79 28.18
CA GLY A 734 -9.33 52.56 27.62
C GLY A 734 -8.62 51.68 28.62
N THR A 735 -8.19 52.26 29.75
CA THR A 735 -7.48 51.44 30.73
C THR A 735 -8.44 50.63 31.60
N PRO A 736 -9.57 51.15 32.10
CA PRO A 736 -10.55 50.21 32.68
C PRO A 736 -11.19 49.30 31.66
N VAL A 737 -11.24 49.74 30.40
CA VAL A 737 -11.53 48.84 29.30
C VAL A 737 -10.50 47.72 29.23
N ASN A 738 -9.23 48.07 29.41
CA ASN A 738 -8.16 47.07 29.34
C ASN A 738 -8.21 46.16 30.56
N LEU A 739 -8.53 46.70 31.73
CA LEU A 739 -8.71 45.85 32.91
C LEU A 739 -9.97 45.01 32.82
N ALA A 740 -10.93 45.42 31.97
CA ALA A 740 -12.14 44.64 31.82
C ALA A 740 -11.87 43.34 31.07
N VAL A 741 -10.98 43.38 30.06
CA VAL A 741 -10.80 42.25 29.17
C VAL A 741 -10.08 41.12 29.90
N LEU A 742 -9.13 41.45 30.77
CA LEU A 742 -8.49 40.42 31.58
C LEU A 742 -9.46 39.86 32.62
N LYS A 743 -10.43 40.67 33.04
CA LYS A 743 -11.47 40.14 33.92
C LYS A 743 -12.38 39.20 33.15
N LEU A 744 -12.78 39.60 31.95
CA LEU A 744 -13.68 38.78 31.15
C LEU A 744 -13.01 37.51 30.66
N SER A 745 -11.69 37.55 30.48
CA SER A 745 -11.01 36.38 29.94
C SER A 745 -10.83 35.31 31.00
N GLU A 746 -10.57 35.72 32.24
CA GLU A 746 -10.32 34.75 33.30
C GLU A 746 -11.63 34.18 33.84
N GLN A 747 -12.71 34.96 33.77
CA GLN A 747 -13.98 34.49 34.33
C GLN A 747 -14.71 33.53 33.40
N GLY A 748 -14.06 33.06 32.34
CA GLY A 748 -14.67 32.17 31.37
C GLY A 748 -15.71 32.82 30.49
N VAL A 749 -15.88 34.13 30.60
CA VAL A 749 -16.93 34.84 29.89
C VAL A 749 -16.67 34.79 28.39
N LEU A 750 -15.42 35.06 27.98
CA LEU A 750 -15.11 35.17 26.56
C LEU A 750 -15.19 33.82 25.87
N ASP A 751 -14.77 32.75 26.56
CA ASP A 751 -14.88 31.42 25.96
C ASP A 751 -16.33 30.98 25.87
N LYS A 752 -17.13 31.32 26.88
CA LYS A 752 -18.56 31.06 26.84
C LYS A 752 -19.22 31.83 25.70
N LEU A 753 -18.75 33.06 25.47
CA LEU A 753 -19.22 33.80 24.31
C LEU A 753 -18.62 33.23 23.03
N LYS A 754 -17.42 32.66 23.12
CA LYS A 754 -16.86 31.98 21.95
C LYS A 754 -17.52 30.63 21.73
N ASN A 755 -18.00 30.02 22.80
CA ASN A 755 -18.84 28.83 22.67
C ASN A 755 -20.11 29.17 21.90
N LYS A 756 -20.91 30.08 22.46
CA LYS A 756 -22.35 30.16 22.21
C LYS A 756 -22.65 30.46 20.75
N TRP A 757 -22.04 31.49 20.21
CA TRP A 757 -22.27 31.86 18.82
C TRP A 757 -21.74 30.81 17.85
N TRP A 758 -20.69 30.09 18.24
CA TRP A 758 -20.01 29.24 17.27
C TRP A 758 -20.40 27.77 17.41
N TYR A 759 -21.28 27.42 18.35
CA TYR A 759 -21.80 26.05 18.29
C TYR A 759 -23.30 26.01 18.04
N ASP A 760 -24.09 26.92 18.65
CA ASP A 760 -25.54 26.73 18.67
C ASP A 760 -26.15 26.90 17.29
N LYS A 761 -25.51 27.69 16.44
CA LYS A 761 -25.79 27.72 15.03
C LYS A 761 -25.07 26.63 14.28
N GLY A 762 -24.63 25.55 14.93
CA GLY A 762 -24.20 24.35 14.24
C GLY A 762 -25.38 23.58 13.68
N GLU A 763 -26.06 24.20 12.72
CA GLU A 763 -27.03 23.52 11.89
C GLU A 763 -26.38 22.35 11.18
N CYS A 764 -25.15 22.57 10.69
CA CYS A 764 -24.37 21.48 10.13
C CYS A 764 -24.00 20.48 11.21
N GLY A 765 -23.45 20.99 12.33
CA GLY A 765 -23.28 20.31 13.60
C GLY A 765 -22.60 18.95 13.59
N ALA A 766 -21.82 18.70 12.54
CA ALA A 766 -21.36 17.35 12.26
C ALA A 766 -20.26 16.93 13.23
N LYS A 767 -19.21 17.77 13.35
CA LYS A 767 -17.98 17.48 14.10
C LYS A 767 -17.35 16.17 13.62
N ASP A 768 -17.38 15.96 12.29
CA ASP A 768 -16.85 14.76 11.66
C ASP A 768 -15.35 14.94 11.46
N SER A 769 -14.60 14.63 12.52
CA SER A 769 -13.14 14.65 12.43
C SER A 769 -12.63 13.54 11.53
N GLY A 770 -13.31 12.39 11.54
CA GLY A 770 -13.02 11.31 10.63
C GLY A 770 -12.28 10.15 11.29
N SER A 771 -12.72 8.94 10.96
CA SER A 771 -11.99 7.73 11.32
C SER A 771 -10.88 7.57 10.29
N LYS A 772 -9.72 8.15 10.59
CA LYS A 772 -8.66 8.34 9.60
C LYS A 772 -8.00 7.03 9.22
N GLU A 773 -7.96 6.07 10.16
CA GLU A 773 -7.23 4.82 10.00
C GLU A 773 -7.73 3.98 8.82
N LYS A 774 -6.80 3.58 7.95
CA LYS A 774 -7.09 2.72 6.81
C LYS A 774 -7.26 1.27 7.21
N THR A 775 -7.02 0.94 8.48
CA THR A 775 -7.34 -0.37 9.03
C THR A 775 -8.70 -0.23 9.71
N SER A 776 -9.73 -0.11 8.89
CA SER A 776 -11.10 0.04 9.35
C SER A 776 -11.96 -1.04 8.72
N ALA A 777 -12.87 -1.59 9.52
CA ALA A 777 -13.65 -2.76 9.12
C ALA A 777 -14.68 -2.40 8.07
N LEU A 778 -15.18 -3.44 7.41
CA LEU A 778 -16.36 -3.28 6.57
C LEU A 778 -17.56 -2.98 7.44
N SER A 779 -18.45 -2.17 6.91
CA SER A 779 -19.73 -1.91 7.55
C SER A 779 -20.81 -2.63 6.77
N LEU A 780 -21.94 -2.86 7.45
CA LEU A 780 -23.07 -3.51 6.80
C LEU A 780 -23.64 -2.65 5.69
N SER A 781 -23.50 -1.34 5.80
CA SER A 781 -23.89 -0.45 4.72
C SER A 781 -22.99 -0.63 3.49
N ASN A 782 -21.77 -1.07 3.70
CA ASN A 782 -20.89 -1.26 2.55
C ASN A 782 -21.21 -2.55 1.80
N VAL A 783 -21.64 -3.60 2.48
CA VAL A 783 -21.85 -4.89 1.84
C VAL A 783 -23.33 -5.22 2.04
N ALA A 784 -24.19 -4.21 1.95
CA ALA A 784 -25.61 -4.50 2.04
C ALA A 784 -26.14 -5.16 0.79
N GLY A 785 -25.40 -5.11 -0.31
CA GLY A 785 -25.98 -5.43 -1.60
C GLY A 785 -26.22 -6.92 -1.78
N VAL A 786 -25.28 -7.74 -1.32
CA VAL A 786 -25.38 -9.17 -1.59
C VAL A 786 -26.47 -9.81 -0.75
N PHE A 787 -26.82 -9.19 0.38
CA PHE A 787 -27.95 -9.68 1.16
C PHE A 787 -29.26 -9.41 0.43
N TYR A 788 -29.32 -8.31 -0.32
CA TYR A 788 -30.50 -8.03 -1.12
C TYR A 788 -30.61 -9.01 -2.27
N ILE A 789 -29.47 -9.37 -2.86
CA ILE A 789 -29.48 -10.31 -3.97
C ILE A 789 -29.81 -11.71 -3.48
N LEU A 790 -29.30 -12.07 -2.29
CA LEU A 790 -29.56 -13.40 -1.75
C LEU A 790 -31.03 -13.59 -1.40
N VAL A 791 -31.59 -12.68 -0.61
CA VAL A 791 -32.99 -12.81 -0.24
C VAL A 791 -33.88 -12.58 -1.44
N GLY A 792 -33.43 -11.70 -2.35
CA GLY A 792 -34.10 -11.58 -3.63
C GLY A 792 -33.95 -12.83 -4.47
N GLY A 793 -32.83 -13.54 -4.31
CA GLY A 793 -32.66 -14.78 -5.03
C GLY A 793 -33.55 -15.89 -4.50
N LEU A 794 -33.68 -15.98 -3.18
CA LEU A 794 -34.53 -17.02 -2.58
C LEU A 794 -35.99 -16.77 -2.89
N GLY A 795 -36.35 -15.52 -3.16
CA GLY A 795 -37.70 -15.22 -3.56
C GLY A 795 -38.04 -15.81 -4.91
N LEU A 796 -37.07 -15.87 -5.82
CA LEU A 796 -37.34 -16.50 -7.10
C LEU A 796 -37.37 -18.02 -6.97
N ALA A 797 -36.50 -18.58 -6.13
CA ALA A 797 -36.41 -20.04 -6.05
C ALA A 797 -37.59 -20.64 -5.32
N MET A 798 -38.13 -19.94 -4.32
CA MET A 798 -39.35 -20.40 -3.70
C MET A 798 -40.54 -20.21 -4.64
N LEU A 799 -40.44 -19.22 -5.52
CA LEU A 799 -41.51 -19.01 -6.49
C LEU A 799 -41.53 -20.13 -7.52
N VAL A 800 -40.38 -20.46 -8.08
CA VAL A 800 -40.34 -21.43 -9.18
C VAL A 800 -40.58 -22.84 -8.65
N ALA A 801 -40.26 -23.07 -7.38
CA ALA A 801 -40.56 -24.36 -6.76
C ALA A 801 -42.06 -24.59 -6.67
N LEU A 802 -42.83 -23.53 -6.54
CA LEU A 802 -44.28 -23.67 -6.46
C LEU A 802 -44.90 -23.72 -7.85
N ILE A 803 -44.30 -23.02 -8.80
CA ILE A 803 -44.80 -23.03 -10.17
C ILE A 803 -44.64 -24.41 -10.78
N GLU A 804 -43.49 -25.05 -10.56
CA GLU A 804 -43.30 -26.41 -11.02
C GLU A 804 -44.18 -27.38 -10.24
N PHE A 805 -44.54 -27.02 -9.00
CA PHE A 805 -45.44 -27.86 -8.24
C PHE A 805 -46.85 -27.83 -8.81
N CYS A 806 -47.30 -26.67 -9.27
CA CYS A 806 -48.62 -26.60 -9.89
C CYS A 806 -48.58 -27.16 -11.31
N TYR A 807 -47.41 -27.14 -11.94
CA TYR A 807 -47.29 -27.67 -13.29
C TYR A 807 -47.38 -29.18 -13.30
N LYS A 808 -46.83 -29.84 -12.29
CA LYS A 808 -46.93 -31.29 -12.22
C LYS A 808 -48.35 -31.71 -11.82
N SER A 809 -49.10 -30.81 -11.20
CA SER A 809 -50.50 -31.08 -10.88
C SER A 809 -51.34 -31.20 -12.15
N ARG A 810 -51.11 -30.32 -13.12
CA ARG A 810 -51.80 -30.42 -14.40
C ARG A 810 -51.38 -31.67 -15.15
N ALA A 811 -50.12 -32.09 -14.97
CA ALA A 811 -49.63 -33.31 -15.60
C ALA A 811 -50.29 -34.54 -15.00
N GLU A 812 -50.73 -34.45 -13.74
CA GLU A 812 -51.43 -35.57 -13.11
C GLU A 812 -52.85 -35.70 -13.67
N ALA A 813 -53.51 -34.57 -13.93
CA ALA A 813 -54.86 -34.60 -14.48
C ALA A 813 -54.80 -34.63 -16.00
N LEU A 821 -45.32 -32.40 -21.71
CA LEU A 821 -44.24 -31.46 -21.40
C LEU A 821 -44.12 -30.46 -22.55
N PHE A 822 -43.42 -30.87 -23.61
CA PHE A 822 -43.17 -30.03 -24.78
C PHE A 822 -43.21 -30.89 -26.03
N ASP A 823 -44.20 -30.63 -26.88
CA ASP A 823 -44.41 -31.49 -28.04
C ASP A 823 -43.35 -31.24 -29.10
N ARG A 824 -43.11 -32.26 -29.92
CA ARG A 824 -42.12 -32.27 -30.98
C ARG A 824 -42.60 -31.43 -32.16
N GLY A 825 -41.66 -30.95 -32.95
CA GLY A 825 -41.98 -30.33 -34.23
C GLY A 825 -42.13 -28.85 -34.18
N VAL A 826 -42.70 -28.33 -33.09
CA VAL A 826 -42.71 -26.90 -32.86
C VAL A 826 -41.32 -26.40 -32.54
N GLN A 827 -40.44 -27.28 -32.03
CA GLN A 827 -39.06 -26.90 -31.81
C GLN A 827 -38.29 -26.84 -33.13
N MET A 828 -38.85 -27.39 -34.20
CA MET A 828 -38.36 -27.06 -35.53
C MET A 828 -38.94 -25.72 -35.98
N LEU A 829 -40.21 -25.49 -35.65
CA LEU A 829 -40.86 -24.23 -35.99
C LEU A 829 -40.23 -23.07 -35.22
N LEU A 830 -39.82 -23.33 -33.97
CA LEU A 830 -39.22 -22.27 -33.17
C LEU A 830 -37.81 -21.96 -33.65
N THR A 831 -37.12 -22.98 -34.17
CA THR A 831 -35.76 -22.77 -34.68
C THR A 831 -35.77 -21.94 -35.94
N THR A 832 -36.64 -22.28 -36.89
CA THR A 832 -36.72 -21.56 -38.14
C THR A 832 -37.23 -20.13 -37.95
N VAL A 833 -38.03 -19.92 -36.90
CA VAL A 833 -38.34 -18.55 -36.48
C VAL A 833 -37.09 -17.88 -35.91
N GLY A 834 -36.40 -18.55 -34.99
CA GLY A 834 -35.31 -17.92 -34.28
C GLY A 834 -34.11 -17.64 -35.15
N ALA A 835 -33.88 -18.46 -36.18
CA ALA A 835 -32.81 -18.20 -37.13
C ALA A 835 -33.08 -16.92 -37.90
N PHE A 836 -34.32 -16.71 -38.30
CA PHE A 836 -34.71 -15.47 -38.94
C PHE A 836 -34.65 -14.32 -37.96
N ALA A 837 -34.97 -14.58 -36.69
CA ALA A 837 -34.96 -13.54 -35.68
C ALA A 837 -33.55 -13.18 -35.27
N ALA A 838 -32.63 -14.15 -35.32
CA ALA A 838 -31.24 -13.83 -35.02
C ALA A 838 -30.58 -13.11 -36.20
N PHE A 839 -30.94 -13.50 -37.42
CA PHE A 839 -30.33 -12.91 -38.60
C PHE A 839 -30.75 -11.46 -38.78
N SER A 840 -31.89 -11.10 -38.22
CA SER A 840 -32.34 -9.72 -38.29
C SER A 840 -31.48 -8.82 -37.43
N LEU A 841 -31.24 -9.22 -36.18
CA LEU A 841 -30.67 -8.31 -35.20
C LEU A 841 -29.19 -8.03 -35.45
N MET A 842 -28.52 -8.86 -36.25
CA MET A 842 -27.18 -8.47 -36.68
C MET A 842 -27.23 -7.46 -37.80
N THR A 843 -27.97 -7.77 -38.87
CA THR A 843 -27.99 -6.94 -40.07
C THR A 843 -28.64 -5.59 -39.81
N ILE A 844 -29.53 -5.54 -38.81
CA ILE A 844 -29.93 -4.24 -38.30
C ILE A 844 -28.75 -3.54 -37.64
N ALA A 845 -28.04 -4.25 -36.75
CA ALA A 845 -27.05 -3.60 -35.90
C ALA A 845 -25.82 -3.17 -36.67
N VAL A 846 -25.54 -3.84 -37.78
CA VAL A 846 -24.46 -3.36 -38.63
C VAL A 846 -24.89 -2.10 -39.36
N GLY A 847 -26.12 -2.08 -39.84
CA GLY A 847 -26.61 -0.95 -40.62
C GLY A 847 -27.31 0.13 -39.83
N THR A 848 -27.08 0.18 -38.52
CA THR A 848 -27.54 1.30 -37.72
C THR A 848 -26.37 1.83 -36.91
N ASP A 849 -26.52 3.06 -36.43
CA ASP A 849 -25.35 3.81 -36.00
C ASP A 849 -25.56 4.51 -34.67
N TYR A 850 -26.50 4.06 -33.85
CA TYR A 850 -26.50 4.50 -32.46
C TYR A 850 -25.77 3.49 -31.57
N TRP A 851 -24.50 3.23 -31.87
CA TRP A 851 -23.69 2.28 -31.12
C TRP A 851 -23.12 2.89 -29.87
N LEU A 852 -22.62 4.12 -29.95
CA LEU A 852 -21.89 4.72 -28.85
C LEU A 852 -22.36 6.16 -28.64
N TYR A 853 -22.60 6.54 -27.38
CA TYR A 853 -23.02 7.90 -27.05
C TYR A 853 -21.87 8.61 -26.35
N SER A 854 -20.99 9.21 -27.14
CA SER A 854 -19.84 9.93 -26.61
C SER A 854 -19.83 11.32 -27.23
N ARG A 855 -18.76 12.06 -26.99
CA ARG A 855 -18.63 13.43 -27.45
C ARG A 855 -17.41 13.55 -28.34
N GLY A 856 -17.63 14.02 -29.57
CA GLY A 856 -16.55 14.07 -30.55
C GLY A 856 -16.93 14.87 -31.77
N VAL A 857 -15.97 15.00 -32.67
CA VAL A 857 -16.09 15.93 -33.79
C VAL A 857 -16.91 15.32 -34.93
N CYS A 858 -18.00 15.98 -35.28
CA CYS A 858 -18.85 15.56 -36.37
C CYS A 858 -18.39 16.13 -37.72
N LYS A 859 -17.72 17.27 -37.72
CA LYS A 859 -17.10 17.82 -38.91
C LYS A 859 -15.60 17.94 -38.69
N THR A 860 -14.83 17.69 -39.75
CA THR A 860 -13.39 17.93 -39.75
C THR A 860 -12.92 18.14 -41.18
N VAL A 875 -20.84 18.13 -27.66
CA VAL A 875 -20.71 17.80 -29.07
C VAL A 875 -20.95 16.28 -29.15
N MET A 876 -22.14 15.85 -28.74
CA MET A 876 -22.40 14.44 -28.57
C MET A 876 -22.46 13.72 -29.91
N THR A 877 -22.12 12.45 -29.91
CA THR A 877 -21.99 11.68 -31.14
C THR A 877 -23.04 10.59 -31.21
N HIS A 878 -23.73 10.53 -32.34
CA HIS A 878 -24.54 9.39 -32.75
C HIS A 878 -23.60 8.37 -33.39
N SER A 879 -22.70 7.84 -32.56
CA SER A 879 -21.57 7.12 -33.10
C SER A 879 -21.91 5.67 -33.35
N GLY A 880 -21.33 5.12 -34.42
CA GLY A 880 -21.73 3.82 -34.90
C GLY A 880 -20.54 2.93 -35.20
N LEU A 881 -20.83 1.79 -35.84
CA LEU A 881 -19.78 0.85 -36.15
C LEU A 881 -19.08 1.20 -37.45
N TRP A 882 -19.80 1.86 -38.37
CA TRP A 882 -19.17 2.33 -39.60
C TRP A 882 -19.08 3.84 -39.68
N ARG A 883 -20.17 4.52 -39.34
CA ARG A 883 -20.28 5.94 -39.59
C ARG A 883 -20.63 6.64 -38.29
N THR A 884 -19.66 7.37 -37.75
CA THR A 884 -19.89 8.20 -36.59
C THR A 884 -20.75 9.40 -36.98
N CYS A 885 -21.87 9.54 -36.31
CA CYS A 885 -22.78 10.64 -36.61
C CYS A 885 -22.89 11.50 -35.35
N CYS A 886 -23.75 12.52 -35.38
CA CYS A 886 -23.74 13.53 -34.32
C CYS A 886 -25.15 13.98 -33.97
N LEU A 887 -25.35 14.21 -32.68
CA LEU A 887 -26.59 14.75 -32.13
C LEU A 887 -26.24 15.82 -31.12
N GLU A 888 -27.25 16.65 -30.80
CA GLU A 888 -27.12 17.81 -29.89
C GLU A 888 -25.98 18.72 -30.33
N GLY A 889 -26.15 19.36 -31.48
CA GLY A 889 -25.22 20.36 -31.93
C GLY A 889 -25.97 21.43 -32.71
N ASN A 890 -25.23 22.46 -33.09
CA ASN A 890 -25.77 23.45 -34.02
C ASN A 890 -26.08 22.82 -35.38
N PHE A 891 -25.13 22.05 -35.92
CA PHE A 891 -25.39 21.22 -37.09
C PHE A 891 -25.67 19.79 -36.63
N LYS A 892 -26.62 19.14 -37.28
CA LYS A 892 -27.19 17.89 -36.80
C LYS A 892 -27.71 17.08 -37.97
N GLY A 893 -27.44 15.78 -37.93
CA GLY A 893 -27.90 14.89 -38.99
C GLY A 893 -26.86 14.53 -40.02
N LEU A 894 -25.63 15.02 -39.86
CA LEU A 894 -24.54 14.71 -40.76
C LEU A 894 -23.75 13.55 -40.17
N CYS A 895 -23.58 12.49 -40.95
CA CYS A 895 -22.86 11.32 -40.49
C CYS A 895 -21.62 11.15 -41.36
N LYS A 896 -20.46 11.08 -40.74
CA LYS A 896 -19.20 11.03 -41.46
C LYS A 896 -18.58 9.64 -41.31
N GLN A 897 -17.65 9.34 -42.19
CA GLN A 897 -16.98 8.04 -42.13
C GLN A 897 -16.03 8.00 -40.95
N ILE A 898 -16.04 6.89 -40.22
CA ILE A 898 -15.13 6.74 -39.09
C ILE A 898 -13.72 6.55 -39.63
N ASP A 899 -12.72 6.75 -38.77
CA ASP A 899 -11.34 6.64 -39.22
C ASP A 899 -10.46 6.16 -38.09
N HIS A 900 -9.90 4.95 -38.25
CA HIS A 900 -8.68 4.60 -37.54
C HIS A 900 -7.57 5.53 -38.04
N PHE A 901 -6.86 6.16 -37.11
CA PHE A 901 -6.04 7.28 -37.51
C PHE A 901 -4.58 6.91 -37.54
N PRO A 902 -3.90 7.07 -38.68
CA PRO A 902 -2.43 7.00 -38.70
C PRO A 902 -1.76 8.35 -38.50
N GLU A 903 -2.51 9.45 -38.63
CA GLU A 903 -1.98 10.79 -38.43
C GLU A 903 -1.94 11.10 -36.94
N ASP A 904 -0.74 11.36 -36.42
CA ASP A 904 -0.46 11.44 -34.98
C ASP A 904 -0.96 10.19 -34.27
N ALA A 905 -0.39 9.05 -34.67
CA ALA A 905 -0.96 7.75 -34.35
C ALA A 905 -0.54 7.28 -32.96
N ASP A 906 0.76 7.35 -32.67
CA ASP A 906 1.41 6.88 -31.44
C ASP A 906 1.26 5.38 -31.20
N TYR A 907 0.97 4.59 -32.23
CA TYR A 907 0.95 3.14 -32.12
C TYR A 907 1.77 2.46 -33.20
N GLU A 908 2.64 3.20 -33.89
CA GLU A 908 3.48 2.63 -34.94
C GLU A 908 4.42 1.57 -34.37
N ALA A 909 4.59 0.49 -35.14
CA ALA A 909 5.38 -0.70 -34.77
C ALA A 909 4.90 -1.33 -33.47
N ASP A 910 3.59 -1.32 -33.21
CA ASP A 910 3.00 -2.12 -32.16
C ASP A 910 2.55 -3.44 -32.78
N THR A 911 2.92 -4.56 -32.17
CA THR A 911 2.40 -5.84 -32.62
C THR A 911 0.94 -5.98 -32.20
N ALA A 912 0.60 -5.51 -31.00
CA ALA A 912 -0.72 -5.79 -30.46
C ALA A 912 -1.76 -4.81 -30.99
N GLU A 913 -1.36 -3.58 -31.27
CA GLU A 913 -2.34 -2.60 -31.72
C GLU A 913 -2.64 -2.75 -33.21
N TYR A 914 -1.63 -3.14 -34.00
CA TYR A 914 -1.83 -3.25 -35.44
C TYR A 914 -2.77 -4.40 -35.78
N PHE A 915 -2.86 -5.39 -34.91
CA PHE A 915 -3.92 -6.38 -35.03
C PHE A 915 -5.26 -5.76 -34.66
N LEU A 916 -5.29 -4.91 -33.63
CA LEU A 916 -6.55 -4.36 -33.15
C LEU A 916 -7.08 -3.26 -34.06
N ARG A 917 -6.20 -2.57 -34.79
CA ARG A 917 -6.69 -1.58 -35.74
C ARG A 917 -7.38 -2.24 -36.91
N ALA A 918 -6.81 -3.35 -37.39
CA ALA A 918 -7.34 -4.01 -38.58
C ALA A 918 -8.68 -4.66 -38.30
N VAL A 919 -8.80 -5.30 -37.14
CA VAL A 919 -10.03 -6.03 -36.83
C VAL A 919 -11.16 -5.07 -36.48
N ARG A 920 -10.85 -3.96 -35.82
CA ARG A 920 -11.90 -3.03 -35.45
C ARG A 920 -12.48 -2.33 -36.66
N ALA A 921 -11.68 -1.53 -37.36
CA ALA A 921 -12.19 -0.64 -38.40
C ALA A 921 -12.57 -1.40 -39.66
N SER A 922 -12.00 -2.57 -39.87
CA SER A 922 -12.52 -3.49 -40.86
C SER A 922 -13.13 -4.61 -40.03
N SER A 923 -14.37 -4.38 -39.61
CA SER A 923 -15.05 -5.24 -38.64
C SER A 923 -15.41 -6.58 -39.26
N ILE A 924 -14.42 -7.48 -39.32
CA ILE A 924 -14.66 -8.78 -39.93
C ILE A 924 -15.55 -9.64 -39.05
N PHE A 925 -15.42 -9.52 -37.73
CA PHE A 925 -16.13 -10.42 -36.83
C PHE A 925 -17.64 -10.19 -36.78
N PRO A 926 -18.16 -8.96 -36.76
CA PRO A 926 -19.61 -8.84 -36.96
C PRO A 926 -20.06 -9.10 -38.38
N ILE A 927 -19.16 -8.99 -39.36
CA ILE A 927 -19.50 -9.44 -40.71
C ILE A 927 -19.53 -10.96 -40.76
N LEU A 928 -18.55 -11.61 -40.12
CA LEU A 928 -18.55 -13.06 -40.00
C LEU A 928 -19.76 -13.55 -39.23
N SER A 929 -20.20 -12.79 -38.23
CA SER A 929 -21.35 -13.19 -37.43
C SER A 929 -22.65 -13.02 -38.21
N VAL A 930 -22.62 -12.32 -39.33
CA VAL A 930 -23.79 -12.28 -40.21
C VAL A 930 -23.79 -13.48 -41.13
N ILE A 931 -22.66 -13.75 -41.79
CA ILE A 931 -22.61 -14.75 -42.85
C ILE A 931 -22.78 -16.15 -42.29
N LEU A 932 -22.14 -16.43 -41.15
CA LEU A 932 -22.31 -17.73 -40.52
C LEU A 932 -23.71 -17.91 -39.97
N LEU A 933 -24.30 -16.84 -39.47
CA LEU A 933 -25.69 -16.91 -39.06
C LEU A 933 -26.60 -17.04 -40.27
N PHE A 934 -26.18 -16.50 -41.40
CA PHE A 934 -26.93 -16.68 -42.64
C PHE A 934 -26.75 -18.08 -43.18
N MET A 935 -25.55 -18.64 -43.05
CA MET A 935 -25.29 -19.97 -43.58
C MET A 935 -25.99 -21.02 -42.73
N GLY A 936 -26.12 -20.77 -41.43
CA GLY A 936 -26.94 -21.64 -40.61
C GLY A 936 -28.42 -21.50 -40.91
N GLY A 937 -28.81 -20.35 -41.44
CA GLY A 937 -30.19 -20.17 -41.84
C GLY A 937 -30.55 -20.97 -43.08
N LEU A 938 -29.58 -21.16 -43.98
CA LEU A 938 -29.88 -21.88 -45.21
C LEU A 938 -29.94 -23.38 -44.97
N CYS A 939 -29.12 -23.88 -44.04
CA CYS A 939 -29.16 -25.30 -43.74
C CYS A 939 -30.41 -25.67 -42.95
N ILE A 940 -30.96 -24.70 -42.20
CA ILE A 940 -32.18 -24.96 -41.45
C ILE A 940 -33.40 -24.65 -42.31
N ALA A 941 -33.20 -23.90 -43.39
CA ALA A 941 -34.26 -23.76 -44.39
C ALA A 941 -34.33 -25.02 -45.26
N ALA A 942 -33.19 -25.67 -45.46
CA ALA A 942 -33.12 -26.88 -46.28
C ALA A 942 -33.50 -28.13 -45.51
N SER A 943 -34.19 -28.02 -44.39
CA SER A 943 -34.72 -29.21 -43.76
C SER A 943 -36.14 -29.51 -44.21
N GLU A 944 -36.81 -28.51 -44.79
CA GLU A 944 -38.11 -28.78 -45.40
C GLU A 944 -37.97 -29.62 -46.65
N PHE A 945 -37.19 -29.14 -47.61
CA PHE A 945 -36.95 -29.86 -48.84
C PHE A 945 -35.53 -30.40 -48.85
N TYR A 946 -35.37 -31.61 -49.41
CA TYR A 946 -34.17 -32.45 -49.31
C TYR A 946 -33.85 -32.81 -47.86
N LYS A 947 -34.85 -33.31 -47.13
CA LYS A 947 -34.63 -33.81 -45.78
C LYS A 947 -34.18 -35.26 -45.84
N THR A 948 -34.20 -35.93 -44.68
CA THR A 948 -33.81 -37.31 -44.33
C THR A 948 -32.28 -37.44 -44.39
N ARG A 949 -31.57 -36.34 -44.64
CA ARG A 949 -30.11 -36.37 -44.63
C ARG A 949 -29.60 -36.53 -43.21
N HIS A 950 -30.31 -35.93 -42.24
CA HIS A 950 -30.15 -36.20 -40.80
C HIS A 950 -28.76 -35.79 -40.30
N ASN A 951 -28.16 -34.83 -40.98
CA ASN A 951 -26.83 -34.32 -40.63
C ASN A 951 -26.90 -32.83 -40.81
N ILE A 952 -27.98 -32.37 -41.43
CA ILE A 952 -27.98 -31.03 -42.00
C ILE A 952 -28.30 -30.00 -40.93
N ILE A 953 -28.88 -30.42 -39.80
CA ILE A 953 -29.21 -29.46 -38.76
C ILE A 953 -28.08 -29.38 -37.75
N LEU A 954 -27.28 -30.44 -37.62
CA LEU A 954 -26.00 -30.32 -36.95
C LEU A 954 -25.08 -29.39 -37.72
N SER A 955 -25.10 -29.50 -39.05
CA SER A 955 -24.36 -28.56 -39.87
C SER A 955 -24.94 -27.16 -39.74
N ALA A 956 -26.24 -27.07 -39.52
CA ALA A 956 -26.84 -25.78 -39.21
C ALA A 956 -26.46 -25.32 -37.81
N GLY A 957 -26.63 -26.20 -36.83
CA GLY A 957 -26.58 -25.78 -35.44
C GLY A 957 -25.19 -25.38 -34.98
N ILE A 958 -24.16 -25.97 -35.58
CA ILE A 958 -22.79 -25.54 -35.32
C ILE A 958 -22.57 -24.13 -35.87
N PHE A 959 -23.22 -23.80 -37.00
CA PHE A 959 -23.05 -22.47 -37.57
C PHE A 959 -23.73 -21.41 -36.72
N PHE A 960 -24.76 -21.79 -35.97
CA PHE A 960 -25.35 -20.82 -35.04
C PHE A 960 -24.44 -20.60 -33.84
N VAL A 961 -23.89 -21.69 -33.30
CA VAL A 961 -23.00 -21.59 -32.15
C VAL A 961 -21.72 -20.87 -32.53
N SER A 962 -21.19 -21.15 -33.71
CA SER A 962 -20.03 -20.42 -34.21
C SER A 962 -20.33 -18.95 -34.39
N ALA A 963 -21.55 -18.62 -34.83
CA ALA A 963 -21.90 -17.22 -35.11
C ALA A 963 -22.02 -16.41 -33.83
N GLY A 964 -22.23 -17.08 -32.71
CA GLY A 964 -22.15 -16.37 -31.45
C GLY A 964 -20.72 -16.18 -30.99
N LEU A 965 -19.88 -17.17 -31.25
CA LEU A 965 -18.47 -17.03 -30.91
C LEU A 965 -17.79 -16.02 -31.80
N SER A 966 -18.30 -15.85 -33.03
CA SER A 966 -17.86 -14.72 -33.83
C SER A 966 -18.42 -13.42 -33.29
N ASN A 967 -19.66 -13.44 -32.79
CA ASN A 967 -20.28 -12.21 -32.34
C ASN A 967 -19.70 -11.74 -31.03
N ILE A 968 -19.33 -12.68 -30.16
CA ILE A 968 -18.94 -12.31 -28.80
C ILE A 968 -17.56 -11.65 -28.82
N ILE A 969 -16.71 -12.03 -29.77
CA ILE A 969 -15.37 -11.45 -29.82
C ILE A 969 -15.40 -10.17 -30.64
N GLY A 970 -16.44 -10.00 -31.45
CA GLY A 970 -16.66 -8.72 -32.11
C GLY A 970 -17.04 -7.62 -31.12
N ILE A 971 -17.66 -8.00 -30.01
CA ILE A 971 -17.90 -7.05 -28.94
C ILE A 971 -16.60 -6.69 -28.24
N ILE A 972 -15.74 -7.70 -28.01
CA ILE A 972 -14.53 -7.52 -27.22
C ILE A 972 -13.53 -6.64 -27.96
N VAL A 973 -13.45 -6.78 -29.28
CA VAL A 973 -12.55 -5.93 -30.04
C VAL A 973 -13.13 -4.52 -30.14
N TYR A 974 -14.45 -4.38 -30.01
CA TYR A 974 -15.06 -3.06 -30.06
C TYR A 974 -14.82 -2.30 -28.78
N ILE A 975 -14.92 -2.99 -27.65
CA ILE A 975 -14.68 -2.34 -26.37
C ILE A 975 -13.19 -2.08 -26.18
N SER A 976 -12.36 -2.89 -26.82
CA SER A 976 -10.92 -2.72 -26.69
C SER A 976 -10.45 -1.47 -27.41
N ALA A 977 -10.96 -1.23 -28.61
CA ALA A 977 -10.37 -0.22 -29.46
C ALA A 977 -10.78 1.19 -29.04
N ASN A 978 -12.03 1.38 -28.64
CA ASN A 978 -12.50 2.73 -28.39
C ASN A 978 -11.99 3.31 -27.08
N ALA A 979 -11.41 2.47 -26.22
CA ALA A 979 -10.89 2.96 -24.96
C ALA A 979 -9.58 3.71 -25.18
N GLY A 980 -9.47 4.88 -24.58
CA GLY A 980 -8.29 5.71 -24.72
C GLY A 980 -8.46 7.13 -24.19
N LYS A 988 -11.72 12.34 -23.38
CA LYS A 988 -11.20 10.97 -23.37
C LYS A 988 -12.35 9.97 -23.45
N LYS A 989 -13.35 10.34 -24.25
CA LYS A 989 -14.61 9.61 -24.40
C LYS A 989 -15.32 9.52 -23.05
N ASN A 990 -15.52 10.68 -22.43
CA ASN A 990 -16.11 10.77 -21.10
C ASN A 990 -17.57 10.35 -21.11
N SER A 991 -17.92 9.45 -20.19
CA SER A 991 -19.29 9.03 -19.89
C SER A 991 -19.99 8.47 -21.12
N TYR A 992 -19.26 7.63 -21.85
CA TYR A 992 -19.82 6.96 -23.01
C TYR A 992 -20.93 6.00 -22.60
N SER A 993 -21.96 5.92 -23.42
CA SER A 993 -23.03 4.94 -23.25
C SER A 993 -23.13 4.12 -24.51
N TYR A 994 -23.66 2.91 -24.38
CA TYR A 994 -23.67 2.00 -25.51
C TYR A 994 -24.97 2.03 -26.30
N GLY A 995 -25.88 2.93 -25.97
CA GLY A 995 -27.09 3.12 -26.76
C GLY A 995 -27.98 1.89 -26.77
N TRP A 996 -28.59 1.66 -27.92
CA TRP A 996 -29.41 0.47 -28.10
C TRP A 996 -29.19 -0.21 -29.43
N SER A 997 -28.21 0.21 -30.22
CA SER A 997 -27.75 -0.61 -31.34
C SER A 997 -26.90 -1.75 -30.84
N PHE A 998 -25.99 -1.43 -29.92
CA PHE A 998 -25.10 -2.41 -29.35
C PHE A 998 -25.85 -3.48 -28.57
N TYR A 999 -26.94 -3.08 -27.91
CA TYR A 999 -27.72 -4.06 -27.16
C TYR A 999 -28.46 -5.01 -28.09
N PHE A 1000 -28.66 -4.62 -29.35
CA PHE A 1000 -29.20 -5.58 -30.30
C PHE A 1000 -28.16 -6.60 -30.69
N GLY A 1001 -26.91 -6.18 -30.86
CA GLY A 1001 -25.84 -7.14 -31.06
C GLY A 1001 -25.59 -7.96 -29.81
N ALA A 1002 -25.84 -7.38 -28.64
CA ALA A 1002 -25.79 -8.14 -27.40
C ALA A 1002 -26.93 -9.14 -27.34
N LEU A 1003 -28.12 -8.76 -27.81
CA LEU A 1003 -29.24 -9.67 -27.77
C LEU A 1003 -29.18 -10.66 -28.91
N SER A 1004 -28.45 -10.32 -29.98
CA SER A 1004 -28.33 -11.25 -31.08
C SER A 1004 -27.44 -12.43 -30.73
N PHE A 1005 -26.59 -12.27 -29.72
CA PHE A 1005 -25.78 -13.39 -29.26
C PHE A 1005 -26.64 -14.43 -28.56
N ILE A 1006 -27.58 -13.98 -27.73
CA ILE A 1006 -28.35 -14.92 -26.92
C ILE A 1006 -29.32 -15.70 -27.79
N ILE A 1007 -29.87 -15.06 -28.83
CA ILE A 1007 -30.77 -15.75 -29.73
C ILE A 1007 -30.00 -16.72 -30.62
N ALA A 1008 -28.81 -16.33 -31.08
CA ALA A 1008 -28.04 -17.19 -31.98
C ALA A 1008 -27.55 -18.45 -31.26
N GLU A 1009 -27.38 -18.37 -29.95
CA GLU A 1009 -27.07 -19.59 -29.21
C GLU A 1009 -28.32 -20.41 -28.95
N MET A 1010 -29.42 -19.74 -28.59
CA MET A 1010 -30.66 -20.43 -28.24
C MET A 1010 -31.26 -21.13 -29.46
N VAL A 1011 -30.91 -20.67 -30.66
CA VAL A 1011 -31.16 -21.48 -31.83
C VAL A 1011 -30.28 -22.72 -31.83
N GLY A 1012 -28.97 -22.54 -31.60
CA GLY A 1012 -28.07 -23.68 -31.62
C GLY A 1012 -28.21 -24.57 -30.40
N VAL A 1013 -28.75 -24.02 -29.32
CA VAL A 1013 -29.27 -24.86 -28.24
C VAL A 1013 -30.32 -25.80 -28.79
N LEU A 1014 -31.31 -25.24 -29.48
CA LEU A 1014 -32.48 -26.01 -29.86
C LEU A 1014 -32.17 -26.89 -31.06
N ALA A 1015 -31.20 -26.48 -31.88
CA ALA A 1015 -30.84 -27.24 -33.06
C ALA A 1015 -30.21 -28.57 -32.71
N VAL A 1016 -29.46 -28.61 -31.62
CA VAL A 1016 -28.88 -29.87 -31.19
C VAL A 1016 -29.94 -30.77 -30.57
N HIS A 1017 -30.91 -30.16 -29.88
CA HIS A 1017 -31.99 -30.94 -29.26
C HIS A 1017 -32.88 -31.59 -30.31
N MET A 1018 -32.93 -31.01 -31.51
CA MET A 1018 -33.60 -31.70 -32.59
C MET A 1018 -32.72 -32.81 -33.14
N PHE A 1019 -31.41 -32.60 -33.14
CA PHE A 1019 -30.51 -33.54 -33.78
C PHE A 1019 -30.37 -34.81 -32.94
N ILE A 1020 -30.50 -34.69 -31.63
CA ILE A 1020 -30.44 -35.88 -30.79
C ILE A 1020 -31.67 -36.75 -31.04
N ASP A 1021 -32.81 -36.11 -31.30
CA ASP A 1021 -34.05 -36.85 -31.53
C ASP A 1021 -34.00 -37.60 -32.85
N ARG A 1022 -33.40 -37.00 -33.87
CA ARG A 1022 -33.40 -37.61 -35.19
C ARG A 1022 -32.35 -38.72 -35.31
N HIS A 1023 -31.45 -38.83 -34.34
CA HIS A 1023 -30.63 -40.03 -34.28
C HIS A 1023 -31.13 -40.98 -33.21
N LYS A 1024 -31.98 -40.51 -32.31
CA LYS A 1024 -32.83 -41.43 -31.56
C LYS A 1024 -33.91 -42.01 -32.46
N GLN A 1025 -34.33 -41.25 -33.47
CA GLN A 1025 -35.34 -41.75 -34.39
C GLN A 1025 -34.73 -42.75 -35.38
N LEU A 1026 -33.44 -42.60 -35.69
CA LEU A 1026 -32.75 -43.64 -36.45
C LEU A 1026 -32.40 -44.82 -35.56
N THR A 1027 -32.40 -44.63 -34.25
CA THR A 1027 -32.10 -45.73 -33.34
C THR A 1027 -33.33 -46.62 -33.17
N THR B 385 29.07 54.75 -15.90
CA THR B 385 28.64 53.53 -15.22
C THR B 385 28.74 52.31 -16.14
N VAL B 386 28.59 51.14 -15.55
CA VAL B 386 28.85 49.88 -16.25
C VAL B 386 27.59 49.43 -16.97
N VAL B 387 27.75 48.90 -18.17
CA VAL B 387 26.63 48.43 -18.98
C VAL B 387 26.68 46.92 -19.05
N VAL B 388 25.60 46.27 -18.62
CA VAL B 388 25.47 44.82 -18.64
C VAL B 388 24.80 44.42 -19.94
N THR B 389 25.44 43.53 -20.70
CA THR B 389 24.87 43.00 -21.92
C THR B 389 24.39 41.58 -21.72
N THR B 390 23.34 41.22 -22.44
CA THR B 390 22.66 39.93 -22.36
C THR B 390 22.11 39.59 -23.73
N ILE B 391 21.75 38.32 -23.91
CA ILE B 391 20.87 37.91 -25.00
C ILE B 391 19.62 37.32 -24.38
N LEU B 392 18.45 37.70 -24.89
CA LEU B 392 17.23 37.26 -24.24
C LEU B 392 16.96 35.79 -24.55
N GLU B 393 17.01 34.97 -23.52
CA GLU B 393 16.72 33.55 -23.60
C GLU B 393 16.00 33.16 -22.32
N SER B 394 15.13 32.16 -22.45
CA SER B 394 14.54 31.59 -21.27
C SER B 394 15.55 30.68 -20.58
N PRO B 395 15.55 30.64 -19.24
CA PRO B 395 14.83 31.52 -18.33
C PRO B 395 15.79 32.52 -17.73
N TYR B 396 16.93 32.68 -18.40
CA TYR B 396 17.97 33.54 -17.86
C TYR B 396 17.62 35.00 -18.04
N VAL B 397 17.38 35.42 -19.27
CA VAL B 397 17.16 36.81 -19.61
C VAL B 397 15.77 36.91 -20.21
N MET B 398 14.80 37.24 -19.38
CA MET B 398 13.45 37.49 -19.87
C MET B 398 12.98 38.79 -19.25
N MET B 399 11.92 39.33 -19.82
CA MET B 399 11.30 40.54 -19.30
C MET B 399 10.10 40.14 -18.45
N LYS B 400 9.69 41.03 -17.57
CA LYS B 400 8.46 40.80 -16.82
C LYS B 400 7.29 41.05 -17.77
N LYS B 401 6.10 40.59 -17.36
CA LYS B 401 4.91 40.82 -18.18
C LYS B 401 4.54 42.30 -18.25
N ASN B 402 5.03 43.10 -17.31
CA ASN B 402 4.79 44.54 -17.30
C ASN B 402 5.92 45.31 -17.96
N HIS B 403 6.58 44.73 -18.96
CA HIS B 403 7.71 45.36 -19.60
C HIS B 403 7.28 46.56 -20.43
N GLU B 404 6.04 46.58 -20.88
CA GLU B 404 5.58 47.65 -21.75
C GLU B 404 5.40 48.95 -20.98
N MET B 405 4.89 48.86 -19.74
CA MET B 405 4.74 50.07 -18.95
C MET B 405 6.03 50.42 -18.22
N LEU B 406 6.70 49.43 -17.65
CA LEU B 406 7.87 49.71 -16.84
C LEU B 406 9.09 49.97 -17.73
N GLU B 407 10.15 50.50 -17.09
CA GLU B 407 11.35 50.92 -17.78
C GLU B 407 12.53 50.84 -16.82
N GLY B 408 13.63 50.27 -17.31
CA GLY B 408 14.85 50.25 -16.54
C GLY B 408 15.37 48.84 -16.29
N ASN B 409 15.83 48.66 -15.05
CA ASN B 409 16.31 47.36 -14.64
C ASN B 409 15.20 46.56 -13.98
N GLU B 410 14.08 47.21 -13.69
CA GLU B 410 12.97 46.56 -13.00
C GLU B 410 12.09 45.80 -13.96
N ARG B 411 12.13 46.16 -15.24
CA ARG B 411 11.31 45.49 -16.23
C ARG B 411 11.85 44.10 -16.56
N TYR B 412 13.16 43.89 -16.38
CA TYR B 412 13.77 42.61 -16.71
C TYR B 412 13.55 41.63 -15.56
N GLU B 413 13.32 40.37 -15.93
CA GLU B 413 12.84 39.38 -14.97
C GLU B 413 13.34 38.01 -15.41
N GLY B 414 14.40 37.54 -14.78
CA GLY B 414 14.99 36.26 -15.10
C GLY B 414 16.10 35.95 -14.13
N TYR B 415 16.89 34.93 -14.49
CA TYR B 415 17.94 34.51 -13.58
C TYR B 415 19.13 35.46 -13.61
N CYS B 416 19.75 35.63 -14.78
CA CYS B 416 20.96 36.44 -14.86
C CYS B 416 20.65 37.93 -14.74
N VAL B 417 19.38 38.29 -14.83
CA VAL B 417 18.92 39.61 -14.39
C VAL B 417 19.30 39.83 -12.94
N ASP B 418 18.86 38.93 -12.05
CA ASP B 418 19.14 39.11 -10.64
C ASP B 418 20.57 38.75 -10.30
N LEU B 419 21.20 37.90 -11.12
CA LEU B 419 22.59 37.55 -10.86
C LEU B 419 23.49 38.75 -11.06
N ALA B 420 23.19 39.57 -12.07
CA ALA B 420 23.84 40.86 -12.21
C ALA B 420 23.56 41.75 -11.01
N ALA B 421 22.34 41.67 -10.47
CA ALA B 421 21.97 42.50 -9.34
C ALA B 421 22.65 42.05 -8.07
N GLU B 422 23.21 40.85 -8.07
CA GLU B 422 23.95 40.39 -6.90
C GLU B 422 25.42 40.78 -6.97
N ILE B 423 25.98 40.81 -8.18
CA ILE B 423 27.37 41.21 -8.33
C ILE B 423 27.55 42.67 -7.96
N ALA B 424 26.63 43.53 -8.41
CA ALA B 424 26.70 44.95 -8.08
C ALA B 424 26.43 45.18 -6.61
N LYS B 425 25.70 44.28 -5.96
CA LYS B 425 25.46 44.40 -4.52
C LYS B 425 26.75 44.19 -3.75
N HIS B 426 27.65 43.36 -4.27
CA HIS B 426 28.89 43.08 -3.55
C HIS B 426 30.06 43.85 -4.13
N CYS B 427 29.92 44.35 -5.36
CA CYS B 427 30.99 45.15 -5.94
C CYS B 427 30.73 46.65 -5.85
N GLY B 428 29.52 47.09 -6.15
CA GLY B 428 29.21 48.50 -6.13
C GLY B 428 29.49 49.22 -7.43
N PHE B 429 29.02 48.66 -8.55
CA PHE B 429 29.13 49.28 -9.86
C PHE B 429 27.72 49.36 -10.45
N LYS B 430 27.30 50.57 -10.81
CA LYS B 430 25.94 50.77 -11.28
C LYS B 430 25.78 50.23 -12.69
N TYR B 431 24.68 49.52 -12.90
CA TYR B 431 24.48 48.65 -14.06
C TYR B 431 23.28 49.14 -14.86
N LYS B 432 23.39 49.06 -16.18
CA LYS B 432 22.27 49.32 -17.08
C LYS B 432 22.10 48.12 -17.98
N LEU B 433 20.96 47.44 -17.85
CA LEU B 433 20.73 46.19 -18.57
C LEU B 433 20.46 46.45 -20.04
N THR B 434 21.04 45.61 -20.90
CA THR B 434 20.87 45.74 -22.34
C THR B 434 20.68 44.37 -22.96
N ILE B 435 20.24 44.39 -24.22
CA ILE B 435 20.33 43.27 -25.14
C ILE B 435 21.24 43.73 -26.26
N VAL B 436 22.14 42.87 -26.73
CA VAL B 436 22.90 43.22 -27.92
C VAL B 436 21.96 43.19 -29.12
N GLY B 437 22.18 44.11 -30.06
CA GLY B 437 21.32 44.15 -31.23
C GLY B 437 21.54 42.97 -32.16
N ASP B 438 22.78 42.49 -32.24
CA ASP B 438 23.11 41.39 -33.14
C ASP B 438 22.46 40.09 -32.71
N GLY B 439 22.32 39.87 -31.40
CA GLY B 439 21.75 38.63 -30.91
C GLY B 439 22.63 37.43 -31.17
N LYS B 440 23.94 37.64 -31.15
CA LYS B 440 24.90 36.54 -31.30
C LYS B 440 25.63 36.36 -29.98
N TYR B 441 25.93 35.10 -29.65
CA TYR B 441 26.74 34.80 -28.48
C TYR B 441 28.13 35.39 -28.63
N GLY B 442 28.72 35.26 -29.80
CA GLY B 442 30.03 35.83 -30.01
C GLY B 442 31.13 34.87 -30.41
N ALA B 443 31.53 34.97 -31.67
CA ALA B 443 32.63 34.17 -32.19
C ALA B 443 33.40 35.04 -33.17
N ARG B 444 34.35 34.42 -33.85
CA ARG B 444 34.89 35.01 -35.06
C ARG B 444 33.90 34.76 -36.19
N ASP B 445 33.94 35.60 -37.23
CA ASP B 445 33.06 35.39 -38.36
C ASP B 445 33.47 34.16 -39.16
N ALA B 446 32.48 33.46 -39.69
CA ALA B 446 32.75 32.41 -40.67
C ALA B 446 33.24 33.05 -41.97
N ASP B 447 34.36 32.56 -42.49
CA ASP B 447 35.03 32.90 -43.74
C ASP B 447 35.72 34.28 -43.66
N THR B 448 35.49 35.06 -42.60
CA THR B 448 36.03 36.40 -42.46
C THR B 448 36.91 36.57 -41.23
N LYS B 449 36.78 35.65 -40.25
CA LYS B 449 37.41 35.64 -38.92
C LYS B 449 37.38 37.00 -38.20
N ILE B 450 36.30 37.76 -38.35
CA ILE B 450 36.12 39.02 -37.63
C ILE B 450 35.23 38.73 -36.42
N TRP B 451 35.59 39.26 -35.27
CA TRP B 451 34.85 38.95 -34.05
C TRP B 451 33.53 39.70 -34.00
N ASN B 452 32.44 38.95 -33.82
CA ASN B 452 31.11 39.51 -33.68
C ASN B 452 30.52 39.10 -32.33
N GLY B 453 29.29 39.53 -32.08
CA GLY B 453 28.49 39.02 -30.98
C GLY B 453 28.76 39.71 -29.67
N MET B 454 28.27 39.07 -28.60
CA MET B 454 28.49 39.60 -27.25
C MET B 454 29.95 39.51 -26.86
N VAL B 455 30.65 38.50 -27.38
CA VAL B 455 32.10 38.48 -27.24
C VAL B 455 32.71 39.67 -27.95
N GLY B 456 32.26 39.92 -29.19
CA GLY B 456 32.86 40.96 -30.00
C GLY B 456 32.62 42.35 -29.46
N GLU B 457 31.47 42.56 -28.81
CA GLU B 457 31.20 43.85 -28.19
C GLU B 457 32.15 44.12 -27.03
N LEU B 458 32.49 43.09 -26.27
CA LEU B 458 33.49 43.25 -25.22
C LEU B 458 34.88 43.42 -25.82
N VAL B 459 35.11 42.85 -27.01
CA VAL B 459 36.37 43.04 -27.70
C VAL B 459 36.54 44.50 -28.11
N TYR B 460 35.50 45.11 -28.63
CA TYR B 460 35.60 46.40 -29.28
C TYR B 460 35.40 47.56 -28.31
N GLY B 461 35.35 47.29 -27.01
CA GLY B 461 35.30 48.31 -25.99
C GLY B 461 33.93 48.82 -25.65
N LYS B 462 32.89 48.49 -26.44
CA LYS B 462 31.58 49.06 -26.22
C LYS B 462 30.89 48.45 -25.02
N ALA B 463 30.93 47.13 -24.90
CA ALA B 463 30.29 46.43 -23.80
C ALA B 463 31.25 46.38 -22.63
N ASP B 464 30.70 46.26 -21.42
CA ASP B 464 31.51 46.31 -20.22
C ASP B 464 31.60 44.96 -19.54
N ILE B 465 30.45 44.33 -19.29
CA ILE B 465 30.39 43.02 -18.66
C ILE B 465 29.24 42.26 -19.30
N ALA B 466 29.40 40.94 -19.42
CA ALA B 466 28.43 40.09 -20.12
C ALA B 466 27.93 39.04 -19.14
N ILE B 467 26.91 39.40 -18.38
CA ILE B 467 26.36 38.48 -17.40
C ILE B 467 25.23 37.74 -18.07
N ALA B 468 25.56 36.63 -18.72
CA ALA B 468 24.66 36.03 -19.69
C ALA B 468 24.84 34.52 -19.71
N PRO B 469 23.89 33.75 -20.26
CA PRO B 469 24.18 32.32 -20.47
C PRO B 469 25.18 32.10 -21.61
N LEU B 470 26.46 32.26 -21.27
CA LEU B 470 27.54 32.26 -22.26
C LEU B 470 28.59 31.25 -21.85
N THR B 471 28.89 30.30 -22.74
CA THR B 471 29.77 29.20 -22.37
C THR B 471 31.23 29.64 -22.44
N ILE B 472 31.98 29.30 -21.39
CA ILE B 472 33.40 29.58 -21.34
C ILE B 472 34.08 28.69 -22.37
N THR B 473 34.77 29.31 -23.33
CA THR B 473 35.35 28.59 -24.43
C THR B 473 36.79 29.06 -24.60
N LEU B 474 37.64 28.14 -25.04
CA LEU B 474 39.06 28.41 -25.22
C LEU B 474 39.31 29.54 -26.22
N VAL B 475 38.49 29.62 -27.26
CA VAL B 475 38.75 30.57 -28.32
C VAL B 475 38.35 31.98 -27.90
N ARG B 476 37.36 32.10 -27.01
CA ARG B 476 36.98 33.41 -26.51
C ARG B 476 37.69 33.71 -25.20
N GLU B 477 38.32 32.70 -24.61
CA GLU B 477 39.27 32.97 -23.54
C GLU B 477 40.48 33.73 -24.08
N GLU B 478 40.80 33.50 -25.35
CA GLU B 478 41.94 34.14 -26.00
C GLU B 478 41.76 35.65 -26.06
N VAL B 479 40.56 36.11 -26.38
CA VAL B 479 40.37 37.54 -26.56
C VAL B 479 40.08 38.25 -25.24
N ILE B 480 39.27 37.64 -24.37
CA ILE B 480 38.74 38.34 -23.22
C ILE B 480 38.88 37.47 -21.98
N ASP B 481 38.64 38.09 -20.83
CA ASP B 481 38.77 37.41 -19.55
C ASP B 481 37.47 36.69 -19.19
N PHE B 482 37.59 35.64 -18.39
CA PHE B 482 36.45 34.98 -17.79
C PHE B 482 36.59 34.89 -16.29
N SER B 483 35.47 34.82 -15.60
CA SER B 483 35.50 34.53 -14.18
C SER B 483 35.49 33.03 -13.97
N LYS B 484 35.40 32.65 -12.70
CA LYS B 484 35.11 31.27 -12.38
C LYS B 484 33.68 30.98 -12.82
N PRO B 485 33.38 29.76 -13.23
CA PRO B 485 32.05 29.48 -13.78
C PRO B 485 31.01 29.52 -12.68
N PHE B 486 29.81 30.00 -13.02
CA PHE B 486 28.77 30.07 -12.02
C PHE B 486 27.77 28.94 -12.18
N MET B 487 27.57 28.44 -13.39
CA MET B 487 26.75 27.27 -13.59
C MET B 487 27.48 26.27 -14.48
N SER B 488 27.32 24.99 -14.18
CA SER B 488 27.92 23.91 -14.94
C SER B 488 26.84 23.06 -15.57
N LEU B 489 27.11 22.53 -16.75
CA LEU B 489 26.13 21.81 -17.53
C LEU B 489 26.82 21.00 -18.61
N GLY B 490 26.05 20.10 -19.22
CA GLY B 490 26.61 19.27 -20.26
C GLY B 490 25.68 19.21 -21.46
N ILE B 491 26.21 18.65 -22.55
CA ILE B 491 25.42 18.45 -23.75
C ILE B 491 24.48 17.28 -23.55
N SER B 492 23.18 17.55 -23.65
CA SER B 492 22.17 16.55 -23.31
C SER B 492 21.28 16.29 -24.51
N ILE B 493 20.36 15.34 -24.35
CA ILE B 493 19.50 14.88 -25.43
C ILE B 493 18.05 15.18 -25.09
N MET B 494 17.31 15.73 -26.05
CA MET B 494 15.86 15.86 -25.96
C MET B 494 15.20 15.03 -27.04
N ILE B 495 14.19 14.25 -26.64
CA ILE B 495 13.28 13.59 -27.56
C ILE B 495 11.86 13.95 -27.16
N LYS B 496 10.91 13.64 -28.06
CA LYS B 496 9.51 13.72 -27.73
C LYS B 496 9.16 12.63 -26.73
N LYS B 497 8.71 13.03 -25.53
CA LYS B 497 8.52 12.09 -24.43
C LYS B 497 7.42 11.08 -24.75
N PRO B 498 7.69 9.78 -24.62
CA PRO B 498 6.74 8.79 -25.15
C PRO B 498 5.50 8.66 -24.29
N GLN B 499 4.44 8.13 -24.90
CA GLN B 499 3.19 7.89 -24.21
C GLN B 499 3.38 6.72 -23.25
N LYS B 500 2.70 6.79 -22.12
CA LYS B 500 2.81 5.74 -21.12
C LYS B 500 2.11 4.48 -21.61
N SER B 501 2.90 3.42 -21.80
CA SER B 501 2.46 2.26 -22.57
C SER B 501 1.40 1.45 -21.83
N LYS B 502 0.37 1.07 -22.56
CA LYS B 502 -0.67 0.17 -22.07
C LYS B 502 -0.08 -1.23 -21.89
N PRO B 503 -0.66 -2.05 -21.03
CA PRO B 503 -0.23 -3.45 -20.94
C PRO B 503 -0.71 -4.26 -22.12
N GLY B 504 0.03 -5.32 -22.43
CA GLY B 504 -0.26 -6.13 -23.59
C GLY B 504 -1.48 -7.03 -23.42
N VAL B 505 -1.76 -7.81 -24.47
CA VAL B 505 -2.91 -8.70 -24.40
C VAL B 505 -2.62 -9.90 -23.53
N PHE B 506 -1.34 -10.16 -23.26
CA PHE B 506 -0.98 -11.21 -22.32
C PHE B 506 -0.50 -10.64 -21.00
N SER B 507 -1.19 -9.62 -20.50
CA SER B 507 -0.78 -8.99 -19.26
C SER B 507 -1.12 -9.82 -18.04
N PHE B 508 -1.93 -10.88 -18.21
CA PHE B 508 -2.25 -11.72 -17.08
C PHE B 508 -1.04 -12.54 -16.64
N LEU B 509 -0.15 -12.89 -17.56
CA LEU B 509 0.96 -13.75 -17.23
C LEU B 509 2.21 -12.94 -16.87
N ASP B 510 2.03 -11.69 -16.55
CA ASP B 510 3.12 -10.85 -16.08
C ASP B 510 3.56 -10.97 -14.61
N PRO B 511 2.71 -11.23 -13.61
CA PRO B 511 3.25 -11.33 -12.23
C PRO B 511 4.18 -12.49 -12.00
N LEU B 512 4.12 -13.51 -12.82
CA LEU B 512 5.13 -14.57 -12.78
C LEU B 512 5.97 -14.46 -14.04
N ALA B 513 7.28 -14.57 -13.86
CA ALA B 513 8.19 -14.36 -14.97
C ALA B 513 8.08 -15.50 -15.98
N TYR B 514 8.68 -15.27 -17.16
CA TYR B 514 8.62 -16.24 -18.25
C TYR B 514 9.33 -17.53 -17.90
N GLU B 515 10.27 -17.47 -16.96
CA GLU B 515 11.07 -18.62 -16.61
C GLU B 515 10.30 -19.54 -15.68
N ILE B 516 9.22 -19.04 -15.08
CA ILE B 516 8.46 -19.86 -14.14
C ILE B 516 7.31 -20.55 -14.84
N TRP B 517 6.67 -19.87 -15.80
CA TRP B 517 5.58 -20.48 -16.54
C TRP B 517 6.07 -21.66 -17.38
N MET B 518 7.33 -21.65 -17.77
CA MET B 518 7.90 -22.82 -18.42
C MET B 518 8.18 -23.91 -17.40
N CYS B 519 8.46 -23.54 -16.14
CA CYS B 519 8.74 -24.55 -15.14
C CYS B 519 7.47 -24.97 -14.39
N ILE B 520 6.38 -24.25 -14.58
CA ILE B 520 5.09 -24.74 -14.11
C ILE B 520 4.55 -25.80 -15.04
N VAL B 521 4.71 -25.59 -16.34
CA VAL B 521 4.32 -26.59 -17.32
C VAL B 521 5.17 -27.85 -17.18
N PHE B 522 6.45 -27.68 -16.89
CA PHE B 522 7.33 -28.84 -16.75
C PHE B 522 7.04 -29.59 -15.46
N ALA B 523 6.64 -28.87 -14.41
CA ALA B 523 6.23 -29.57 -13.19
C ALA B 523 4.87 -30.22 -13.38
N TYR B 524 4.05 -29.69 -14.27
CA TYR B 524 2.74 -30.29 -14.52
C TYR B 524 2.86 -31.64 -15.21
N ILE B 525 3.67 -31.70 -16.27
CA ILE B 525 3.90 -32.96 -16.98
C ILE B 525 4.66 -33.93 -16.08
N GLY B 526 5.54 -33.40 -15.24
CA GLY B 526 6.30 -34.26 -14.35
C GLY B 526 5.44 -34.93 -13.30
N VAL B 527 4.43 -34.22 -12.81
CA VAL B 527 3.59 -34.80 -11.77
C VAL B 527 2.64 -35.84 -12.35
N SER B 528 2.00 -35.51 -13.46
CA SER B 528 0.95 -36.37 -14.00
C SER B 528 1.52 -37.69 -14.54
N VAL B 529 2.77 -37.70 -14.97
CA VAL B 529 3.37 -38.97 -15.34
C VAL B 529 3.67 -39.80 -14.11
N VAL B 530 4.17 -39.16 -13.05
CA VAL B 530 4.46 -39.87 -11.81
C VAL B 530 3.17 -40.36 -11.16
N LEU B 531 2.10 -39.58 -11.25
CA LEU B 531 0.83 -40.03 -10.70
C LEU B 531 0.25 -41.14 -11.56
N PHE B 532 0.53 -41.11 -12.86
CA PHE B 532 0.21 -42.26 -13.70
C PHE B 532 1.07 -43.46 -13.35
N LEU B 533 2.29 -43.21 -12.90
CA LEU B 533 3.22 -44.30 -12.65
C LEU B 533 2.88 -45.06 -11.38
N VAL B 534 2.57 -44.33 -10.31
CA VAL B 534 2.43 -44.93 -8.98
C VAL B 534 1.22 -45.85 -8.93
N SER B 535 0.05 -45.32 -9.22
CA SER B 535 -1.09 -46.17 -9.47
C SER B 535 -0.95 -46.82 -10.84
N ARG B 536 -1.84 -47.77 -11.13
CA ARG B 536 -1.84 -48.56 -12.38
C ARG B 536 -0.49 -49.24 -12.60
N PHE B 537 0.02 -49.85 -11.55
CA PHE B 537 1.36 -50.41 -11.55
C PHE B 537 1.30 -51.81 -10.94
N SER B 538 0.90 -52.77 -11.80
CA SER B 538 0.70 -54.18 -11.45
C SER B 538 0.25 -54.53 -10.01
N PRO B 539 -0.97 -54.17 -9.61
CA PRO B 539 -1.38 -54.46 -8.24
C PRO B 539 -1.66 -55.94 -8.04
N TYR B 540 -1.34 -56.41 -6.84
CA TYR B 540 -1.60 -57.79 -6.40
C TYR B 540 -1.43 -57.94 -4.89
N GLN B 554 -11.67 -57.41 -9.62
CA GLN B 554 -11.20 -58.68 -10.16
C GLN B 554 -9.78 -58.50 -10.71
N SER B 555 -9.68 -58.01 -11.95
CA SER B 555 -8.39 -57.72 -12.55
C SER B 555 -7.86 -56.45 -11.90
N SER B 556 -6.70 -56.55 -11.26
CA SER B 556 -6.21 -55.43 -10.47
C SER B 556 -5.49 -54.39 -11.31
N GLU B 557 -5.21 -54.69 -12.57
CA GLU B 557 -4.45 -53.77 -13.42
C GLU B 557 -5.25 -52.53 -13.77
N SER B 558 -6.59 -52.59 -13.65
CA SER B 558 -7.45 -51.45 -13.92
C SER B 558 -8.33 -51.09 -12.73
N THR B 559 -7.84 -51.28 -11.50
CA THR B 559 -8.63 -50.91 -10.33
C THR B 559 -8.73 -49.40 -10.19
N ASN B 560 -7.60 -48.71 -10.27
CA ASN B 560 -7.58 -47.26 -10.15
C ASN B 560 -8.20 -46.65 -11.40
N GLU B 561 -8.69 -45.42 -11.26
CA GLU B 561 -9.33 -44.78 -12.39
C GLU B 561 -8.37 -43.88 -13.15
N PHE B 562 -7.12 -43.78 -12.70
CA PHE B 562 -6.13 -42.85 -13.23
C PHE B 562 -5.40 -43.49 -14.39
N GLY B 563 -5.86 -43.25 -15.62
CA GLY B 563 -5.05 -43.43 -16.79
C GLY B 563 -4.00 -42.34 -16.90
N ILE B 564 -3.38 -42.26 -18.08
CA ILE B 564 -2.53 -41.10 -18.34
C ILE B 564 -3.39 -39.88 -18.61
N PHE B 565 -4.55 -40.08 -19.22
CA PHE B 565 -5.37 -38.94 -19.60
C PHE B 565 -6.14 -38.40 -18.41
N ASN B 566 -6.60 -39.28 -17.51
CA ASN B 566 -7.27 -38.80 -16.31
C ASN B 566 -6.30 -38.15 -15.35
N SER B 567 -5.06 -38.63 -15.31
CA SER B 567 -4.11 -38.09 -14.34
C SER B 567 -3.59 -36.74 -14.80
N LEU B 568 -3.64 -36.46 -16.09
CA LEU B 568 -3.46 -35.09 -16.55
C LEU B 568 -4.61 -34.22 -16.06
N TRP B 569 -5.81 -34.77 -16.03
CA TRP B 569 -6.97 -33.98 -15.69
C TRP B 569 -7.08 -33.79 -14.18
N PHE B 570 -6.46 -34.67 -13.41
CA PHE B 570 -6.42 -34.43 -11.97
C PHE B 570 -5.43 -33.33 -11.65
N SER B 571 -4.28 -33.34 -12.30
CA SER B 571 -3.26 -32.34 -12.00
C SER B 571 -3.65 -30.98 -12.54
N LEU B 572 -4.33 -30.94 -13.68
CA LEU B 572 -4.87 -29.67 -14.17
C LEU B 572 -5.98 -29.19 -13.25
N GLY B 573 -6.81 -30.10 -12.75
CA GLY B 573 -7.84 -29.70 -11.83
C GLY B 573 -7.27 -29.24 -10.50
N ALA B 574 -6.23 -29.91 -10.02
CA ALA B 574 -5.65 -29.54 -8.74
C ALA B 574 -4.91 -28.22 -8.83
N PHE B 575 -4.43 -27.87 -10.00
CA PHE B 575 -3.73 -26.59 -10.13
C PHE B 575 -4.71 -25.44 -10.19
N MET B 576 -5.81 -25.64 -10.89
CA MET B 576 -6.75 -24.54 -11.05
C MET B 576 -7.67 -24.37 -9.86
N GLN B 577 -7.37 -24.92 -8.68
CA GLN B 577 -8.17 -24.77 -7.46
C GLN B 577 -9.58 -25.33 -7.63
N GLN B 578 -9.75 -26.31 -8.51
CA GLN B 578 -11.06 -26.87 -8.80
C GLN B 578 -11.06 -28.33 -8.38
N GLY B 579 -12.11 -28.76 -7.71
CA GLY B 579 -12.22 -30.15 -7.35
C GLY B 579 -12.57 -31.01 -8.55
N CYS B 580 -12.12 -32.26 -8.52
CA CYS B 580 -12.44 -33.22 -9.55
C CYS B 580 -13.19 -34.40 -8.96
N ASP B 581 -13.57 -35.33 -9.84
CA ASP B 581 -14.30 -36.51 -9.39
C ASP B 581 -13.36 -37.51 -8.72
N ILE B 582 -12.19 -37.68 -9.28
CA ILE B 582 -11.30 -38.74 -8.85
C ILE B 582 -10.36 -38.25 -7.75
N SER B 583 -9.80 -39.20 -7.02
CA SER B 583 -8.94 -38.96 -5.87
C SER B 583 -7.96 -40.13 -5.80
N PRO B 584 -6.74 -39.90 -5.31
CA PRO B 584 -5.68 -40.92 -5.49
C PRO B 584 -5.92 -42.27 -4.83
N ARG B 585 -6.23 -42.31 -3.53
CA ARG B 585 -6.67 -43.52 -2.83
C ARG B 585 -5.62 -44.64 -2.88
N SER B 586 -4.41 -44.30 -2.41
CA SER B 586 -3.35 -45.25 -2.10
C SER B 586 -2.31 -44.48 -1.31
N LEU B 587 -1.47 -45.17 -0.52
CA LEU B 587 -0.50 -44.46 0.30
C LEU B 587 0.59 -43.85 -0.55
N SER B 588 0.95 -44.51 -1.65
CA SER B 588 2.00 -43.97 -2.48
C SER B 588 1.45 -42.99 -3.49
N GLY B 589 0.15 -43.02 -3.74
CA GLY B 589 -0.41 -42.13 -4.75
C GLY B 589 -0.87 -40.81 -4.17
N ARG B 590 -1.21 -40.80 -2.89
CA ARG B 590 -1.66 -39.57 -2.26
C ARG B 590 -0.49 -38.62 -2.00
N ILE B 591 0.73 -39.15 -2.00
CA ILE B 591 1.90 -38.32 -1.77
C ILE B 591 2.19 -37.48 -3.01
N VAL B 592 1.85 -38.00 -4.19
CA VAL B 592 1.98 -37.20 -5.41
C VAL B 592 0.98 -36.07 -5.41
N GLY B 593 -0.27 -36.37 -5.05
CA GLY B 593 -1.27 -35.32 -5.00
C GLY B 593 -1.08 -34.39 -3.83
N GLY B 594 -0.62 -34.92 -2.70
CA GLY B 594 -0.51 -34.10 -1.51
C GLY B 594 0.55 -33.03 -1.61
N VAL B 595 1.60 -33.29 -2.38
CA VAL B 595 2.65 -32.29 -2.54
C VAL B 595 2.30 -31.33 -3.66
N TRP B 596 1.65 -31.84 -4.71
CA TRP B 596 1.17 -30.99 -5.79
C TRP B 596 0.06 -30.06 -5.32
N TRP B 597 -0.65 -30.43 -4.26
CA TRP B 597 -1.55 -29.48 -3.63
C TRP B 597 -0.78 -28.36 -2.95
N PHE B 598 0.23 -28.71 -2.16
CA PHE B 598 1.01 -27.70 -1.46
C PHE B 598 1.85 -26.90 -2.44
N PHE B 599 2.23 -27.51 -3.56
CA PHE B 599 2.83 -26.74 -4.63
C PHE B 599 1.87 -25.71 -5.18
N THR B 600 0.59 -26.08 -5.28
CA THR B 600 -0.38 -25.20 -5.89
C THR B 600 -0.71 -24.04 -4.97
N LEU B 601 -0.74 -24.30 -3.66
CA LEU B 601 -1.10 -23.29 -2.68
C LEU B 601 -0.09 -22.16 -2.65
N ILE B 602 1.16 -22.44 -2.96
CA ILE B 602 2.18 -21.39 -2.91
C ILE B 602 2.20 -20.62 -4.21
N ILE B 603 2.12 -21.33 -5.34
CA ILE B 603 2.25 -20.69 -6.64
C ILE B 603 1.05 -19.82 -6.94
N ILE B 604 -0.15 -20.32 -6.68
CA ILE B 604 -1.36 -19.56 -6.98
C ILE B 604 -1.49 -18.37 -6.05
N SER B 605 -1.15 -18.54 -4.77
CA SER B 605 -1.26 -17.42 -3.86
C SER B 605 -0.17 -16.38 -4.10
N SER B 606 0.92 -16.78 -4.75
CA SER B 606 1.90 -15.80 -5.15
C SER B 606 1.51 -15.13 -6.46
N TYR B 607 0.66 -15.80 -7.24
CA TYR B 607 0.21 -15.21 -8.49
C TYR B 607 -0.84 -14.14 -8.25
N THR B 608 -1.68 -14.33 -7.25
CA THR B 608 -2.72 -13.36 -6.96
C THR B 608 -2.29 -12.36 -5.91
N ALA B 609 -0.99 -12.15 -5.74
CA ALA B 609 -0.50 -11.21 -4.74
C ALA B 609 -0.76 -9.78 -5.18
N ASN B 610 -0.17 -9.38 -6.30
CA ASN B 610 -0.25 -8.00 -6.74
C ASN B 610 -0.82 -7.94 -8.14
N LEU B 611 -1.79 -8.82 -8.42
CA LEU B 611 -2.23 -9.05 -9.80
C LEU B 611 -2.89 -7.83 -10.41
N ALA B 612 -3.59 -7.04 -9.62
CA ALA B 612 -4.27 -5.87 -10.17
C ALA B 612 -3.26 -4.79 -10.55
N ALA B 613 -2.08 -4.80 -9.96
CA ALA B 613 -1.05 -3.85 -10.35
C ALA B 613 -0.48 -4.19 -11.72
N PHE B 614 -0.28 -5.47 -12.00
CA PHE B 614 0.40 -5.85 -13.24
C PHE B 614 -0.52 -5.75 -14.44
N LEU B 615 -1.83 -5.65 -14.20
CA LEU B 615 -2.73 -5.36 -15.30
C LEU B 615 -2.83 -3.86 -15.55
N THR B 616 -2.29 -3.05 -14.65
CA THR B 616 -2.24 -1.59 -14.82
C THR B 616 -0.84 -1.06 -14.55
N VAL B 617 0.17 -1.61 -15.23
CA VAL B 617 1.56 -1.24 -14.97
C VAL B 617 1.82 0.21 -15.39
N GLU B 618 1.28 0.63 -16.54
CA GLU B 618 1.52 1.94 -17.16
C GLU B 618 3.02 2.19 -17.38
N ARG B 619 3.59 1.38 -18.26
CA ARG B 619 5.03 1.42 -18.49
C ARG B 619 5.42 2.69 -19.23
N MET B 620 6.68 3.08 -19.06
CA MET B 620 7.30 4.12 -19.87
C MET B 620 8.31 3.48 -20.81
N VAL B 621 8.18 3.78 -22.11
CA VAL B 621 8.93 3.04 -23.12
C VAL B 621 10.39 3.48 -23.14
N SER B 622 10.62 4.78 -23.36
CA SER B 622 11.95 5.39 -23.43
C SER B 622 12.86 4.72 -24.46
N PRO B 623 12.63 4.94 -25.75
CA PRO B 623 13.28 4.08 -26.76
C PRO B 623 14.76 4.32 -26.91
N ILE B 624 15.25 5.53 -26.66
CA ILE B 624 16.66 5.85 -26.83
C ILE B 624 17.17 6.51 -25.55
N GLU B 625 18.30 6.04 -25.05
CA GLU B 625 18.99 6.62 -23.90
C GLU B 625 20.47 6.45 -24.16
N SER B 626 21.32 7.14 -23.38
CA SER B 626 22.69 6.70 -23.12
C SER B 626 23.58 6.62 -24.36
N ALA B 627 24.14 7.76 -24.77
CA ALA B 627 24.48 8.15 -26.15
C ALA B 627 25.10 7.06 -27.03
N GLU B 628 25.69 6.01 -26.44
CA GLU B 628 25.96 4.77 -27.19
C GLU B 628 24.73 4.32 -27.96
N ASP B 629 23.57 4.29 -27.31
CA ASP B 629 22.38 3.78 -27.98
C ASP B 629 21.69 4.87 -28.80
N LEU B 630 22.23 6.09 -28.80
CA LEU B 630 21.90 7.00 -29.89
C LEU B 630 22.49 6.50 -31.20
N SER B 631 23.65 5.85 -31.12
CA SER B 631 24.39 5.51 -32.33
C SER B 631 24.02 4.13 -32.85
N LYS B 632 23.28 3.35 -32.07
CA LYS B 632 22.75 2.08 -32.54
C LYS B 632 21.32 2.21 -33.05
N GLN B 633 20.70 3.38 -32.89
CA GLN B 633 19.34 3.64 -33.35
C GLN B 633 19.33 5.03 -34.03
N THR B 634 20.28 5.21 -34.96
CA THR B 634 20.62 6.50 -35.53
C THR B 634 19.59 7.01 -36.55
N GLU B 635 18.49 6.29 -36.77
CA GLU B 635 17.56 6.67 -37.84
C GLU B 635 16.72 7.87 -37.44
N ILE B 636 16.64 8.20 -36.15
CA ILE B 636 15.94 9.41 -35.75
C ILE B 636 16.84 10.61 -35.97
N ALA B 637 16.22 11.72 -36.38
CA ALA B 637 16.98 12.84 -36.93
C ALA B 637 17.50 13.73 -35.81
N TYR B 638 18.82 13.89 -35.74
CA TYR B 638 19.40 14.68 -34.67
C TYR B 638 19.33 16.16 -35.01
N GLY B 639 19.61 16.99 -34.01
CA GLY B 639 19.47 18.43 -34.14
C GLY B 639 20.45 19.19 -33.28
N THR B 640 20.88 20.33 -33.79
CA THR B 640 21.88 21.17 -33.16
C THR B 640 21.51 22.63 -33.34
N LEU B 641 22.18 23.47 -32.57
CA LEU B 641 21.97 24.90 -32.66
C LEU B 641 22.95 25.52 -33.63
N ASP B 642 22.47 26.44 -34.46
CA ASP B 642 23.37 27.19 -35.32
C ASP B 642 24.09 28.25 -34.49
N SER B 643 25.38 28.44 -34.80
CA SER B 643 26.32 29.26 -34.01
C SER B 643 26.31 28.83 -32.54
N GLY B 644 26.76 27.62 -32.30
CA GLY B 644 26.65 26.99 -30.99
C GLY B 644 27.91 26.29 -30.52
N SER B 645 28.04 26.17 -29.19
CA SER B 645 29.11 25.34 -28.64
C SER B 645 28.82 23.87 -28.91
N THR B 646 27.54 23.49 -28.91
CA THR B 646 27.15 22.14 -29.30
C THR B 646 27.48 21.86 -30.75
N LYS B 647 27.47 22.90 -31.58
CA LYS B 647 28.02 22.78 -32.91
C LYS B 647 29.52 22.57 -32.85
N GLU B 648 30.21 23.47 -32.15
CA GLU B 648 31.67 23.47 -32.16
C GLU B 648 32.24 22.30 -31.37
N PHE B 649 31.45 21.69 -30.49
CA PHE B 649 31.88 20.43 -29.90
C PHE B 649 31.89 19.32 -30.93
N PHE B 650 30.81 19.20 -31.68
CA PHE B 650 30.72 18.08 -32.61
C PHE B 650 31.45 18.38 -33.90
N ARG B 651 31.72 19.67 -34.18
CA ARG B 651 32.69 19.99 -35.24
C ARG B 651 34.08 19.48 -34.87
N ARG B 652 34.41 19.50 -33.60
CA ARG B 652 35.71 19.05 -33.10
C ARG B 652 35.66 17.64 -32.57
N SER B 653 34.89 16.76 -33.23
CA SER B 653 34.66 15.41 -32.74
C SER B 653 35.94 14.57 -32.76
N LYS B 654 36.17 13.84 -31.68
CA LYS B 654 37.30 12.93 -31.62
C LYS B 654 36.87 11.51 -31.27
N ILE B 655 35.95 11.34 -30.34
CA ILE B 655 35.49 10.01 -29.98
C ILE B 655 34.57 9.50 -31.07
N ALA B 656 34.69 8.21 -31.40
CA ALA B 656 34.08 7.67 -32.62
C ALA B 656 32.56 7.64 -32.51
N VAL B 657 32.03 7.43 -31.31
CA VAL B 657 30.60 7.54 -31.09
C VAL B 657 30.15 8.98 -31.30
N PHE B 658 31.03 9.94 -30.97
CA PHE B 658 30.69 11.34 -31.14
C PHE B 658 30.94 11.80 -32.57
N ASP B 659 31.84 11.10 -33.28
CA ASP B 659 32.18 11.52 -34.63
C ASP B 659 31.11 11.09 -35.61
N LYS B 660 30.47 9.95 -35.34
CA LYS B 660 29.41 9.45 -36.21
C LYS B 660 28.20 10.38 -36.20
N MET B 661 27.85 10.89 -35.03
CA MET B 661 26.59 11.63 -34.91
C MET B 661 26.68 13.01 -35.55
N TRP B 662 27.90 13.57 -35.64
CA TRP B 662 28.04 14.83 -36.36
C TRP B 662 28.16 14.61 -37.86
N THR B 663 28.88 13.57 -38.26
CA THR B 663 28.96 13.23 -39.68
C THR B 663 27.64 12.65 -40.18
N TYR B 664 26.77 12.23 -39.26
CA TYR B 664 25.37 12.07 -39.62
C TYR B 664 24.75 13.42 -39.95
N MET B 665 24.89 14.40 -39.06
CA MET B 665 24.10 15.62 -39.14
C MET B 665 24.55 16.54 -40.27
N ARG B 666 25.83 16.48 -40.63
CA ARG B 666 26.32 17.43 -41.63
C ARG B 666 25.84 17.05 -43.03
N SER B 667 25.77 15.76 -43.34
CA SER B 667 25.26 15.32 -44.62
C SER B 667 23.76 15.01 -44.59
N ALA B 668 23.08 15.25 -43.47
CA ALA B 668 21.66 14.94 -43.40
C ALA B 668 20.84 15.99 -44.15
N GLU B 669 19.71 15.55 -44.69
CA GLU B 669 18.78 16.42 -45.39
C GLU B 669 17.46 16.47 -44.62
N PRO B 670 16.91 17.66 -44.33
CA PRO B 670 17.44 18.99 -44.63
C PRO B 670 18.43 19.51 -43.59
N SER B 671 18.58 20.83 -43.54
CA SER B 671 19.40 21.47 -42.51
C SER B 671 18.84 21.19 -41.12
N VAL B 672 19.64 20.50 -40.30
CA VAL B 672 19.19 20.14 -38.96
C VAL B 672 19.24 21.32 -38.01
N PHE B 673 19.90 22.40 -38.41
CA PHE B 673 20.11 23.52 -37.51
C PHE B 673 18.85 24.35 -37.35
N VAL B 674 18.68 24.92 -36.16
CA VAL B 674 17.57 25.81 -35.86
C VAL B 674 18.15 27.14 -35.42
N ARG B 675 17.35 28.20 -35.59
CA ARG B 675 17.87 29.55 -35.38
C ARG B 675 17.80 29.96 -33.91
N THR B 676 16.80 29.45 -33.17
CA THR B 676 16.69 29.70 -31.74
C THR B 676 16.32 28.42 -31.01
N THR B 677 16.26 28.51 -29.68
CA THR B 677 15.87 27.37 -28.87
C THR B 677 14.41 27.03 -29.08
N ALA B 678 13.56 28.04 -29.31
CA ALA B 678 12.14 27.78 -29.54
C ALA B 678 11.91 27.12 -30.89
N GLU B 679 12.89 27.18 -31.79
CA GLU B 679 12.76 26.46 -33.05
C GLU B 679 13.17 25.01 -32.90
N GLY B 680 14.17 24.72 -32.06
CA GLY B 680 14.58 23.34 -31.87
C GLY B 680 13.62 22.55 -31.01
N VAL B 681 13.01 23.20 -30.02
CA VAL B 681 12.06 22.54 -29.14
C VAL B 681 10.80 22.17 -29.93
N ALA B 682 10.31 23.09 -30.75
CA ALA B 682 9.07 22.86 -31.48
C ALA B 682 9.24 21.80 -32.56
N ARG B 683 10.45 21.67 -33.11
CA ARG B 683 10.69 20.67 -34.15
C ARG B 683 10.69 19.26 -33.58
N VAL B 684 11.09 19.13 -32.30
CA VAL B 684 11.03 17.84 -31.63
C VAL B 684 9.59 17.46 -31.35
N ARG B 685 8.78 18.44 -30.95
CA ARG B 685 7.43 18.17 -30.48
C ARG B 685 6.52 17.71 -31.62
N LYS B 686 6.77 18.19 -32.84
CA LYS B 686 5.90 17.86 -33.95
C LYS B 686 6.20 16.48 -34.51
N SER B 687 7.48 16.14 -34.60
CA SER B 687 7.94 14.96 -35.34
C SER B 687 7.55 13.64 -34.68
N LYS B 688 7.10 13.73 -33.42
CA LYS B 688 6.52 12.60 -32.68
C LYS B 688 7.52 11.45 -32.54
N GLY B 689 8.55 11.67 -31.73
CA GLY B 689 9.53 10.66 -31.42
C GLY B 689 10.56 10.42 -32.49
N LYS B 690 10.62 11.27 -33.52
CA LYS B 690 11.45 11.03 -34.69
C LYS B 690 12.59 12.03 -34.85
N TYR B 691 12.52 13.19 -34.20
CA TYR B 691 13.56 14.20 -34.31
C TYR B 691 14.14 14.49 -32.94
N ALA B 692 15.45 14.33 -32.81
CA ALA B 692 16.17 14.59 -31.57
C ALA B 692 16.87 15.93 -31.67
N TYR B 693 17.06 16.60 -30.54
CA TYR B 693 17.77 17.86 -30.48
C TYR B 693 18.73 17.84 -29.32
N LEU B 694 20.02 18.06 -29.61
CA LEU B 694 21.08 17.97 -28.60
C LEU B 694 21.38 19.37 -28.09
N LEU B 695 21.24 19.58 -26.78
CA LEU B 695 21.15 20.92 -26.25
C LEU B 695 21.61 20.89 -24.80
N GLU B 696 21.75 22.09 -24.23
CA GLU B 696 22.40 22.24 -22.94
C GLU B 696 21.54 21.73 -21.80
N SER B 697 22.19 21.35 -20.70
CA SER B 697 21.53 20.56 -19.67
C SER B 697 20.50 21.36 -18.91
N THR B 698 20.66 22.68 -18.83
CA THR B 698 19.77 23.47 -17.98
C THR B 698 18.55 23.93 -18.73
N MET B 699 18.69 24.23 -20.02
CA MET B 699 17.51 24.49 -20.82
C MET B 699 16.68 23.22 -21.00
N ASN B 700 17.37 22.09 -21.22
CA ASN B 700 16.69 20.80 -21.31
C ASN B 700 16.12 20.40 -19.96
N GLU B 701 16.67 20.95 -18.87
CA GLU B 701 15.97 20.89 -17.60
C GLU B 701 14.76 21.80 -17.61
N TYR B 702 14.88 22.98 -18.25
CA TYR B 702 13.84 23.99 -18.14
C TYR B 702 12.65 23.66 -19.02
N ILE B 703 12.92 23.21 -20.25
CA ILE B 703 11.84 22.91 -21.19
C ILE B 703 11.01 21.75 -20.67
N GLU B 704 11.66 20.76 -20.08
CA GLU B 704 10.95 19.58 -19.58
C GLU B 704 10.05 19.94 -18.41
N GLN B 705 10.45 20.91 -17.60
CA GLN B 705 9.59 21.33 -16.49
C GLN B 705 8.37 22.08 -17.00
N ARG B 706 8.57 22.97 -17.96
CA ARG B 706 7.50 23.85 -18.43
C ARG B 706 6.46 23.05 -19.20
N LYS B 707 5.19 23.28 -18.90
CA LYS B 707 4.12 22.71 -19.70
C LYS B 707 4.15 23.33 -21.10
N PRO B 708 3.82 22.58 -22.17
CA PRO B 708 3.09 21.32 -22.37
C PRO B 708 3.75 20.03 -21.86
N CYS B 709 5.05 20.08 -21.57
CA CYS B 709 5.84 19.00 -20.96
C CYS B 709 5.68 17.67 -21.71
N ASP B 710 5.90 17.71 -23.02
CA ASP B 710 5.82 16.53 -23.88
C ASP B 710 7.20 16.03 -24.31
N THR B 711 8.25 16.55 -23.69
CA THR B 711 9.61 16.21 -24.06
C THR B 711 10.33 15.59 -22.88
N MET B 712 11.51 15.02 -23.14
CA MET B 712 12.20 14.22 -22.16
C MET B 712 13.70 14.39 -22.29
N LYS B 713 14.39 14.48 -21.15
CA LYS B 713 15.84 14.54 -21.08
C LYS B 713 16.39 13.17 -20.72
N VAL B 714 16.98 12.47 -21.69
CA VAL B 714 17.50 11.13 -21.48
C VAL B 714 19.00 11.16 -21.64
N GLY B 715 19.65 10.15 -21.09
CA GLY B 715 21.10 10.04 -21.23
C GLY B 715 21.85 10.96 -20.28
N GLY B 716 23.08 10.55 -19.96
CA GLY B 716 23.93 11.40 -19.16
C GLY B 716 24.45 12.57 -19.96
N ASN B 717 25.05 13.53 -19.25
CA ASN B 717 25.75 14.60 -19.94
C ASN B 717 26.98 14.03 -20.61
N LEU B 718 27.24 14.46 -21.84
CA LEU B 718 28.32 13.85 -22.60
C LEU B 718 29.64 14.54 -22.32
N ASP B 719 29.58 15.66 -21.60
CA ASP B 719 30.73 16.33 -21.02
C ASP B 719 30.23 17.26 -19.92
N SER B 720 31.09 18.15 -19.49
CA SER B 720 30.68 19.29 -18.68
C SER B 720 31.27 20.54 -19.29
N LYS B 721 30.59 21.66 -19.07
CA LYS B 721 31.06 22.97 -19.49
C LYS B 721 30.33 24.02 -18.68
N GLY B 722 30.91 25.23 -18.63
CA GLY B 722 30.47 26.21 -17.67
C GLY B 722 30.14 27.54 -18.31
N TYR B 723 29.18 28.22 -17.70
CA TYR B 723 28.87 29.61 -17.97
C TYR B 723 29.67 30.47 -17.01
N GLY B 724 30.30 31.52 -17.52
CA GLY B 724 31.04 32.43 -16.70
C GLY B 724 30.79 33.88 -17.06
N ILE B 725 30.67 34.70 -16.02
CA ILE B 725 30.63 36.14 -16.20
C ILE B 725 31.95 36.61 -16.78
N ALA B 726 31.88 37.37 -17.87
CA ALA B 726 33.08 37.71 -18.61
C ALA B 726 33.28 39.21 -18.71
N THR B 727 34.55 39.61 -18.67
CA THR B 727 35.03 40.97 -18.84
C THR B 727 36.07 40.96 -19.95
N PRO B 728 36.37 42.12 -20.54
CA PRO B 728 37.47 42.17 -21.51
C PRO B 728 38.81 41.90 -20.85
N LYS B 729 39.77 41.45 -21.66
CA LYS B 729 41.06 41.05 -21.12
C LYS B 729 41.86 42.28 -20.68
N GLY B 730 42.07 42.38 -19.38
CA GLY B 730 42.66 43.57 -18.80
C GLY B 730 41.66 44.51 -18.16
N SER B 731 40.42 44.09 -17.99
CA SER B 731 39.43 44.97 -17.39
C SER B 731 39.66 45.13 -15.90
N SER B 732 39.34 46.32 -15.39
CA SER B 732 39.48 46.58 -13.97
C SER B 732 38.43 45.82 -13.17
N LEU B 733 37.24 45.64 -13.75
CA LEU B 733 36.14 45.00 -13.05
C LEU B 733 36.33 43.49 -12.92
N GLY B 734 37.29 42.92 -13.64
CA GLY B 734 37.46 41.48 -13.65
C GLY B 734 37.84 40.93 -12.29
N THR B 735 38.68 41.65 -11.57
CA THR B 735 39.10 41.19 -10.24
C THR B 735 38.00 41.32 -9.18
N PRO B 736 37.18 42.39 -9.09
CA PRO B 736 36.09 42.33 -8.12
C PRO B 736 34.99 41.35 -8.48
N VAL B 737 34.80 41.05 -9.76
CA VAL B 737 33.77 40.09 -10.14
C VAL B 737 34.23 38.67 -9.84
N ASN B 738 35.49 38.36 -10.15
CA ASN B 738 36.03 37.01 -9.97
C ASN B 738 36.02 36.61 -8.50
N LEU B 739 36.23 37.58 -7.60
CA LEU B 739 36.10 37.29 -6.18
C LEU B 739 34.63 37.19 -5.78
N ALA B 740 33.74 37.81 -6.55
CA ALA B 740 32.35 37.88 -6.13
C ALA B 740 31.60 36.59 -6.44
N VAL B 741 32.10 35.82 -7.41
CA VAL B 741 31.38 34.64 -7.88
C VAL B 741 31.38 33.57 -6.80
N LEU B 742 32.55 33.30 -6.23
CA LEU B 742 32.67 32.36 -5.13
C LEU B 742 31.95 32.87 -3.89
N LYS B 743 32.03 34.18 -3.67
CA LYS B 743 31.48 34.78 -2.46
C LYS B 743 29.97 34.65 -2.42
N LEU B 744 29.34 34.65 -3.58
CA LEU B 744 27.95 34.21 -3.65
C LEU B 744 27.86 32.71 -3.42
N SER B 745 28.78 31.95 -4.01
CA SER B 745 28.61 30.51 -4.12
C SER B 745 28.91 29.82 -2.80
N GLU B 746 29.83 30.38 -2.02
CA GLU B 746 30.17 29.76 -0.74
C GLU B 746 29.04 29.93 0.26
N GLN B 747 28.24 30.97 0.09
CA GLN B 747 27.09 31.20 0.94
C GLN B 747 25.89 30.39 0.48
N GLY B 748 25.99 29.73 -0.66
CA GLY B 748 24.86 29.08 -1.26
C GLY B 748 23.86 30.03 -1.88
N VAL B 749 24.23 31.30 -2.05
CA VAL B 749 23.34 32.29 -2.64
C VAL B 749 23.02 31.92 -4.08
N LEU B 750 24.06 31.54 -4.82
CA LEU B 750 23.88 31.12 -6.21
C LEU B 750 23.07 29.84 -6.28
N ASP B 751 23.26 28.96 -5.32
CA ASP B 751 22.51 27.72 -5.30
C ASP B 751 21.07 27.99 -4.90
N LYS B 752 20.86 28.93 -3.98
CA LYS B 752 19.51 29.34 -3.62
C LYS B 752 18.84 30.07 -4.77
N LEU B 753 19.60 30.86 -5.53
CA LEU B 753 19.04 31.48 -6.72
C LEU B 753 18.83 30.47 -7.83
N LYS B 754 19.58 29.36 -7.80
CA LYS B 754 19.32 28.30 -8.77
C LYS B 754 18.16 27.44 -8.31
N ASN B 755 18.00 27.31 -6.99
CA ASN B 755 16.85 26.62 -6.46
C ASN B 755 15.57 27.39 -6.76
N LYS B 756 15.65 28.72 -6.72
CA LYS B 756 14.45 29.53 -6.87
C LYS B 756 13.92 29.50 -8.29
N TRP B 757 14.77 29.83 -9.26
CA TRP B 757 14.26 30.14 -10.59
C TRP B 757 13.87 28.89 -11.37
N TRP B 758 14.63 27.79 -11.25
CA TRP B 758 14.32 26.63 -12.06
C TRP B 758 13.20 25.79 -11.47
N TYR B 759 12.72 26.16 -10.29
CA TYR B 759 11.64 25.40 -9.69
C TYR B 759 10.34 26.20 -9.65
N ASP B 760 10.43 27.53 -9.57
CA ASP B 760 9.22 28.33 -9.42
C ASP B 760 8.49 28.55 -10.72
N LYS B 761 9.07 28.14 -11.85
CA LYS B 761 8.40 28.36 -13.13
C LYS B 761 7.33 27.30 -13.36
N GLY B 762 6.86 27.20 -14.61
CA GLY B 762 5.88 26.19 -14.97
C GLY B 762 6.37 24.80 -14.69
N GLU B 763 5.68 24.09 -13.81
CA GLU B 763 6.00 22.72 -13.43
C GLU B 763 4.99 21.79 -14.08
N CYS B 764 5.49 20.78 -14.79
CA CYS B 764 4.64 19.71 -15.26
C CYS B 764 4.21 18.86 -14.06
N GLY B 765 3.12 18.11 -14.25
CA GLY B 765 2.51 17.42 -13.11
C GLY B 765 3.32 16.23 -12.63
N ALA B 766 4.05 15.58 -13.53
CA ALA B 766 4.82 14.41 -13.16
C ALA B 766 6.25 14.78 -12.76
N LYS B 767 6.44 15.95 -12.12
CA LYS B 767 7.78 16.36 -11.75
C LYS B 767 7.99 16.29 -10.24
N ASP B 768 7.03 16.78 -9.46
CA ASP B 768 7.15 16.74 -8.01
C ASP B 768 6.08 15.87 -7.37
N SER B 769 4.80 16.11 -7.66
CA SER B 769 3.72 15.32 -7.10
C SER B 769 3.12 14.34 -8.10
N GLY B 770 3.85 14.00 -9.16
CA GLY B 770 3.42 12.91 -10.01
C GLY B 770 3.78 11.54 -9.50
N SER B 771 4.51 11.47 -8.38
CA SER B 771 4.87 10.17 -7.81
C SER B 771 3.70 9.54 -7.07
N LYS B 772 2.72 10.36 -6.65
CA LYS B 772 1.60 9.86 -5.86
C LYS B 772 0.67 9.00 -6.71
N GLU B 773 0.17 7.93 -6.10
CA GLU B 773 -0.54 6.88 -6.80
C GLU B 773 -1.99 6.77 -6.32
N LYS B 774 -2.75 5.92 -6.99
CA LYS B 774 -4.17 5.75 -6.76
C LYS B 774 -4.64 4.47 -7.44
N THR B 775 -5.85 4.03 -7.11
CA THR B 775 -6.40 2.80 -7.65
C THR B 775 -7.68 3.04 -8.45
N SER B 776 -7.95 2.12 -9.38
CA SER B 776 -9.09 2.21 -10.28
C SER B 776 -9.60 0.81 -10.59
N ALA B 777 -10.79 0.75 -11.16
CA ALA B 777 -11.37 -0.53 -11.56
C ALA B 777 -10.61 -1.09 -12.75
N LEU B 778 -10.64 -2.41 -12.89
CA LEU B 778 -10.06 -3.03 -14.08
C LEU B 778 -10.90 -2.72 -15.31
N SER B 779 -10.22 -2.36 -16.38
CA SER B 779 -10.87 -2.12 -17.65
C SER B 779 -10.82 -3.40 -18.47
N LEU B 780 -11.71 -3.47 -19.46
CA LEU B 780 -11.76 -4.66 -20.30
C LEU B 780 -10.57 -4.69 -21.24
N SER B 781 -9.96 -3.55 -21.51
CA SER B 781 -8.73 -3.57 -22.29
C SER B 781 -7.57 -4.13 -21.48
N ASN B 782 -7.69 -4.12 -20.15
CA ASN B 782 -6.66 -4.75 -19.35
C ASN B 782 -6.82 -6.26 -19.37
N VAL B 783 -8.05 -6.74 -19.23
CA VAL B 783 -8.29 -8.17 -19.30
C VAL B 783 -9.07 -8.43 -20.58
N ALA B 784 -8.34 -8.66 -21.67
CA ALA B 784 -8.99 -8.88 -22.95
C ALA B 784 -8.41 -10.14 -23.54
N GLY B 785 -7.18 -10.46 -23.16
CA GLY B 785 -6.57 -11.67 -23.66
C GLY B 785 -7.19 -12.90 -23.05
N VAL B 786 -7.72 -12.77 -21.85
CA VAL B 786 -8.34 -13.92 -21.20
C VAL B 786 -9.67 -14.25 -21.88
N PHE B 787 -10.36 -13.23 -22.39
CA PHE B 787 -11.56 -13.48 -23.17
C PHE B 787 -11.23 -14.00 -24.56
N TYR B 788 -10.08 -13.62 -25.09
CA TYR B 788 -9.62 -14.18 -26.37
C TYR B 788 -9.34 -15.67 -26.23
N ILE B 789 -8.62 -16.03 -25.17
CA ILE B 789 -8.19 -17.40 -24.96
C ILE B 789 -9.38 -18.29 -24.67
N LEU B 790 -10.41 -17.75 -24.03
CA LEU B 790 -11.63 -18.50 -23.79
C LEU B 790 -12.32 -18.83 -25.11
N VAL B 791 -12.56 -17.82 -25.94
CA VAL B 791 -13.15 -18.05 -27.26
C VAL B 791 -12.18 -18.81 -28.15
N GLY B 792 -10.88 -18.57 -27.96
CA GLY B 792 -9.89 -19.34 -28.69
C GLY B 792 -9.88 -20.82 -28.30
N GLY B 793 -10.26 -21.12 -27.07
CA GLY B 793 -10.38 -22.51 -26.67
C GLY B 793 -11.71 -23.12 -27.10
N LEU B 794 -12.76 -22.30 -27.15
CA LEU B 794 -14.07 -22.83 -27.51
C LEU B 794 -14.15 -23.20 -28.97
N GLY B 795 -13.47 -22.46 -29.84
CA GLY B 795 -13.43 -22.84 -31.23
C GLY B 795 -12.63 -24.11 -31.45
N LEU B 796 -11.59 -24.31 -30.64
CA LEU B 796 -10.79 -25.50 -30.74
C LEU B 796 -11.56 -26.73 -30.28
N ALA B 797 -12.29 -26.61 -29.17
CA ALA B 797 -13.02 -27.75 -28.61
C ALA B 797 -14.13 -28.19 -29.54
N MET B 798 -14.76 -27.25 -30.23
CA MET B 798 -15.77 -27.63 -31.21
C MET B 798 -15.14 -28.26 -32.43
N LEU B 799 -13.90 -27.88 -32.74
CA LEU B 799 -13.22 -28.50 -33.88
C LEU B 799 -12.89 -29.95 -33.60
N VAL B 800 -12.33 -30.25 -32.42
CA VAL B 800 -11.90 -31.60 -32.12
C VAL B 800 -13.11 -32.50 -31.90
N ALA B 801 -14.19 -31.94 -31.38
CA ALA B 801 -15.42 -32.70 -31.22
C ALA B 801 -16.05 -33.01 -32.56
N LEU B 802 -15.76 -32.20 -33.57
CA LEU B 802 -16.29 -32.49 -34.90
C LEU B 802 -15.47 -33.57 -35.59
N ILE B 803 -14.16 -33.61 -35.34
CA ILE B 803 -13.33 -34.53 -36.11
C ILE B 803 -13.43 -35.94 -35.53
N GLU B 804 -13.77 -36.06 -34.25
CA GLU B 804 -13.99 -37.40 -33.71
C GLU B 804 -15.33 -37.94 -34.15
N PHE B 805 -16.21 -37.06 -34.63
CA PHE B 805 -17.45 -37.53 -35.23
C PHE B 805 -17.22 -37.93 -36.68
N CYS B 806 -16.36 -37.19 -37.39
CA CYS B 806 -16.07 -37.53 -38.77
C CYS B 806 -15.19 -38.77 -38.86
N TYR B 807 -14.40 -39.03 -37.83
CA TYR B 807 -13.59 -40.24 -37.81
C TYR B 807 -14.43 -41.45 -37.49
N LYS B 808 -15.36 -41.30 -36.55
CA LYS B 808 -16.14 -42.46 -36.09
C LYS B 808 -17.24 -42.80 -37.08
N SER B 809 -17.81 -41.80 -37.76
CA SER B 809 -18.83 -42.07 -38.76
C SER B 809 -18.21 -42.65 -40.03
N ARG B 810 -16.93 -42.37 -40.27
CA ARG B 810 -16.25 -42.98 -41.40
C ARG B 810 -15.95 -44.45 -41.11
N ALA B 811 -15.34 -44.73 -39.96
CA ALA B 811 -15.03 -46.09 -39.58
C ALA B 811 -16.28 -46.82 -39.13
N LEU B 821 -5.13 -46.37 -34.81
CA LEU B 821 -4.98 -47.76 -34.39
C LEU B 821 -3.51 -48.11 -34.26
N PHE B 822 -3.06 -48.29 -33.02
CA PHE B 822 -1.67 -48.64 -32.77
C PHE B 822 -1.48 -50.15 -32.81
N ASP B 823 -0.29 -50.57 -33.22
CA ASP B 823 0.12 -51.95 -33.07
C ASP B 823 1.08 -52.06 -31.89
N ARG B 824 1.05 -53.22 -31.23
CA ARG B 824 1.97 -53.48 -30.11
C ARG B 824 3.41 -53.51 -30.58
N GLY B 825 3.64 -53.88 -31.83
CA GLY B 825 4.99 -53.87 -32.37
C GLY B 825 5.49 -52.47 -32.67
N VAL B 826 4.65 -51.65 -33.31
CA VAL B 826 5.13 -50.37 -33.81
C VAL B 826 5.33 -49.38 -32.68
N GLN B 827 4.65 -49.59 -31.55
CA GLN B 827 4.92 -48.77 -30.38
C GLN B 827 6.18 -49.23 -29.69
N MET B 828 6.52 -50.52 -29.81
CA MET B 828 7.79 -51.00 -29.30
C MET B 828 8.95 -50.44 -30.12
N LEU B 829 8.74 -50.25 -31.41
CA LEU B 829 9.71 -49.52 -32.20
C LEU B 829 9.67 -48.04 -31.87
N LEU B 830 8.49 -47.52 -31.52
CA LEU B 830 8.36 -46.09 -31.27
C LEU B 830 8.96 -45.71 -29.93
N THR B 831 8.89 -46.61 -28.95
CA THR B 831 9.59 -46.35 -27.70
C THR B 831 11.08 -46.62 -27.86
N THR B 832 11.47 -47.32 -28.93
CA THR B 832 12.88 -47.56 -29.17
C THR B 832 13.55 -46.35 -29.79
N VAL B 833 12.90 -45.75 -30.79
CA VAL B 833 13.44 -44.56 -31.44
C VAL B 833 13.41 -43.37 -30.49
N GLY B 834 12.32 -43.24 -29.73
CA GLY B 834 12.17 -42.12 -28.82
C GLY B 834 13.18 -42.13 -27.69
N ALA B 835 13.52 -43.33 -27.21
CA ALA B 835 14.56 -43.45 -26.21
C ALA B 835 15.92 -43.08 -26.80
N PHE B 836 16.12 -43.40 -28.08
CA PHE B 836 17.39 -43.10 -28.73
C PHE B 836 17.57 -41.60 -28.91
N ALA B 837 16.52 -40.91 -29.36
CA ALA B 837 16.65 -39.49 -29.66
C ALA B 837 16.66 -38.66 -28.38
N ALA B 838 16.06 -39.18 -27.31
CA ALA B 838 16.12 -38.48 -26.04
C ALA B 838 17.54 -38.51 -25.48
N PHE B 839 18.20 -39.66 -25.56
CA PHE B 839 19.59 -39.75 -25.14
C PHE B 839 20.50 -39.03 -26.13
N SER B 840 20.04 -38.86 -27.37
CA SER B 840 20.72 -37.93 -28.27
C SER B 840 20.53 -36.50 -27.79
N LEU B 841 19.28 -36.03 -27.72
CA LEU B 841 19.02 -34.60 -27.53
C LEU B 841 19.28 -34.13 -26.11
N MET B 842 19.67 -35.04 -25.21
CA MET B 842 20.11 -34.59 -23.89
C MET B 842 21.63 -34.55 -23.81
N THR B 843 22.30 -35.48 -24.49
CA THR B 843 23.76 -35.48 -24.46
C THR B 843 24.32 -34.46 -25.44
N ILE B 844 23.64 -34.26 -26.57
CA ILE B 844 23.96 -33.16 -27.47
C ILE B 844 23.69 -31.82 -26.79
N ALA B 845 22.69 -31.79 -25.91
CA ALA B 845 22.38 -30.56 -25.19
C ALA B 845 23.45 -30.21 -24.17
N VAL B 846 24.01 -31.21 -23.50
CA VAL B 846 25.03 -30.89 -22.51
C VAL B 846 26.39 -30.68 -23.15
N GLY B 847 26.61 -31.21 -24.37
CA GLY B 847 27.86 -30.97 -25.05
C GLY B 847 27.81 -29.75 -25.95
N THR B 848 27.15 -28.69 -25.49
CA THR B 848 26.99 -27.45 -26.24
C THR B 848 27.27 -26.32 -25.27
N ASP B 849 27.66 -25.17 -25.82
CA ASP B 849 28.08 -24.03 -25.01
C ASP B 849 27.23 -22.79 -25.23
N TYR B 850 26.04 -22.92 -25.81
CA TYR B 850 25.09 -21.82 -25.81
C TYR B 850 23.69 -22.23 -25.36
N TRP B 851 23.65 -22.80 -24.16
CA TRP B 851 22.46 -22.72 -23.32
C TRP B 851 21.94 -21.29 -23.22
N LEU B 852 22.82 -20.31 -23.05
CA LEU B 852 22.35 -18.96 -22.81
C LEU B 852 23.29 -17.91 -23.39
N TYR B 853 22.72 -17.01 -24.19
CA TYR B 853 23.39 -15.81 -24.67
C TYR B 853 23.26 -14.73 -23.61
N SER B 854 24.38 -14.06 -23.27
CA SER B 854 24.35 -12.95 -22.34
C SER B 854 25.48 -11.98 -22.61
N ARG B 855 25.44 -10.84 -21.93
CA ARG B 855 26.48 -9.84 -22.09
C ARG B 855 27.55 -10.01 -21.03
N GLY B 856 28.79 -9.73 -21.38
CA GLY B 856 29.87 -9.86 -20.42
C GLY B 856 31.23 -9.79 -21.07
N VAL B 857 32.21 -10.34 -20.36
CA VAL B 857 33.61 -10.28 -20.78
C VAL B 857 34.08 -11.67 -21.16
N CYS B 858 34.66 -11.77 -22.36
CA CYS B 858 34.99 -13.05 -22.99
C CYS B 858 36.21 -13.73 -22.37
N LYS B 859 37.11 -12.98 -21.75
CA LYS B 859 38.36 -13.54 -21.24
C LYS B 859 38.70 -12.92 -19.90
N THR B 860 39.61 -13.56 -19.19
CA THR B 860 40.15 -13.08 -17.93
C THR B 860 41.50 -12.44 -18.20
N LYS B 861 42.17 -12.01 -17.14
CA LYS B 861 43.51 -11.49 -17.30
C LYS B 861 44.52 -12.62 -17.50
N VAL B 875 29.64 -6.55 -25.37
CA VAL B 875 30.13 -7.84 -25.82
C VAL B 875 29.18 -8.94 -25.36
N MET B 876 28.46 -9.52 -26.31
CA MET B 876 27.52 -10.58 -25.99
C MET B 876 28.22 -11.94 -26.10
N THR B 877 28.08 -12.76 -25.07
CA THR B 877 28.76 -14.05 -24.99
C THR B 877 27.74 -15.16 -24.81
N HIS B 878 28.07 -16.34 -25.28
CA HIS B 878 27.15 -17.46 -25.14
C HIS B 878 27.76 -18.53 -24.23
N SER B 879 27.01 -18.93 -23.21
CA SER B 879 27.54 -19.71 -22.11
C SER B 879 26.84 -21.06 -22.03
N GLY B 880 27.58 -22.07 -21.56
CA GLY B 880 27.02 -23.39 -21.33
C GLY B 880 27.11 -23.81 -19.88
N LEU B 881 27.00 -25.11 -19.67
CA LEU B 881 27.14 -25.66 -18.32
C LEU B 881 28.59 -25.72 -17.90
N TRP B 882 29.50 -25.89 -18.85
CA TRP B 882 30.89 -26.11 -18.52
C TRP B 882 31.81 -24.98 -18.95
N ARG B 883 31.36 -24.09 -19.84
CA ARG B 883 32.24 -23.07 -20.39
C ARG B 883 31.40 -21.92 -20.92
N THR B 884 32.08 -20.83 -21.27
CA THR B 884 31.46 -19.70 -21.94
C THR B 884 32.38 -19.21 -23.06
N CYS B 885 31.78 -18.95 -24.22
CA CYS B 885 32.53 -18.52 -25.39
C CYS B 885 31.79 -17.33 -25.99
N CYS B 886 32.52 -16.31 -26.41
CA CYS B 886 31.87 -15.08 -26.84
C CYS B 886 31.54 -15.10 -28.33
N LEU B 887 30.85 -14.04 -28.76
CA LEU B 887 30.63 -13.78 -30.17
C LEU B 887 30.48 -12.29 -30.41
N GLU B 888 30.73 -11.87 -31.67
CA GLU B 888 30.61 -10.48 -32.12
C GLU B 888 31.49 -9.54 -31.31
N GLY B 889 32.80 -9.80 -31.32
CA GLY B 889 33.72 -9.00 -30.54
C GLY B 889 35.14 -9.11 -31.07
N ASN B 890 36.07 -8.65 -30.22
CA ASN B 890 37.49 -8.71 -30.57
C ASN B 890 37.97 -10.15 -30.67
N PHE B 891 37.44 -11.02 -29.81
CA PHE B 891 37.70 -12.44 -29.88
C PHE B 891 36.44 -13.14 -30.34
N LYS B 892 36.59 -14.22 -31.09
CA LYS B 892 35.47 -14.94 -31.67
C LYS B 892 35.77 -16.42 -31.63
N GLY B 893 35.16 -17.13 -30.69
CA GLY B 893 35.50 -18.50 -30.43
C GLY B 893 36.47 -18.69 -29.29
N LEU B 894 36.91 -17.61 -28.64
CA LEU B 894 37.68 -17.72 -27.41
C LEU B 894 36.77 -18.21 -26.30
N CYS B 895 37.32 -19.03 -25.41
CA CYS B 895 36.53 -19.67 -24.36
C CYS B 895 37.29 -19.63 -23.04
N LYS B 896 36.65 -19.08 -22.00
CA LYS B 896 37.20 -19.03 -20.66
C LYS B 896 36.42 -19.98 -19.76
N GLN B 897 36.94 -20.22 -18.56
CA GLN B 897 36.42 -21.27 -17.70
C GLN B 897 35.85 -20.72 -16.40
N ILE B 898 34.54 -20.89 -16.26
CA ILE B 898 33.85 -20.66 -15.00
C ILE B 898 34.11 -21.83 -14.04
N ASP B 899 33.80 -21.60 -12.77
CA ASP B 899 33.67 -22.65 -11.76
C ASP B 899 32.82 -22.11 -10.60
N HIS B 900 32.92 -22.79 -9.46
CA HIS B 900 32.37 -22.29 -8.21
C HIS B 900 32.97 -20.94 -7.87
N PHE B 901 32.11 -19.97 -7.59
CA PHE B 901 32.53 -18.58 -7.46
C PHE B 901 32.36 -18.10 -6.02
N PRO B 902 33.38 -17.46 -5.46
CA PRO B 902 33.26 -16.94 -4.09
C PRO B 902 32.61 -15.56 -4.05
N GLU B 903 32.41 -15.08 -2.82
CA GLU B 903 31.72 -13.83 -2.57
C GLU B 903 32.15 -13.32 -1.19
N ASP B 904 31.99 -12.02 -0.97
CA ASP B 904 32.39 -11.37 0.28
C ASP B 904 31.54 -11.85 1.46
N ALA B 905 32.08 -11.74 2.67
CA ALA B 905 31.48 -12.04 3.98
C ALA B 905 31.25 -13.53 4.20
N ASP B 906 31.68 -14.40 3.28
CA ASP B 906 31.87 -15.84 3.46
C ASP B 906 30.59 -16.60 3.79
N TYR B 907 29.41 -16.07 3.43
CA TYR B 907 28.10 -16.75 3.38
C TYR B 907 27.74 -17.56 4.65
N GLU B 908 28.20 -17.07 5.80
CA GLU B 908 28.38 -17.91 7.00
C GLU B 908 27.08 -18.51 7.51
N ALA B 909 25.95 -17.85 7.27
CA ALA B 909 24.67 -18.49 7.51
C ALA B 909 24.26 -19.33 6.32
N ASP B 910 24.32 -18.75 5.12
CA ASP B 910 23.80 -19.39 3.91
C ASP B 910 24.78 -20.42 3.34
N THR B 911 24.90 -21.53 4.07
CA THR B 911 25.47 -22.74 3.48
C THR B 911 24.52 -23.30 2.42
N ALA B 912 23.22 -22.96 2.53
CA ALA B 912 22.27 -23.27 1.48
C ALA B 912 22.58 -22.51 0.19
N GLU B 913 23.29 -21.37 0.29
CA GLU B 913 23.81 -20.74 -0.91
C GLU B 913 25.03 -21.47 -1.42
N TYR B 914 25.85 -22.00 -0.50
CA TYR B 914 27.00 -22.82 -0.92
C TYR B 914 26.53 -24.12 -1.57
N PHE B 915 25.35 -24.62 -1.17
CA PHE B 915 24.79 -25.78 -1.83
C PHE B 915 24.39 -25.46 -3.25
N LEU B 916 23.90 -24.24 -3.49
CA LEU B 916 23.38 -23.90 -4.80
C LEU B 916 24.51 -23.65 -5.79
N ARG B 917 25.62 -23.08 -5.32
CA ARG B 917 26.74 -22.85 -6.23
C ARG B 917 27.45 -24.14 -6.57
N ALA B 918 27.45 -25.10 -5.65
CA ALA B 918 28.19 -26.33 -5.87
C ALA B 918 27.48 -27.24 -6.86
N VAL B 919 26.16 -27.35 -6.74
CA VAL B 919 25.39 -28.27 -7.58
C VAL B 919 25.33 -27.76 -9.01
N ARG B 920 25.33 -26.44 -9.20
CA ARG B 920 25.34 -25.92 -10.56
C ARG B 920 26.72 -26.06 -11.19
N ALA B 921 27.78 -25.91 -10.38
CA ALA B 921 29.15 -26.00 -10.88
C ALA B 921 29.47 -27.40 -11.39
N SER B 922 29.55 -28.37 -10.48
CA SER B 922 29.60 -29.75 -10.92
C SER B 922 28.15 -30.13 -11.15
N SER B 923 27.72 -30.01 -12.40
CA SER B 923 26.30 -30.16 -12.72
C SER B 923 25.88 -31.62 -12.58
N ILE B 924 25.63 -32.03 -11.35
CA ILE B 924 25.31 -33.43 -11.09
C ILE B 924 23.92 -33.77 -11.62
N PHE B 925 23.00 -32.81 -11.58
CA PHE B 925 21.62 -33.09 -11.94
C PHE B 925 21.38 -33.26 -13.45
N PRO B 926 21.93 -32.44 -14.36
CA PRO B 926 21.76 -32.80 -15.78
C PRO B 926 22.60 -33.98 -16.19
N ILE B 927 23.72 -34.22 -15.53
CA ILE B 927 24.54 -35.39 -15.86
C ILE B 927 23.86 -36.65 -15.35
N LEU B 928 23.17 -36.57 -14.21
CA LEU B 928 22.33 -37.68 -13.77
C LEU B 928 21.15 -37.85 -14.71
N SER B 929 20.69 -36.76 -15.33
CA SER B 929 19.67 -36.86 -16.36
C SER B 929 20.23 -37.49 -17.62
N VAL B 930 21.55 -37.41 -17.82
CA VAL B 930 22.16 -38.11 -18.93
C VAL B 930 22.30 -39.60 -18.61
N ILE B 931 22.95 -39.92 -17.49
CA ILE B 931 23.40 -41.28 -17.27
C ILE B 931 22.24 -42.20 -16.91
N LEU B 932 21.15 -41.65 -16.38
CA LEU B 932 19.94 -42.47 -16.24
C LEU B 932 19.27 -42.69 -17.57
N LEU B 933 19.40 -41.73 -18.49
CA LEU B 933 18.75 -41.85 -19.78
C LEU B 933 19.51 -42.82 -20.68
N PHE B 934 20.75 -43.15 -20.32
CA PHE B 934 21.40 -44.29 -20.94
C PHE B 934 20.94 -45.60 -20.30
N MET B 935 20.62 -45.56 -19.01
CA MET B 935 20.17 -46.76 -18.32
C MET B 935 18.80 -47.20 -18.80
N GLY B 936 17.92 -46.23 -19.06
CA GLY B 936 16.66 -46.56 -19.70
C GLY B 936 16.86 -46.96 -21.15
N GLY B 937 17.85 -46.37 -21.82
CA GLY B 937 18.19 -46.78 -23.16
C GLY B 937 18.88 -48.13 -23.19
N LEU B 938 19.38 -48.57 -22.05
CA LEU B 938 19.91 -49.93 -21.93
C LEU B 938 18.77 -50.94 -21.83
N CYS B 939 17.79 -50.67 -20.97
CA CYS B 939 16.73 -51.64 -20.70
C CYS B 939 15.75 -51.72 -21.86
N ILE B 940 15.62 -50.65 -22.64
CA ILE B 940 14.68 -50.69 -23.76
C ILE B 940 15.27 -51.49 -24.92
N ALA B 941 16.60 -51.60 -24.96
CA ALA B 941 17.24 -52.45 -25.97
C ALA B 941 17.39 -53.87 -25.47
N ALA B 942 17.74 -54.03 -24.19
CA ALA B 942 17.92 -55.34 -23.59
C ALA B 942 16.63 -55.91 -23.02
N SER B 943 15.48 -55.51 -23.55
CA SER B 943 14.25 -56.20 -23.22
C SER B 943 14.07 -57.44 -24.07
N GLU B 944 14.71 -57.46 -25.26
CA GLU B 944 14.66 -58.65 -26.11
C GLU B 944 15.46 -59.79 -25.49
N PHE B 945 16.70 -59.51 -25.09
CA PHE B 945 17.41 -60.39 -24.18
C PHE B 945 16.72 -60.39 -22.82
N TYR B 946 16.91 -61.48 -22.06
CA TYR B 946 16.13 -61.79 -20.85
C TYR B 946 14.64 -61.76 -21.15
N LYS B 947 14.26 -62.43 -22.23
CA LYS B 947 12.88 -62.40 -22.72
C LYS B 947 11.96 -63.13 -21.76
N THR B 948 10.79 -62.52 -21.52
CA THR B 948 9.70 -62.96 -20.65
C THR B 948 10.18 -63.00 -19.20
N ARG B 949 10.85 -61.93 -18.74
CA ARG B 949 11.02 -61.76 -17.31
C ARG B 949 9.99 -60.78 -16.76
N HIS B 950 9.61 -59.80 -17.61
CA HIS B 950 8.57 -58.80 -17.32
C HIS B 950 8.93 -57.98 -16.08
N ASN B 951 10.20 -57.60 -16.00
CA ASN B 951 10.70 -56.77 -14.90
C ASN B 951 11.60 -55.72 -15.50
N ILE B 952 11.99 -55.92 -16.75
CA ILE B 952 12.90 -54.98 -17.41
C ILE B 952 12.13 -53.76 -17.87
N ILE B 953 10.89 -53.97 -18.31
CA ILE B 953 10.02 -52.87 -18.72
C ILE B 953 9.71 -51.98 -17.52
N LEU B 954 9.49 -52.58 -16.36
CA LEU B 954 9.40 -51.84 -15.10
C LEU B 954 10.71 -51.10 -14.82
N SER B 955 11.83 -51.77 -15.07
CA SER B 955 13.12 -51.15 -14.82
C SER B 955 13.40 -50.06 -15.84
N ALA B 956 12.79 -50.17 -17.02
CA ALA B 956 12.99 -49.16 -18.05
C ALA B 956 12.25 -47.88 -17.73
N GLY B 957 10.93 -47.98 -17.56
CA GLY B 957 10.09 -46.78 -17.54
C GLY B 957 10.29 -45.93 -16.30
N ILE B 958 10.69 -46.55 -15.19
CA ILE B 958 11.01 -45.78 -14.00
C ILE B 958 12.29 -44.98 -14.22
N PHE B 959 13.22 -45.54 -14.99
CA PHE B 959 14.43 -44.79 -15.32
C PHE B 959 14.15 -43.65 -16.28
N PHE B 960 13.15 -43.81 -17.17
CA PHE B 960 12.80 -42.70 -18.05
C PHE B 960 12.12 -41.57 -17.28
N VAL B 961 11.33 -41.93 -16.26
CA VAL B 961 10.71 -40.92 -15.42
C VAL B 961 11.75 -40.22 -14.55
N SER B 962 12.65 -41.00 -13.95
CA SER B 962 13.69 -40.43 -13.10
C SER B 962 14.65 -39.58 -13.89
N ALA B 963 14.84 -39.89 -15.17
CA ALA B 963 15.63 -39.01 -16.03
C ALA B 963 14.89 -37.71 -16.30
N GLY B 964 13.57 -37.73 -16.21
CA GLY B 964 12.83 -36.50 -16.34
C GLY B 964 12.89 -35.65 -15.08
N LEU B 965 12.72 -36.28 -13.93
CA LEU B 965 12.74 -35.53 -12.67
C LEU B 965 14.12 -35.00 -12.37
N SER B 966 15.16 -35.75 -12.74
CA SER B 966 16.51 -35.26 -12.56
C SER B 966 16.81 -34.11 -13.52
N ASN B 967 16.07 -34.04 -14.62
CA ASN B 967 16.34 -32.98 -15.58
C ASN B 967 15.79 -31.65 -15.12
N ILE B 968 14.54 -31.64 -14.62
CA ILE B 968 13.90 -30.37 -14.30
C ILE B 968 14.45 -29.81 -13.00
N ILE B 969 15.02 -30.66 -12.14
CA ILE B 969 15.72 -30.13 -10.98
C ILE B 969 17.08 -29.60 -11.41
N GLY B 970 17.57 -30.04 -12.58
CA GLY B 970 18.74 -29.42 -13.15
C GLY B 970 18.42 -28.08 -13.79
N ILE B 971 17.20 -27.94 -14.31
CA ILE B 971 16.81 -26.67 -14.92
C ILE B 971 16.64 -25.60 -13.86
N ILE B 972 16.17 -25.98 -12.68
CA ILE B 972 15.98 -25.00 -11.62
C ILE B 972 17.32 -24.48 -11.10
N VAL B 973 18.26 -25.40 -10.83
CA VAL B 973 19.55 -24.99 -10.29
C VAL B 973 20.38 -24.29 -11.36
N TYR B 974 20.01 -24.47 -12.62
CA TYR B 974 20.59 -23.63 -13.66
C TYR B 974 20.08 -22.20 -13.52
N ILE B 975 18.76 -22.02 -13.50
CA ILE B 975 18.21 -20.68 -13.57
C ILE B 975 18.32 -19.98 -12.22
N SER B 976 18.31 -20.74 -11.12
CA SER B 976 18.44 -20.10 -9.81
C SER B 976 19.85 -19.58 -9.60
N ALA B 977 20.85 -20.21 -10.22
CA ALA B 977 22.22 -19.73 -10.08
C ALA B 977 22.49 -18.52 -10.96
N ASN B 978 21.84 -18.45 -12.12
CA ASN B 978 22.04 -17.35 -13.05
C ASN B 978 21.54 -16.03 -12.46
N ALA B 979 20.23 -15.90 -12.29
CA ALA B 979 19.68 -14.62 -11.87
C ALA B 979 19.81 -14.42 -10.37
N GLY B 980 19.45 -15.43 -9.59
CA GLY B 980 19.62 -15.35 -8.15
C GLY B 980 21.02 -15.79 -7.79
N LYS B 989 19.60 -2.63 -18.21
CA LYS B 989 18.96 -3.86 -17.76
C LYS B 989 19.76 -5.08 -18.17
N ASN B 990 19.34 -6.24 -17.70
CA ASN B 990 19.92 -7.52 -18.08
C ASN B 990 18.98 -8.22 -19.04
N SER B 991 19.26 -8.12 -20.34
CA SER B 991 18.43 -8.70 -21.37
C SER B 991 19.14 -9.88 -21.98
N TYR B 992 18.64 -11.08 -21.73
CA TYR B 992 19.27 -12.29 -22.20
C TYR B 992 18.23 -13.21 -22.83
N SER B 993 18.71 -14.13 -23.65
CA SER B 993 17.87 -15.06 -24.38
C SER B 993 18.40 -16.47 -24.19
N TYR B 994 17.52 -17.40 -23.85
CA TYR B 994 17.91 -18.80 -23.73
C TYR B 994 18.20 -19.39 -25.10
N GLY B 995 19.11 -20.35 -25.13
CA GLY B 995 19.72 -20.72 -26.39
C GLY B 995 19.15 -21.98 -27.02
N TRP B 996 19.68 -22.24 -28.21
CA TRP B 996 19.37 -23.43 -29.00
C TRP B 996 19.75 -24.71 -28.26
N SER B 997 20.70 -24.61 -27.34
CA SER B 997 20.98 -25.73 -26.45
C SER B 997 19.87 -25.91 -25.43
N PHE B 998 19.37 -24.80 -24.87
CA PHE B 998 18.51 -24.86 -23.70
C PHE B 998 17.14 -25.40 -24.03
N TYR B 999 16.68 -25.17 -25.26
CA TYR B 999 15.36 -25.68 -25.62
C TYR B 999 15.46 -27.10 -26.15
N PHE B 1000 16.67 -27.66 -26.20
CA PHE B 1000 16.79 -29.09 -26.40
C PHE B 1000 16.70 -29.84 -25.08
N GLY B 1001 17.33 -29.29 -24.02
CA GLY B 1001 17.22 -29.90 -22.72
C GLY B 1001 15.80 -29.88 -22.19
N ALA B 1002 15.05 -28.84 -22.51
CA ALA B 1002 13.63 -28.83 -22.24
C ALA B 1002 12.91 -29.85 -23.09
N LEU B 1003 13.31 -30.00 -24.36
CA LEU B 1003 12.65 -30.96 -25.23
C LEU B 1003 13.07 -32.37 -24.87
N SER B 1004 14.26 -32.52 -24.30
CA SER B 1004 14.69 -33.84 -23.85
C SER B 1004 13.86 -34.30 -22.67
N PHE B 1005 13.39 -33.36 -21.85
CA PHE B 1005 12.52 -33.70 -20.73
C PHE B 1005 11.20 -34.28 -21.20
N ILE B 1006 10.57 -33.67 -22.20
CA ILE B 1006 9.24 -34.09 -22.62
C ILE B 1006 9.28 -35.45 -23.28
N ILE B 1007 10.31 -35.69 -24.09
CA ILE B 1007 10.46 -36.97 -24.79
C ILE B 1007 10.79 -38.08 -23.80
N ALA B 1008 11.51 -37.75 -22.74
CA ALA B 1008 11.82 -38.75 -21.72
C ALA B 1008 10.57 -39.12 -20.93
N GLU B 1009 9.58 -38.24 -20.89
CA GLU B 1009 8.33 -38.59 -20.24
C GLU B 1009 7.50 -39.49 -21.13
N MET B 1010 7.39 -39.15 -22.41
CA MET B 1010 6.46 -39.84 -23.29
C MET B 1010 6.96 -41.25 -23.61
N VAL B 1011 8.27 -41.46 -23.52
CA VAL B 1011 8.77 -42.83 -23.56
C VAL B 1011 8.34 -43.58 -22.30
N GLY B 1012 8.36 -42.89 -21.16
CA GLY B 1012 8.07 -43.54 -19.89
C GLY B 1012 6.62 -43.97 -19.76
N VAL B 1013 5.69 -43.19 -20.32
CA VAL B 1013 4.29 -43.59 -20.28
C VAL B 1013 4.03 -44.72 -21.29
N LEU B 1014 4.74 -44.73 -22.42
CA LEU B 1014 4.60 -45.84 -23.36
C LEU B 1014 5.23 -47.10 -22.81
N ALA B 1015 6.21 -46.96 -21.91
CA ALA B 1015 6.75 -48.15 -21.26
C ALA B 1015 5.73 -48.77 -20.33
N VAL B 1016 4.97 -47.95 -19.60
CA VAL B 1016 4.06 -48.48 -18.60
C VAL B 1016 2.84 -49.10 -19.27
N HIS B 1017 2.44 -48.57 -20.43
CA HIS B 1017 1.41 -49.23 -21.24
C HIS B 1017 1.84 -50.63 -21.64
N MET B 1018 3.12 -50.83 -21.92
CA MET B 1018 3.62 -52.16 -22.24
C MET B 1018 3.61 -53.06 -21.01
N PHE B 1019 4.03 -52.52 -19.87
CA PHE B 1019 4.14 -53.35 -18.68
C PHE B 1019 2.78 -53.77 -18.16
N ILE B 1020 1.75 -52.94 -18.38
CA ILE B 1020 0.41 -53.40 -18.06
C ILE B 1020 -0.05 -54.43 -19.08
N ASP B 1021 0.34 -54.25 -20.35
CA ASP B 1021 -0.07 -55.16 -21.40
C ASP B 1021 0.53 -56.55 -21.23
N ARG B 1022 1.75 -56.62 -20.68
CA ARG B 1022 2.34 -57.92 -20.43
C ARG B 1022 1.62 -58.63 -19.29
N HIS B 1023 1.28 -57.90 -18.23
CA HIS B 1023 0.49 -58.50 -17.16
C HIS B 1023 -0.99 -58.53 -17.52
N LYS B 1024 -1.38 -57.92 -18.64
CA LYS B 1024 -2.69 -58.21 -19.19
C LYS B 1024 -2.66 -59.49 -20.01
N GLN B 1025 -1.54 -59.78 -20.67
CA GLN B 1025 -1.40 -61.04 -21.38
C GLN B 1025 -0.98 -62.15 -20.44
N LEU B 1026 -0.48 -61.80 -19.25
CA LEU B 1026 -0.14 -62.82 -18.26
C LEU B 1026 -1.39 -63.33 -17.56
N THR B 1027 -2.41 -62.49 -17.43
CA THR B 1027 -3.71 -62.97 -16.95
C THR B 1027 -4.43 -63.76 -18.03
N GLY B 1028 -4.51 -63.21 -19.24
CA GLY B 1028 -5.15 -63.87 -20.36
C GLY B 1028 -4.26 -64.91 -21.02
N THR C 385 63.87 22.82 -12.52
CA THR C 385 62.52 22.35 -12.78
C THR C 385 61.52 23.21 -12.05
N VAL C 386 60.25 22.81 -12.11
CA VAL C 386 59.25 23.46 -11.29
C VAL C 386 58.86 22.52 -10.15
N VAL C 387 58.22 23.08 -9.14
CA VAL C 387 57.80 22.30 -7.98
C VAL C 387 56.31 22.03 -8.11
N VAL C 388 55.93 20.76 -8.16
CA VAL C 388 54.55 20.39 -8.39
C VAL C 388 54.07 19.65 -7.14
N THR C 389 53.54 20.40 -6.17
CA THR C 389 53.17 19.83 -4.89
C THR C 389 51.82 19.14 -5.00
N THR C 390 51.65 18.08 -4.22
CA THR C 390 50.41 17.30 -4.17
C THR C 390 50.12 16.91 -2.73
N ILE C 391 48.95 16.33 -2.54
CA ILE C 391 48.60 15.65 -1.29
C ILE C 391 48.36 14.19 -1.61
N LEU C 392 48.68 13.32 -0.66
CA LEU C 392 48.61 11.88 -0.87
C LEU C 392 47.17 11.44 -0.66
N GLU C 393 46.43 11.28 -1.75
CA GLU C 393 45.07 10.80 -1.63
C GLU C 393 44.67 10.05 -2.89
N SER C 394 44.13 8.86 -2.70
CA SER C 394 43.68 8.05 -3.81
C SER C 394 42.36 8.59 -4.35
N PRO C 395 42.15 8.53 -5.67
CA PRO C 395 43.09 8.14 -6.71
C PRO C 395 43.73 9.34 -7.36
N TYR C 396 43.77 10.46 -6.63
CA TYR C 396 44.39 11.65 -7.20
C TYR C 396 45.90 11.51 -7.20
N VAL C 397 46.47 11.03 -6.10
CA VAL C 397 47.85 10.58 -6.03
C VAL C 397 47.85 9.26 -5.28
N MET C 398 48.31 8.20 -5.93
CA MET C 398 48.41 6.90 -5.28
C MET C 398 49.87 6.47 -5.24
N MET C 399 50.24 5.77 -4.17
CA MET C 399 51.56 5.16 -4.10
C MET C 399 51.70 4.06 -5.14
N LYS C 400 52.65 4.23 -6.05
CA LYS C 400 52.96 3.19 -7.01
C LYS C 400 53.57 1.99 -6.29
N LYS C 401 53.33 0.79 -6.84
CA LYS C 401 53.79 -0.45 -6.23
C LYS C 401 55.31 -0.53 -6.16
N ASN C 402 55.98 -0.19 -7.26
CA ASN C 402 57.44 -0.24 -7.32
C ASN C 402 58.05 1.14 -7.08
N HIS C 403 57.93 1.62 -5.85
CA HIS C 403 58.46 2.93 -5.52
C HIS C 403 59.97 2.89 -5.36
N GLU C 404 60.50 1.83 -4.76
CA GLU C 404 61.94 1.76 -4.53
C GLU C 404 62.67 1.28 -5.76
N MET C 405 61.94 0.69 -6.71
CA MET C 405 62.53 0.41 -8.02
C MET C 405 62.61 1.69 -8.85
N LEU C 406 61.52 2.43 -8.94
CA LEU C 406 61.45 3.54 -9.87
C LEU C 406 61.92 4.82 -9.20
N GLU C 407 62.03 5.89 -10.00
CA GLU C 407 62.76 7.07 -9.58
C GLU C 407 62.05 8.34 -10.06
N GLY C 408 62.07 9.37 -9.21
CA GLY C 408 61.70 10.70 -9.65
C GLY C 408 60.20 10.90 -9.65
N ASN C 409 59.69 11.42 -10.78
CA ASN C 409 58.25 11.60 -10.93
C ASN C 409 57.58 10.29 -11.27
N GLU C 410 58.36 9.28 -11.65
CA GLU C 410 57.82 7.95 -11.89
C GLU C 410 57.57 7.21 -10.59
N ARG C 411 58.00 7.79 -9.45
CA ARG C 411 57.72 7.19 -8.15
C ARG C 411 56.23 7.21 -7.83
N TYR C 412 55.50 8.17 -8.40
CA TYR C 412 54.10 8.33 -8.09
C TYR C 412 53.23 8.13 -9.33
N GLU C 413 52.02 7.68 -9.09
CA GLU C 413 51.02 7.51 -10.13
C GLU C 413 49.67 7.88 -9.57
N GLY C 414 48.99 8.77 -10.25
CA GLY C 414 47.71 9.26 -9.79
C GLY C 414 47.03 10.08 -10.85
N TYR C 415 45.84 10.57 -10.50
CA TYR C 415 45.11 11.44 -11.41
C TYR C 415 45.89 12.72 -11.67
N CYS C 416 46.33 13.37 -10.60
CA CYS C 416 47.06 14.61 -10.74
C CYS C 416 48.42 14.38 -11.37
N VAL C 417 49.02 13.22 -11.08
CA VAL C 417 50.29 12.83 -11.67
C VAL C 417 50.15 12.68 -13.19
N ASP C 418 49.01 12.13 -13.63
CA ASP C 418 48.74 12.10 -15.06
C ASP C 418 48.40 13.50 -15.58
N LEU C 419 47.65 14.27 -14.79
CA LEU C 419 47.24 15.58 -15.26
C LEU C 419 48.41 16.55 -15.29
N ALA C 420 49.38 16.35 -14.40
CA ALA C 420 50.59 17.17 -14.44
C ALA C 420 51.40 16.89 -15.69
N ALA C 421 51.43 15.63 -16.11
CA ALA C 421 52.14 15.27 -17.32
C ALA C 421 51.45 15.83 -18.55
N GLU C 422 50.12 15.92 -18.51
CA GLU C 422 49.38 16.40 -19.67
C GLU C 422 49.55 17.90 -19.85
N ILE C 423 49.52 18.65 -18.75
CA ILE C 423 49.60 20.10 -18.85
C ILE C 423 51.04 20.52 -19.19
N ALA C 424 52.02 19.74 -18.75
CA ALA C 424 53.40 20.11 -18.99
C ALA C 424 53.80 19.86 -20.44
N LYS C 425 53.07 18.97 -21.10
CA LYS C 425 53.23 18.83 -22.54
C LYS C 425 52.76 20.09 -23.27
N HIS C 426 51.58 20.58 -22.92
CA HIS C 426 51.00 21.70 -23.67
C HIS C 426 51.64 23.02 -23.28
N CYS C 427 52.19 23.11 -22.08
CA CYS C 427 52.85 24.34 -21.68
C CYS C 427 54.35 24.29 -21.94
N GLY C 428 54.95 23.11 -21.86
CA GLY C 428 56.34 22.96 -22.22
C GLY C 428 57.30 23.29 -21.09
N PHE C 429 57.07 22.73 -19.91
CA PHE C 429 57.96 22.93 -18.80
C PHE C 429 58.35 21.59 -18.20
N LYS C 430 59.62 21.45 -17.87
CA LYS C 430 60.11 20.32 -17.09
C LYS C 430 59.58 20.43 -15.67
N TYR C 431 59.28 19.29 -15.05
CA TYR C 431 58.61 19.31 -13.76
C TYR C 431 59.11 18.21 -12.85
N LYS C 432 59.03 18.47 -11.55
CA LYS C 432 59.47 17.54 -10.52
C LYS C 432 58.44 17.53 -9.41
N LEU C 433 57.80 16.38 -9.21
CA LEU C 433 56.74 16.28 -8.23
C LEU C 433 57.31 16.29 -6.82
N THR C 434 56.50 16.77 -5.88
CA THR C 434 56.81 16.70 -4.46
C THR C 434 55.56 16.30 -3.70
N ILE C 435 55.72 16.12 -2.40
CA ILE C 435 54.62 15.84 -1.48
C ILE C 435 54.67 16.90 -0.39
N VAL C 436 53.50 17.35 0.07
CA VAL C 436 53.46 18.25 1.22
C VAL C 436 53.91 17.49 2.47
N GLY C 437 54.65 18.18 3.33
CA GLY C 437 55.08 17.57 4.57
C GLY C 437 53.98 17.54 5.62
N ASP C 438 53.06 18.50 5.54
CA ASP C 438 51.94 18.52 6.46
C ASP C 438 51.01 17.33 6.23
N GLY C 439 50.89 16.89 4.97
CA GLY C 439 49.86 15.94 4.62
C GLY C 439 48.48 16.50 4.80
N LYS C 440 48.31 17.81 4.59
CA LYS C 440 47.11 18.52 5.01
C LYS C 440 46.73 19.55 3.96
N TYR C 441 45.58 20.17 4.18
CA TYR C 441 45.15 21.29 3.35
C TYR C 441 45.40 22.61 4.05
N GLY C 442 45.99 23.55 3.32
CA GLY C 442 46.38 24.82 3.92
C GLY C 442 45.19 25.71 4.22
N ALA C 443 44.88 25.86 5.50
CA ALA C 443 43.87 26.80 5.99
C ALA C 443 44.49 27.62 7.12
N ARG C 444 43.77 28.64 7.58
CA ARG C 444 44.44 29.68 8.35
C ARG C 444 44.54 29.34 9.84
N ASP C 445 45.68 29.73 10.42
CA ASP C 445 45.87 29.68 11.85
C ASP C 445 45.15 30.84 12.51
N ALA C 446 44.76 30.64 13.77
CA ALA C 446 44.28 31.73 14.61
C ALA C 446 45.46 32.66 14.86
N ASP C 447 45.24 33.96 14.67
CA ASP C 447 46.10 35.09 15.00
C ASP C 447 47.38 35.10 14.14
N THR C 448 47.53 34.20 13.18
CA THR C 448 48.78 34.01 12.45
C THR C 448 48.61 34.03 10.95
N LYS C 449 47.49 33.47 10.44
CA LYS C 449 47.09 33.41 9.02
C LYS C 449 48.00 32.50 8.19
N ILE C 450 49.05 31.94 8.80
CA ILE C 450 50.03 31.11 8.08
C ILE C 450 49.37 29.77 7.82
N TRP C 451 49.32 29.39 6.56
CA TRP C 451 48.60 28.19 6.17
C TRP C 451 49.41 26.93 6.42
N ASN C 452 48.75 25.93 7.00
CA ASN C 452 49.38 24.66 7.33
C ASN C 452 48.80 23.61 6.39
N GLY C 453 49.56 23.25 5.36
CA GLY C 453 49.06 22.35 4.35
C GLY C 453 49.74 22.64 3.03
N MET C 454 49.09 22.25 1.92
CA MET C 454 49.72 22.39 0.61
C MET C 454 49.86 23.84 0.20
N VAL C 455 48.85 24.65 0.52
CA VAL C 455 48.85 26.01 -0.01
C VAL C 455 49.83 26.86 0.76
N GLY C 456 50.05 26.52 2.03
CA GLY C 456 51.13 27.13 2.79
C GLY C 456 52.50 26.80 2.22
N GLU C 457 52.60 25.67 1.54
CA GLU C 457 53.82 25.40 0.77
C GLU C 457 53.78 26.13 -0.56
N LEU C 458 52.58 26.49 -1.02
CA LEU C 458 52.45 27.12 -2.33
C LEU C 458 52.60 28.64 -2.24
N VAL C 459 52.08 29.24 -1.15
CA VAL C 459 52.14 30.70 -1.02
C VAL C 459 53.58 31.17 -0.82
N TYR C 460 54.34 30.44 -0.01
CA TYR C 460 55.55 30.99 0.59
C TYR C 460 56.79 30.78 -0.27
N GLY C 461 56.63 30.64 -1.57
CA GLY C 461 57.75 30.49 -2.48
C GLY C 461 58.37 29.11 -2.50
N LYS C 462 57.94 28.21 -1.62
CA LYS C 462 58.49 26.86 -1.58
C LYS C 462 58.07 26.08 -2.82
N ALA C 463 56.77 25.98 -3.06
CA ALA C 463 56.25 25.18 -4.16
C ALA C 463 55.81 26.10 -5.29
N ASP C 464 55.85 25.57 -6.52
CA ASP C 464 55.54 26.38 -7.69
C ASP C 464 54.11 26.17 -8.14
N ILE C 465 53.72 24.92 -8.41
CA ILE C 465 52.41 24.57 -8.92
C ILE C 465 51.79 23.57 -7.96
N ALA C 466 50.49 23.74 -7.70
CA ALA C 466 49.77 22.83 -6.82
C ALA C 466 48.66 22.16 -7.62
N ILE C 467 48.90 20.92 -8.04
CA ILE C 467 47.95 20.14 -8.82
C ILE C 467 47.41 19.08 -7.88
N ALA C 468 46.23 19.31 -7.34
CA ALA C 468 45.75 18.51 -6.22
C ALA C 468 44.25 18.70 -6.13
N PRO C 469 43.56 17.82 -5.41
CA PRO C 469 42.16 18.14 -5.10
C PRO C 469 42.05 19.26 -4.09
N LEU C 470 42.22 20.49 -4.57
CA LEU C 470 42.22 21.68 -3.76
C LEU C 470 40.97 22.49 -4.04
N THR C 471 40.12 22.63 -3.03
CA THR C 471 38.85 23.31 -3.18
C THR C 471 39.04 24.79 -3.43
N ILE C 472 38.46 25.29 -4.51
CA ILE C 472 38.45 26.71 -4.81
C ILE C 472 37.44 27.35 -3.87
N THR C 473 37.92 27.90 -2.77
CA THR C 473 37.10 28.71 -1.88
C THR C 473 37.69 30.11 -1.82
N LEU C 474 36.87 31.03 -1.28
CA LEU C 474 37.15 32.46 -1.39
C LEU C 474 38.41 32.83 -0.61
N VAL C 475 38.64 32.13 0.50
CA VAL C 475 39.79 32.39 1.35
C VAL C 475 41.08 32.11 0.61
N ARG C 476 41.08 31.09 -0.23
CA ARG C 476 42.30 30.76 -0.96
C ARG C 476 42.53 31.71 -2.11
N GLU C 477 41.48 31.96 -2.90
CA GLU C 477 41.63 32.64 -4.18
C GLU C 477 41.93 34.13 -3.99
N GLU C 478 41.65 34.66 -2.80
CA GLU C 478 41.99 36.07 -2.57
C GLU C 478 43.49 36.25 -2.36
N VAL C 479 44.22 35.18 -2.10
CA VAL C 479 45.66 35.29 -1.88
C VAL C 479 46.46 34.27 -2.69
N ILE C 480 45.83 33.38 -3.44
CA ILE C 480 46.53 32.61 -4.49
C ILE C 480 45.72 32.73 -5.77
N ASP C 481 46.30 32.27 -6.86
CA ASP C 481 45.52 32.15 -8.08
C ASP C 481 45.05 30.71 -8.27
N PHE C 482 43.89 30.57 -8.91
CA PHE C 482 43.44 29.28 -9.42
C PHE C 482 43.29 29.36 -10.92
N SER C 483 43.51 28.25 -11.61
CA SER C 483 43.01 28.12 -12.96
C SER C 483 41.53 27.75 -12.91
N LYS C 484 40.92 27.65 -14.08
CA LYS C 484 39.53 27.24 -14.16
C LYS C 484 39.42 25.80 -13.70
N PRO C 485 38.28 25.38 -13.13
CA PRO C 485 38.20 24.06 -12.52
C PRO C 485 38.31 22.93 -13.55
N PHE C 486 38.62 21.74 -13.04
CA PHE C 486 38.80 20.57 -13.87
C PHE C 486 37.92 19.40 -13.45
N MET C 487 37.16 19.56 -12.37
CA MET C 487 36.33 18.48 -11.88
C MET C 487 35.23 19.10 -11.04
N SER C 488 34.05 18.50 -11.09
CA SER C 488 32.87 19.02 -10.43
C SER C 488 32.38 18.03 -9.39
N LEU C 489 31.99 18.54 -8.24
CA LEU C 489 31.70 17.72 -7.07
C LEU C 489 30.91 18.52 -6.06
N GLY C 490 30.73 17.95 -4.87
CA GLY C 490 30.02 18.65 -3.83
C GLY C 490 30.05 17.89 -2.52
N ILE C 491 29.42 18.48 -1.50
CA ILE C 491 29.37 17.83 -0.20
C ILE C 491 28.37 16.69 -0.25
N SER C 492 28.79 15.51 0.20
CA SER C 492 27.95 14.33 0.15
C SER C 492 28.28 13.43 1.32
N ILE C 493 27.49 12.38 1.49
CA ILE C 493 27.50 11.55 2.68
C ILE C 493 27.95 10.15 2.28
N MET C 494 28.81 9.54 3.10
CA MET C 494 29.12 8.13 2.99
C MET C 494 28.52 7.43 4.19
N ILE C 495 27.68 6.43 3.94
CA ILE C 495 27.22 5.52 4.98
C ILE C 495 27.31 4.08 4.47
N LYS C 496 27.44 3.16 5.41
CA LYS C 496 27.56 1.76 5.08
C LYS C 496 26.20 1.16 4.79
N LYS C 497 26.04 0.58 3.61
CA LYS C 497 24.90 -0.31 3.43
C LYS C 497 25.18 -1.57 4.22
N PRO C 498 24.34 -1.89 5.20
CA PRO C 498 24.69 -2.94 6.17
C PRO C 498 24.74 -4.36 5.63
N GLN C 499 23.63 -4.85 5.07
CA GLN C 499 23.51 -6.25 4.68
C GLN C 499 22.83 -6.31 3.33
N LYS C 500 23.16 -7.32 2.53
CA LYS C 500 22.44 -7.52 1.28
C LYS C 500 21.16 -8.33 1.52
N SER C 501 21.31 -9.57 1.99
CA SER C 501 20.23 -10.43 2.51
C SER C 501 19.14 -10.68 1.49
N LYS C 502 19.52 -11.32 0.38
CA LYS C 502 18.56 -11.76 -0.61
C LYS C 502 17.67 -12.86 -0.03
N PRO C 503 16.47 -13.08 -0.58
CA PRO C 503 15.60 -14.13 -0.05
C PRO C 503 16.19 -15.53 -0.20
N GLY C 504 16.15 -16.28 0.90
CA GLY C 504 16.58 -17.66 0.90
C GLY C 504 15.63 -18.54 0.12
N VAL C 505 15.97 -19.83 0.07
CA VAL C 505 15.23 -20.68 -0.86
C VAL C 505 13.93 -21.14 -0.22
N PHE C 506 13.79 -21.07 1.09
CA PHE C 506 12.50 -21.37 1.73
C PHE C 506 11.81 -20.09 2.17
N SER C 507 11.89 -19.06 1.34
CA SER C 507 11.37 -17.76 1.74
C SER C 507 9.86 -17.68 1.64
N PHE C 508 9.23 -18.65 0.98
CA PHE C 508 7.78 -18.59 0.84
C PHE C 508 7.06 -18.90 2.16
N LEU C 509 7.73 -19.57 3.09
CA LEU C 509 7.15 -19.89 4.37
C LEU C 509 7.19 -18.73 5.34
N ASP C 510 7.86 -17.66 4.98
CA ASP C 510 8.06 -16.51 5.85
C ASP C 510 6.83 -15.80 6.43
N PRO C 511 5.75 -15.51 5.68
CA PRO C 511 4.69 -14.68 6.28
C PRO C 511 3.92 -15.30 7.43
N LEU C 512 4.12 -16.58 7.70
CA LEU C 512 3.72 -17.14 8.97
C LEU C 512 4.99 -17.50 9.73
N ALA C 513 4.96 -17.28 11.04
CA ALA C 513 6.12 -17.60 11.87
C ALA C 513 6.29 -19.10 11.99
N TYR C 514 7.48 -19.52 12.43
CA TYR C 514 7.73 -20.95 12.50
C TYR C 514 7.16 -21.58 13.76
N GLU C 515 6.52 -20.80 14.63
CA GLU C 515 5.72 -21.45 15.65
C GLU C 515 4.38 -21.84 15.09
N ILE C 516 3.88 -21.06 14.13
CA ILE C 516 2.56 -21.30 13.59
C ILE C 516 2.56 -22.54 12.70
N TRP C 517 3.56 -22.65 11.81
CA TRP C 517 3.69 -23.86 10.99
C TRP C 517 3.88 -25.09 11.84
N MET C 518 4.59 -24.95 12.95
CA MET C 518 4.71 -26.06 13.89
C MET C 518 3.39 -26.32 14.59
N CYS C 519 2.62 -25.28 14.88
CA CYS C 519 1.34 -25.52 15.52
C CYS C 519 0.26 -25.85 14.51
N ILE C 520 0.49 -25.61 13.22
CA ILE C 520 -0.41 -26.13 12.21
C ILE C 520 -0.26 -27.64 12.08
N VAL C 521 0.98 -28.12 12.00
CA VAL C 521 1.24 -29.54 11.81
C VAL C 521 0.80 -30.32 13.03
N PHE C 522 0.94 -29.74 14.21
CA PHE C 522 0.41 -30.38 15.41
C PHE C 522 -1.11 -30.38 15.39
N ALA C 523 -1.71 -29.34 14.84
CA ALA C 523 -3.17 -29.30 14.80
C ALA C 523 -3.71 -30.15 13.66
N TYR C 524 -2.92 -30.36 12.61
CA TYR C 524 -3.36 -31.22 11.52
C TYR C 524 -3.36 -32.68 11.95
N ILE C 525 -2.37 -33.08 12.72
CA ILE C 525 -2.39 -34.43 13.30
C ILE C 525 -3.45 -34.48 14.37
N GLY C 526 -3.63 -33.39 15.10
CA GLY C 526 -4.58 -33.37 16.20
C GLY C 526 -6.03 -33.45 15.74
N VAL C 527 -6.32 -32.88 14.57
CA VAL C 527 -7.67 -33.02 14.04
C VAL C 527 -7.88 -34.43 13.51
N SER C 528 -6.94 -34.91 12.71
CA SER C 528 -7.17 -36.10 11.92
C SER C 528 -7.24 -37.35 12.78
N VAL C 529 -6.68 -37.31 13.98
CA VAL C 529 -6.85 -38.43 14.89
C VAL C 529 -8.23 -38.37 15.54
N VAL C 530 -8.79 -37.17 15.67
CA VAL C 530 -10.09 -37.06 16.31
C VAL C 530 -11.19 -37.43 15.34
N LEU C 531 -11.00 -37.11 14.06
CA LEU C 531 -12.01 -37.45 13.08
C LEU C 531 -11.98 -38.94 12.79
N PHE C 532 -10.85 -39.60 13.03
CA PHE C 532 -10.82 -41.05 13.01
C PHE C 532 -11.57 -41.65 14.18
N LEU C 533 -11.31 -41.15 15.39
CA LEU C 533 -11.84 -41.77 16.60
C LEU C 533 -13.36 -41.68 16.66
N VAL C 534 -13.91 -40.58 16.16
CA VAL C 534 -15.36 -40.42 16.14
C VAL C 534 -15.99 -41.40 15.17
N SER C 535 -15.47 -41.46 13.96
CA SER C 535 -16.13 -42.22 12.91
C SER C 535 -15.91 -43.72 13.01
N ARG C 536 -15.20 -44.20 14.04
CA ARG C 536 -14.99 -45.63 14.27
C ARG C 536 -15.36 -45.98 15.71
N PHE C 537 -16.62 -46.36 15.92
CA PHE C 537 -17.13 -46.82 17.21
C PHE C 537 -17.96 -48.06 17.01
N SER C 538 -18.43 -48.63 18.11
CA SER C 538 -19.48 -49.62 18.02
C SER C 538 -20.77 -48.90 17.66
N PRO C 539 -21.41 -49.25 16.54
CA PRO C 539 -22.54 -48.47 16.02
C PRO C 539 -23.86 -48.77 16.74
N GLN C 554 -24.72 -55.71 9.77
CA GLN C 554 -23.85 -56.40 10.71
C GLN C 554 -22.63 -55.56 11.03
N SER C 555 -21.67 -55.53 10.11
CA SER C 555 -20.46 -54.70 10.27
C SER C 555 -20.80 -53.25 9.97
N SER C 556 -21.51 -52.63 10.92
CA SER C 556 -21.99 -51.28 10.69
C SER C 556 -21.08 -50.22 11.27
N GLU C 557 -19.87 -50.59 11.70
CA GLU C 557 -18.83 -49.57 11.86
C GLU C 557 -18.25 -49.21 10.51
N SER C 558 -18.37 -50.12 9.52
CA SER C 558 -17.77 -49.93 8.21
C SER C 558 -18.56 -48.97 7.33
N THR C 559 -19.71 -48.47 7.82
CA THR C 559 -20.50 -47.55 7.01
C THR C 559 -19.82 -46.20 6.88
N ASN C 560 -19.09 -45.78 7.91
CA ASN C 560 -18.19 -44.64 7.76
C ASN C 560 -16.96 -45.06 6.99
N GLU C 561 -16.66 -44.31 5.92
CA GLU C 561 -15.49 -44.57 5.11
C GLU C 561 -14.21 -44.08 5.74
N PHE C 562 -14.27 -43.56 6.96
CA PHE C 562 -13.11 -42.92 7.58
C PHE C 562 -12.38 -43.94 8.44
N GLY C 563 -11.40 -44.57 7.83
CA GLY C 563 -10.28 -45.09 8.57
C GLY C 563 -9.36 -43.95 8.92
N ILE C 564 -8.22 -44.28 9.52
CA ILE C 564 -7.31 -43.20 9.86
C ILE C 564 -6.60 -42.69 8.61
N PHE C 565 -6.43 -43.55 7.61
CA PHE C 565 -5.69 -43.08 6.44
C PHE C 565 -6.59 -42.26 5.53
N ASN C 566 -7.89 -42.54 5.50
CA ASN C 566 -8.78 -41.59 4.86
C ASN C 566 -8.96 -40.35 5.70
N SER C 567 -8.69 -40.44 7.00
CA SER C 567 -8.83 -39.26 7.84
C SER C 567 -7.70 -38.28 7.60
N LEU C 568 -6.46 -38.77 7.42
CA LEU C 568 -5.35 -37.89 7.11
C LEU C 568 -5.53 -37.26 5.74
N TRP C 569 -6.21 -37.95 4.84
CA TRP C 569 -6.33 -37.44 3.48
C TRP C 569 -7.49 -36.47 3.36
N PHE C 570 -8.49 -36.60 4.23
CA PHE C 570 -9.56 -35.61 4.23
C PHE C 570 -9.05 -34.28 4.74
N SER C 571 -8.38 -34.28 5.88
CA SER C 571 -7.97 -33.02 6.47
C SER C 571 -6.82 -32.39 5.72
N LEU C 572 -6.06 -33.17 4.96
CA LEU C 572 -5.14 -32.55 4.01
C LEU C 572 -5.92 -31.93 2.87
N GLY C 573 -6.99 -32.58 2.44
CA GLY C 573 -7.83 -32.01 1.41
C GLY C 573 -8.54 -30.76 1.88
N ALA C 574 -8.93 -30.72 3.15
CA ALA C 574 -9.60 -29.54 3.64
C ALA C 574 -8.61 -28.42 3.90
N PHE C 575 -7.37 -28.74 4.25
CA PHE C 575 -6.41 -27.67 4.52
C PHE C 575 -5.94 -27.02 3.24
N MET C 576 -5.60 -27.81 2.22
CA MET C 576 -5.11 -27.22 1.00
C MET C 576 -6.22 -26.66 0.13
N GLN C 577 -7.48 -26.81 0.54
CA GLN C 577 -8.66 -26.27 -0.13
C GLN C 577 -8.82 -26.81 -1.54
N GLN C 578 -8.34 -28.03 -1.76
CA GLN C 578 -8.46 -28.66 -3.06
C GLN C 578 -9.62 -29.64 -3.09
N GLY C 579 -10.70 -29.30 -2.39
CA GLY C 579 -11.82 -30.18 -2.31
C GLY C 579 -11.52 -31.35 -1.40
N CYS C 580 -12.36 -32.36 -1.50
CA CYS C 580 -12.22 -33.57 -0.71
C CYS C 580 -12.96 -34.71 -1.40
N ASP C 581 -12.50 -35.93 -1.16
CA ASP C 581 -13.14 -37.07 -1.79
C ASP C 581 -14.51 -37.34 -1.18
N ILE C 582 -14.56 -37.44 0.14
CA ILE C 582 -15.76 -37.81 0.86
C ILE C 582 -16.01 -36.77 1.93
N SER C 583 -17.01 -37.03 2.75
CA SER C 583 -17.35 -36.07 3.77
C SER C 583 -17.90 -36.80 4.98
N PRO C 584 -17.63 -36.32 6.19
CA PRO C 584 -18.22 -36.93 7.37
C PRO C 584 -19.73 -36.73 7.37
N ARG C 585 -20.44 -37.74 7.84
CA ARG C 585 -21.89 -37.69 7.81
C ARG C 585 -22.52 -38.01 9.16
N SER C 586 -21.73 -38.21 10.20
CA SER C 586 -22.24 -38.25 11.56
C SER C 586 -22.44 -36.83 12.07
N LEU C 587 -23.05 -36.72 13.24
CA LEU C 587 -23.17 -35.42 13.87
C LEU C 587 -21.81 -34.95 14.36
N SER C 588 -21.14 -35.79 15.12
CA SER C 588 -19.85 -35.41 15.67
C SER C 588 -18.76 -35.47 14.61
N GLY C 589 -19.00 -36.17 13.50
CA GLY C 589 -18.07 -36.10 12.40
C GLY C 589 -18.11 -34.76 11.70
N ARG C 590 -19.29 -34.16 11.64
CA ARG C 590 -19.41 -32.88 10.93
C ARG C 590 -18.98 -31.72 11.79
N ILE C 591 -18.90 -31.93 13.11
CA ILE C 591 -18.38 -30.88 13.97
C ILE C 591 -16.90 -30.66 13.71
N VAL C 592 -16.11 -31.74 13.81
CA VAL C 592 -14.68 -31.66 13.55
C VAL C 592 -14.42 -31.31 12.08
N GLY C 593 -15.29 -31.76 11.19
CA GLY C 593 -15.16 -31.34 9.80
C GLY C 593 -15.56 -29.89 9.60
N GLY C 594 -16.40 -29.36 10.47
CA GLY C 594 -16.81 -27.98 10.32
C GLY C 594 -15.82 -27.02 10.91
N VAL C 595 -15.25 -27.36 12.07
CA VAL C 595 -14.32 -26.47 12.76
C VAL C 595 -13.02 -26.38 11.99
N TRP C 596 -12.54 -27.50 11.48
CA TRP C 596 -11.32 -27.50 10.68
C TRP C 596 -11.51 -26.74 9.38
N TRP C 597 -12.73 -26.70 8.86
CA TRP C 597 -13.01 -25.81 7.74
C TRP C 597 -12.91 -24.35 8.15
N PHE C 598 -13.38 -24.03 9.35
CA PHE C 598 -13.29 -22.65 9.80
C PHE C 598 -11.88 -22.29 10.21
N PHE C 599 -11.10 -23.30 10.65
CA PHE C 599 -9.69 -23.09 10.91
C PHE C 599 -8.97 -22.71 9.63
N THR C 600 -9.15 -23.49 8.58
CA THR C 600 -8.32 -23.35 7.40
C THR C 600 -8.74 -22.16 6.56
N LEU C 601 -9.89 -21.57 6.86
CA LEU C 601 -10.28 -20.38 6.11
C LEU C 601 -9.59 -19.15 6.67
N ILE C 602 -9.21 -19.19 7.94
CA ILE C 602 -8.49 -18.07 8.52
C ILE C 602 -7.03 -18.15 8.13
N ILE C 603 -6.45 -19.34 8.27
CA ILE C 603 -5.00 -19.51 8.19
C ILE C 603 -4.51 -19.33 6.76
N ILE C 604 -5.17 -19.98 5.81
CA ILE C 604 -4.79 -19.83 4.41
C ILE C 604 -5.03 -18.41 3.93
N SER C 605 -6.02 -17.74 4.49
CA SER C 605 -6.26 -16.35 4.11
C SER C 605 -5.30 -15.42 4.82
N SER C 606 -4.87 -15.77 6.02
CA SER C 606 -3.86 -14.98 6.69
C SER C 606 -2.52 -15.14 6.01
N TYR C 607 -2.32 -16.27 5.35
CA TYR C 607 -1.15 -16.45 4.50
C TYR C 607 -1.20 -15.52 3.30
N THR C 608 -2.31 -15.55 2.56
CA THR C 608 -2.38 -14.82 1.31
C THR C 608 -2.54 -13.32 1.52
N ALA C 609 -3.05 -12.91 2.67
CA ALA C 609 -3.05 -11.49 2.97
C ALA C 609 -1.65 -11.02 3.32
N ASN C 610 -0.91 -11.82 4.08
CA ASN C 610 0.42 -11.37 4.47
C ASN C 610 1.43 -11.55 3.36
N LEU C 611 1.19 -12.48 2.44
CA LEU C 611 2.15 -12.67 1.36
C LEU C 611 1.98 -11.58 0.31
N ALA C 612 0.81 -10.95 0.28
CA ALA C 612 0.66 -9.73 -0.51
C ALA C 612 1.44 -8.58 0.11
N ALA C 613 1.66 -8.63 1.42
CA ALA C 613 2.40 -7.58 2.08
C ALA C 613 3.90 -7.72 1.83
N PHE C 614 4.41 -8.95 1.80
CA PHE C 614 5.81 -9.13 1.46
C PHE C 614 6.10 -8.88 -0.02
N LEU C 615 5.11 -8.98 -0.89
CA LEU C 615 5.39 -8.91 -2.31
C LEU C 615 5.30 -7.51 -2.90
N THR C 616 5.32 -6.46 -2.08
CA THR C 616 5.53 -5.13 -2.64
C THR C 616 6.89 -4.57 -2.24
N VAL C 617 7.18 -4.54 -0.94
CA VAL C 617 8.44 -4.03 -0.42
C VAL C 617 9.00 -5.04 0.58
N GLU C 618 10.15 -5.65 0.23
CA GLU C 618 10.98 -6.40 1.17
C GLU C 618 12.43 -5.95 0.95
N ARG C 619 12.79 -4.84 1.59
CA ARG C 619 14.11 -4.23 1.42
C ARG C 619 14.42 -3.35 2.63
N MET C 620 15.43 -2.50 2.48
CA MET C 620 15.81 -1.51 3.48
C MET C 620 15.53 -0.12 2.93
N VAL C 621 14.99 0.75 3.78
CA VAL C 621 14.85 2.17 3.45
C VAL C 621 15.95 2.94 4.17
N SER C 622 16.58 3.87 3.45
CA SER C 622 17.76 4.57 3.95
C SER C 622 17.39 5.49 5.10
N PRO C 623 18.17 5.50 6.19
CA PRO C 623 17.74 6.24 7.39
C PRO C 623 17.89 7.75 7.31
N ILE C 624 18.93 8.24 6.63
CA ILE C 624 19.29 9.65 6.69
C ILE C 624 19.50 10.25 5.29
N GLU C 625 18.82 9.71 4.28
CA GLU C 625 19.13 10.08 2.90
C GLU C 625 18.54 11.44 2.54
N SER C 626 17.57 11.92 3.31
CA SER C 626 16.97 13.22 3.04
C SER C 626 17.87 14.38 3.46
N ALA C 627 18.93 14.10 4.24
CA ALA C 627 20.02 14.98 4.66
C ALA C 627 19.58 16.02 5.70
N GLU C 628 18.28 16.12 5.97
CA GLU C 628 17.82 16.92 7.09
C GLU C 628 17.63 16.04 8.32
N ASP C 629 17.32 14.75 8.11
CA ASP C 629 17.32 13.81 9.21
C ASP C 629 18.75 13.46 9.62
N LEU C 630 19.70 13.64 8.70
CA LEU C 630 21.10 13.41 9.06
C LEU C 630 21.59 14.50 10.01
N SER C 631 21.08 15.72 9.85
CA SER C 631 21.43 16.78 10.77
C SER C 631 20.69 16.63 12.09
N LYS C 632 19.64 15.80 12.10
CA LYS C 632 18.72 15.73 13.22
C LYS C 632 19.22 14.79 14.32
N GLN C 633 19.70 13.61 13.93
CA GLN C 633 19.82 12.51 14.88
C GLN C 633 21.04 12.66 15.77
N THR C 634 20.86 12.39 17.06
CA THR C 634 21.95 12.49 18.03
C THR C 634 22.71 11.17 18.16
N GLU C 635 22.10 10.05 17.75
CA GLU C 635 22.83 8.79 17.72
C GLU C 635 23.85 8.79 16.58
N ILE C 636 23.41 9.17 15.39
CA ILE C 636 24.28 9.18 14.22
C ILE C 636 25.08 10.49 14.24
N ALA C 637 26.26 10.43 14.86
CA ALA C 637 27.17 11.56 14.79
C ALA C 637 27.75 11.67 13.39
N TYR C 638 28.05 12.89 12.99
CA TYR C 638 28.53 13.17 11.64
C TYR C 638 29.72 14.10 11.71
N GLY C 639 30.76 13.79 10.94
CA GLY C 639 31.97 14.58 10.94
C GLY C 639 32.57 14.67 9.55
N THR C 640 33.69 15.38 9.48
CA THR C 640 34.39 15.59 8.22
C THR C 640 35.86 15.86 8.52
N LEU C 641 36.60 16.19 7.47
CA LEU C 641 38.05 16.32 7.58
C LEU C 641 38.43 17.59 8.32
N ASP C 642 39.37 17.46 9.26
CA ASP C 642 39.86 18.63 9.97
C ASP C 642 40.75 19.48 9.07
N SER C 643 40.60 20.79 9.22
CA SER C 643 41.12 21.81 8.28
C SER C 643 40.74 21.46 6.85
N GLY C 644 39.49 21.06 6.67
CA GLY C 644 38.96 20.72 5.36
C GLY C 644 37.92 21.74 4.96
N SER C 645 37.79 21.95 3.66
CA SER C 645 36.89 22.98 3.16
C SER C 645 35.43 22.60 3.35
N THR C 646 35.14 21.32 3.62
CA THR C 646 33.82 20.94 4.05
C THR C 646 33.48 21.56 5.40
N LYS C 647 34.43 21.49 6.33
CA LYS C 647 34.30 22.22 7.60
C LYS C 647 34.24 23.72 7.36
N GLU C 648 34.98 24.21 6.37
CA GLU C 648 34.95 25.63 6.07
C GLU C 648 33.66 26.01 5.36
N PHE C 649 32.93 25.04 4.83
CA PHE C 649 31.63 25.35 4.26
C PHE C 649 30.62 25.66 5.34
N PHE C 650 30.59 24.85 6.40
CA PHE C 650 29.50 24.96 7.36
C PHE C 650 29.76 26.04 8.40
N ARG C 651 30.97 26.60 8.42
CA ARG C 651 31.22 27.69 9.35
C ARG C 651 30.55 28.99 8.88
N ARG C 652 30.09 29.05 7.64
CA ARG C 652 29.35 30.21 7.16
C ARG C 652 27.99 29.83 6.59
N SER C 653 27.25 29.00 7.31
CA SER C 653 25.94 28.56 6.83
C SER C 653 24.92 29.68 6.89
N LYS C 654 24.02 29.67 5.92
CA LYS C 654 22.87 30.57 5.90
C LYS C 654 21.54 29.84 5.76
N ILE C 655 21.56 28.52 5.60
CA ILE C 655 20.36 27.69 5.58
C ILE C 655 20.18 27.07 6.96
N ALA C 656 18.92 26.98 7.42
CA ALA C 656 18.63 26.70 8.82
C ALA C 656 19.02 25.29 9.22
N VAL C 657 18.80 24.31 8.34
CA VAL C 657 19.29 22.96 8.62
C VAL C 657 20.81 22.93 8.55
N PHE C 658 21.40 23.79 7.70
CA PHE C 658 22.85 23.88 7.64
C PHE C 658 23.37 24.70 8.81
N ASP C 659 22.51 25.59 9.35
CA ASP C 659 22.85 26.28 10.58
C ASP C 659 22.91 25.32 11.75
N LYS C 660 22.10 24.25 11.71
CA LYS C 660 22.11 23.30 12.80
C LYS C 660 23.24 22.29 12.64
N MET C 661 23.68 22.08 11.40
CA MET C 661 24.76 21.12 11.15
C MET C 661 26.07 21.56 11.82
N TRP C 662 26.42 22.84 11.68
CA TRP C 662 27.66 23.35 12.25
C TRP C 662 27.63 23.32 13.77
N THR C 663 26.44 23.37 14.35
CA THR C 663 26.34 23.44 15.80
C THR C 663 26.70 22.10 16.45
N TYR C 664 26.26 21.00 15.85
CA TYR C 664 26.67 19.69 16.36
C TYR C 664 28.09 19.36 15.92
N MET C 665 28.55 19.95 14.81
CA MET C 665 29.96 19.86 14.46
C MET C 665 30.83 20.57 15.50
N ARG C 666 30.36 21.72 15.98
CA ARG C 666 31.04 22.40 17.06
C ARG C 666 30.90 21.69 18.39
N SER C 667 29.72 21.16 18.69
CA SER C 667 29.39 20.61 19.99
C SER C 667 29.37 19.08 20.02
N ALA C 668 30.31 18.43 19.34
CA ALA C 668 30.45 16.98 19.45
C ALA C 668 31.60 16.66 20.39
N GLU C 669 31.40 15.70 21.29
CA GLU C 669 32.41 15.28 22.24
C GLU C 669 32.72 13.80 22.09
N PRO C 670 33.97 13.42 21.76
CA PRO C 670 35.11 14.28 21.38
C PRO C 670 35.01 14.77 19.94
N SER C 671 36.15 15.14 19.35
CA SER C 671 36.15 15.69 18.01
C SER C 671 35.81 14.63 16.98
N VAL C 672 34.70 14.85 16.27
CA VAL C 672 34.34 14.00 15.14
C VAL C 672 35.15 14.31 13.90
N PHE C 673 35.99 15.33 13.93
CA PHE C 673 36.88 15.62 12.83
C PHE C 673 38.04 14.64 12.81
N VAL C 674 38.14 13.88 11.72
CA VAL C 674 39.13 12.83 11.60
C VAL C 674 40.34 13.40 10.87
N ARG C 675 41.51 12.89 11.23
CA ARG C 675 42.78 13.46 10.78
C ARG C 675 43.01 13.23 9.28
N THR C 676 42.49 12.14 8.72
CA THR C 676 42.50 11.97 7.27
C THR C 676 41.14 11.48 6.81
N THR C 677 40.97 11.38 5.49
CA THR C 677 39.72 10.83 4.96
C THR C 677 39.70 9.32 5.06
N ALA C 678 40.84 8.67 4.80
CA ALA C 678 40.90 7.21 4.81
C ALA C 678 40.69 6.66 6.22
N GLU C 679 41.14 7.40 7.23
CA GLU C 679 40.83 6.99 8.60
C GLU C 679 39.41 7.33 8.95
N GLY C 680 38.84 8.35 8.29
CA GLY C 680 37.43 8.64 8.48
C GLY C 680 36.53 7.61 7.84
N VAL C 681 36.99 7.02 6.73
CA VAL C 681 36.27 5.90 6.12
C VAL C 681 36.22 4.73 7.09
N ALA C 682 37.35 4.43 7.73
CA ALA C 682 37.45 3.27 8.60
C ALA C 682 36.66 3.45 9.89
N ARG C 683 36.32 4.69 10.23
CA ARG C 683 35.53 4.94 11.43
C ARG C 683 34.06 4.58 11.22
N VAL C 684 33.53 4.85 10.03
CA VAL C 684 32.12 4.55 9.75
C VAL C 684 31.92 3.04 9.59
N ARG C 685 32.94 2.35 9.05
CA ARG C 685 32.88 0.90 8.95
C ARG C 685 32.84 0.25 10.34
N LYS C 686 33.59 0.80 11.29
CA LYS C 686 33.54 0.29 12.65
C LYS C 686 32.25 0.66 13.35
N SER C 687 31.60 1.73 12.89
CA SER C 687 30.50 2.30 13.65
C SER C 687 29.22 1.50 13.47
N LYS C 688 28.95 1.04 12.25
CA LYS C 688 27.74 0.32 11.87
C LYS C 688 26.48 1.13 12.17
N GLY C 689 26.38 2.30 11.53
CA GLY C 689 25.25 3.18 11.67
C GLY C 689 25.39 4.22 12.77
N LYS C 690 26.38 4.06 13.65
CA LYS C 690 26.53 4.97 14.78
C LYS C 690 27.16 6.30 14.35
N TYR C 691 27.94 6.28 13.29
CA TYR C 691 28.67 7.47 12.88
C TYR C 691 28.60 7.64 11.36
N ALA C 692 28.51 8.89 10.94
CA ALA C 692 28.47 9.22 9.52
C ALA C 692 29.64 10.13 9.20
N TYR C 693 30.06 10.12 7.95
CA TYR C 693 31.18 10.92 7.49
C TYR C 693 30.74 11.76 6.32
N LEU C 694 31.29 12.96 6.22
CA LEU C 694 30.91 13.89 5.17
C LEU C 694 32.14 14.18 4.33
N LEU C 695 32.01 14.04 3.01
CA LEU C 695 33.14 14.10 2.13
C LEU C 695 32.67 14.42 0.73
N GLU C 696 33.63 14.71 -0.14
CA GLU C 696 33.28 15.15 -1.47
C GLU C 696 32.85 13.97 -2.32
N SER C 697 31.97 14.25 -3.30
CA SER C 697 31.35 13.19 -4.08
C SER C 697 32.37 12.43 -4.92
N THR C 698 33.31 13.14 -5.54
CA THR C 698 34.36 12.43 -6.25
C THR C 698 35.31 11.77 -5.28
N MET C 699 35.40 12.30 -4.06
CA MET C 699 36.10 11.55 -3.03
C MET C 699 35.24 10.42 -2.51
N ASN C 700 33.91 10.54 -2.61
CA ASN C 700 33.04 9.45 -2.19
C ASN C 700 32.77 8.48 -3.33
N GLU C 701 33.19 8.82 -4.54
CA GLU C 701 33.04 7.86 -5.63
C GLU C 701 34.03 6.73 -5.48
N TYR C 702 35.30 7.05 -5.21
CA TYR C 702 36.33 6.03 -5.19
C TYR C 702 36.21 5.13 -3.97
N ILE C 703 35.49 5.59 -2.94
CA ILE C 703 35.26 4.75 -1.78
C ILE C 703 34.26 3.65 -2.11
N GLU C 704 33.25 3.96 -2.93
CA GLU C 704 32.31 2.93 -3.36
C GLU C 704 32.94 1.96 -4.34
N GLN C 705 33.78 2.46 -5.24
CA GLN C 705 34.41 1.66 -6.29
C GLN C 705 35.56 0.82 -5.79
N ARG C 706 35.68 0.57 -4.49
CA ARG C 706 36.68 -0.33 -3.94
C ARG C 706 36.01 -1.33 -3.00
N LYS C 707 36.66 -2.47 -2.83
CA LYS C 707 36.21 -3.46 -1.88
C LYS C 707 36.45 -2.92 -0.47
N PRO C 708 35.61 -3.30 0.52
CA PRO C 708 34.52 -4.27 0.63
C PRO C 708 33.16 -3.86 0.06
N CYS C 709 33.11 -2.85 -0.81
CA CYS C 709 31.91 -2.40 -1.51
C CYS C 709 30.76 -1.96 -0.61
N ASP C 710 31.01 -1.81 0.69
CA ASP C 710 29.96 -1.48 1.64
C ASP C 710 29.92 0.00 1.97
N THR C 711 30.16 0.87 0.99
CA THR C 711 30.02 2.30 1.15
C THR C 711 29.21 2.84 0.00
N MET C 712 28.20 3.65 0.29
CA MET C 712 27.34 4.17 -0.76
C MET C 712 26.88 5.58 -0.40
N LYS C 713 26.60 6.36 -1.43
CA LYS C 713 26.29 7.77 -1.27
C LYS C 713 24.78 8.00 -1.33
N VAL C 714 24.26 8.70 -0.33
CA VAL C 714 22.84 9.01 -0.25
C VAL C 714 22.62 10.46 -0.64
N GLY C 715 21.42 10.75 -1.14
CA GLY C 715 21.07 12.10 -1.56
C GLY C 715 21.84 12.55 -2.79
N GLY C 716 21.61 13.79 -3.16
CA GLY C 716 22.48 14.43 -4.10
C GLY C 716 23.64 15.09 -3.38
N ASN C 717 24.35 15.94 -4.10
CA ASN C 717 25.39 16.73 -3.47
C ASN C 717 24.74 17.82 -2.64
N LEU C 718 25.38 18.21 -1.55
CA LEU C 718 24.79 19.27 -0.74
C LEU C 718 25.00 20.64 -1.38
N ASP C 719 26.09 20.80 -2.12
CA ASP C 719 26.40 22.04 -2.82
C ASP C 719 27.03 21.71 -4.16
N SER C 720 27.74 22.68 -4.72
CA SER C 720 28.54 22.46 -5.92
C SER C 720 29.83 23.29 -5.81
N LYS C 721 30.85 22.72 -5.18
CA LYS C 721 32.15 23.35 -5.24
C LYS C 721 33.01 22.65 -6.28
N GLY C 722 34.27 23.09 -6.38
CA GLY C 722 35.15 22.57 -7.40
C GLY C 722 36.60 22.55 -6.95
N TYR C 723 37.40 21.82 -7.70
CA TYR C 723 38.84 21.71 -7.48
C TYR C 723 39.55 22.55 -8.52
N GLY C 724 40.80 22.89 -8.28
CA GLY C 724 41.52 23.77 -9.19
C GLY C 724 43.01 23.49 -9.22
N ILE C 725 43.62 23.77 -10.36
CA ILE C 725 45.07 23.89 -10.42
C ILE C 725 45.47 25.24 -9.87
N ALA C 726 46.32 25.24 -8.85
CA ALA C 726 46.66 26.44 -8.11
C ALA C 726 48.05 26.93 -8.48
N THR C 727 48.18 28.24 -8.56
CA THR C 727 49.40 28.97 -8.84
C THR C 727 49.49 30.13 -7.85
N PRO C 728 50.68 30.70 -7.66
CA PRO C 728 50.78 31.91 -6.85
C PRO C 728 50.21 33.11 -7.58
N LYS C 729 49.97 34.18 -6.83
CA LYS C 729 49.50 35.41 -7.43
C LYS C 729 50.60 36.02 -8.27
N GLY C 730 50.26 36.40 -9.50
CA GLY C 730 51.24 36.97 -10.39
C GLY C 730 52.26 35.98 -10.89
N SER C 731 51.98 34.69 -10.77
CA SER C 731 52.87 33.69 -11.35
C SER C 731 52.70 33.70 -12.86
N SER C 732 53.80 33.93 -13.57
CA SER C 732 53.72 34.20 -15.00
C SER C 732 53.36 32.94 -15.79
N LEU C 733 53.60 31.78 -15.21
CA LEU C 733 53.26 30.53 -15.88
C LEU C 733 51.76 30.26 -15.85
N GLY C 734 51.03 30.90 -14.94
CA GLY C 734 49.68 30.45 -14.63
C GLY C 734 48.67 30.74 -15.72
N THR C 735 48.97 31.69 -16.60
CA THR C 735 48.03 32.02 -17.66
C THR C 735 48.09 31.03 -18.81
N PRO C 736 49.26 30.58 -19.31
CA PRO C 736 49.21 29.43 -20.24
C PRO C 736 48.79 28.14 -19.55
N VAL C 737 49.01 28.04 -18.23
CA VAL C 737 48.35 27.00 -17.44
C VAL C 737 46.85 27.14 -17.53
N ASN C 738 46.34 28.38 -17.45
CA ASN C 738 44.91 28.59 -17.50
C ASN C 738 44.36 28.33 -18.90
N LEU C 739 45.12 28.70 -19.93
CA LEU C 739 44.71 28.38 -21.29
C LEU C 739 44.84 26.88 -21.57
N ALA C 740 45.65 26.17 -20.78
CA ALA C 740 45.78 24.74 -20.98
C ALA C 740 44.51 24.00 -20.55
N VAL C 741 43.89 24.46 -19.46
CA VAL C 741 42.79 23.70 -18.87
C VAL C 741 41.54 23.78 -19.74
N LEU C 742 41.31 24.94 -20.38
CA LEU C 742 40.22 25.03 -21.33
C LEU C 742 40.51 24.24 -22.59
N LYS C 743 41.78 24.05 -22.92
CA LYS C 743 42.11 23.18 -24.04
C LYS C 743 41.88 21.73 -23.65
N LEU C 744 42.29 21.34 -22.44
CA LEU C 744 42.12 19.96 -22.00
C LEU C 744 40.66 19.62 -21.75
N SER C 745 39.85 20.61 -21.41
CA SER C 745 38.46 20.33 -21.08
C SER C 745 37.64 20.11 -22.34
N GLU C 746 37.94 20.87 -23.41
CA GLU C 746 37.17 20.76 -24.62
C GLU C 746 37.60 19.56 -25.45
N GLN C 747 38.87 19.16 -25.34
CA GLN C 747 39.36 18.04 -26.15
C GLN C 747 38.96 16.68 -25.59
N GLY C 748 38.06 16.65 -24.60
CA GLY C 748 37.64 15.41 -23.98
C GLY C 748 38.69 14.77 -23.11
N VAL C 749 39.82 15.43 -22.90
CA VAL C 749 40.94 14.83 -22.17
C VAL C 749 40.57 14.63 -20.72
N LEU C 750 39.96 15.64 -20.10
CA LEU C 750 39.68 15.59 -18.68
C LEU C 750 38.60 14.57 -18.35
N ASP C 751 37.59 14.45 -19.22
CA ASP C 751 36.57 13.44 -18.99
C ASP C 751 37.12 12.04 -19.20
N LYS C 752 37.99 11.87 -20.20
CA LYS C 752 38.67 10.61 -20.40
C LYS C 752 39.55 10.27 -19.21
N LEU C 753 40.18 11.27 -18.61
CA LEU C 753 40.91 11.06 -17.38
C LEU C 753 39.95 10.85 -16.21
N LYS C 754 38.76 11.47 -16.28
CA LYS C 754 37.76 11.22 -15.26
C LYS C 754 37.10 9.86 -15.46
N ASN C 755 37.04 9.41 -16.72
CA ASN C 755 36.63 8.04 -16.98
C ASN C 755 37.59 7.06 -16.32
N LYS C 756 38.86 7.11 -16.74
CA LYS C 756 39.79 5.98 -16.67
C LYS C 756 40.04 5.55 -15.23
N TRP C 757 40.39 6.50 -14.37
CA TRP C 757 40.66 6.18 -12.97
C TRP C 757 39.41 5.74 -12.24
N TRP C 758 38.24 6.22 -12.65
CA TRP C 758 37.05 6.00 -11.84
C TRP C 758 36.16 4.88 -12.39
N TYR C 759 36.55 4.23 -13.51
CA TYR C 759 35.80 3.02 -13.85
C TYR C 759 36.68 1.77 -13.82
N ASP C 760 37.95 1.85 -14.27
CA ASP C 760 38.70 0.62 -14.54
C ASP C 760 39.06 -0.11 -13.24
N LYS C 761 39.16 0.64 -12.15
CA LYS C 761 39.20 0.09 -10.81
C LYS C 761 37.82 -0.19 -10.28
N GLY C 762 36.79 -0.31 -11.12
CA GLY C 762 35.52 -0.85 -10.69
C GLY C 762 35.58 -2.35 -10.50
N GLU C 763 36.38 -2.75 -9.51
CA GLU C 763 36.35 -4.11 -9.00
C GLU C 763 34.96 -4.48 -8.53
N CYS C 764 34.31 -3.53 -7.85
CA CYS C 764 32.91 -3.69 -7.48
C CYS C 764 32.04 -3.71 -8.72
N GLY C 765 32.23 -2.72 -9.59
CA GLY C 765 31.73 -2.65 -10.96
C GLY C 765 30.26 -2.92 -11.19
N ALA C 766 29.46 -2.73 -10.15
CA ALA C 766 28.09 -3.24 -10.17
C ALA C 766 27.20 -2.38 -11.05
N LYS C 767 27.21 -1.06 -10.83
CA LYS C 767 26.31 -0.09 -11.45
C LYS C 767 24.84 -0.48 -11.24
N ASP C 768 24.55 -0.95 -10.03
CA ASP C 768 23.21 -1.40 -9.64
C ASP C 768 22.39 -0.19 -9.21
N SER C 769 21.81 0.47 -10.21
CA SER C 769 20.91 1.59 -9.94
C SER C 769 19.63 1.10 -9.29
N GLY C 770 19.16 -0.09 -9.66
CA GLY C 770 18.04 -0.72 -9.02
C GLY C 770 16.76 -0.65 -9.85
N SER C 771 16.06 -1.77 -9.88
CA SER C 771 14.71 -1.84 -10.43
C SER C 771 13.77 -1.33 -9.35
N LYS C 772 13.54 -0.01 -9.35
CA LYS C 772 12.92 0.66 -8.21
C LYS C 772 11.43 0.32 -8.09
N GLU C 773 10.79 0.03 -9.21
CA GLU C 773 9.33 -0.19 -9.28
C GLU C 773 8.86 -1.35 -8.42
N LYS C 774 7.87 -1.08 -7.56
CA LYS C 774 7.26 -2.10 -6.72
C LYS C 774 6.28 -2.98 -7.49
N THR C 775 6.03 -2.66 -8.76
CA THR C 775 5.28 -3.53 -9.65
C THR C 775 6.30 -4.33 -10.45
N SER C 776 6.94 -5.27 -9.76
CA SER C 776 7.97 -6.12 -10.34
C SER C 776 7.58 -7.57 -10.12
N ALA C 777 7.82 -8.39 -11.14
CA ALA C 777 7.35 -9.77 -11.14
C ALA C 777 8.15 -10.63 -10.17
N LEU C 778 7.59 -11.79 -9.87
CA LEU C 778 8.35 -12.81 -9.17
C LEU C 778 9.43 -13.35 -10.08
N SER C 779 10.54 -13.71 -9.49
CA SER C 779 11.60 -14.38 -10.20
C SER C 779 11.63 -15.83 -9.78
N LEU C 780 12.23 -16.66 -10.63
CA LEU C 780 12.35 -18.08 -10.31
C LEU C 780 13.25 -18.30 -9.10
N SER C 781 14.19 -17.39 -8.87
CA SER C 781 14.99 -17.46 -7.66
C SER C 781 14.16 -17.19 -6.42
N ASN C 782 13.08 -16.44 -6.55
CA ASN C 782 12.25 -16.17 -5.39
C ASN C 782 11.37 -17.35 -5.02
N VAL C 783 10.90 -18.12 -6.01
CA VAL C 783 9.96 -19.20 -5.73
C VAL C 783 10.64 -20.48 -6.20
N ALA C 784 11.94 -20.59 -5.97
CA ALA C 784 12.62 -21.82 -6.32
C ALA C 784 12.30 -22.95 -5.35
N GLY C 785 11.75 -22.61 -4.18
CA GLY C 785 11.70 -23.58 -3.10
C GLY C 785 10.68 -24.67 -3.32
N VAL C 786 9.51 -24.31 -3.84
CA VAL C 786 8.44 -25.29 -3.96
C VAL C 786 8.72 -26.29 -5.06
N PHE C 787 9.54 -25.91 -6.03
CA PHE C 787 9.95 -26.87 -7.05
C PHE C 787 10.89 -27.91 -6.46
N TYR C 788 11.71 -27.50 -5.47
CA TYR C 788 12.56 -28.46 -4.78
C TYR C 788 11.73 -29.41 -3.94
N ILE C 789 10.67 -28.89 -3.32
CA ILE C 789 9.83 -29.72 -2.48
C ILE C 789 9.01 -30.67 -3.35
N LEU C 790 8.55 -30.19 -4.50
CA LEU C 790 7.75 -31.03 -5.39
C LEU C 790 8.55 -32.18 -5.96
N VAL C 791 9.69 -31.88 -6.56
CA VAL C 791 10.50 -32.95 -7.14
C VAL C 791 11.10 -33.80 -6.04
N GLY C 792 11.39 -33.18 -4.90
CA GLY C 792 11.75 -33.95 -3.72
C GLY C 792 10.60 -34.77 -3.20
N GLY C 793 9.38 -34.28 -3.39
CA GLY C 793 8.21 -35.05 -2.99
C GLY C 793 7.97 -36.24 -3.88
N LEU C 794 8.14 -36.07 -5.19
CA LEU C 794 7.93 -37.17 -6.12
C LEU C 794 8.99 -38.23 -5.96
N GLY C 795 10.16 -37.85 -5.43
CA GLY C 795 11.18 -38.83 -5.14
C GLY C 795 10.77 -39.79 -4.05
N LEU C 796 10.02 -39.30 -3.07
CA LEU C 796 9.54 -40.20 -2.03
C LEU C 796 8.41 -41.07 -2.53
N ALA C 797 7.53 -40.51 -3.35
CA ALA C 797 6.36 -41.26 -3.79
C ALA C 797 6.71 -42.34 -4.79
N MET C 798 7.70 -42.09 -5.64
CA MET C 798 8.18 -43.15 -6.52
C MET C 798 8.96 -44.19 -5.72
N LEU C 799 9.56 -43.77 -4.61
CA LEU C 799 10.27 -44.72 -3.77
C LEU C 799 9.30 -45.65 -3.06
N VAL C 800 8.26 -45.10 -2.46
CA VAL C 800 7.36 -45.91 -1.64
C VAL C 800 6.48 -46.77 -2.52
N ALA C 801 6.24 -46.34 -3.77
CA ALA C 801 5.50 -47.17 -4.71
C ALA C 801 6.27 -48.45 -5.06
N LEU C 802 7.60 -48.38 -5.00
CA LEU C 802 8.38 -49.57 -5.31
C LEU C 802 8.58 -50.43 -4.07
N ILE C 803 8.64 -49.80 -2.89
CA ILE C 803 8.78 -50.54 -1.64
C ILE C 803 7.53 -51.38 -1.39
N GLU C 804 6.36 -50.80 -1.61
CA GLU C 804 5.12 -51.56 -1.49
C GLU C 804 5.01 -52.60 -2.59
N PHE C 805 5.66 -52.36 -3.73
CA PHE C 805 5.66 -53.35 -4.79
C PHE C 805 6.49 -54.57 -4.43
N CYS C 806 7.61 -54.36 -3.74
CA CYS C 806 8.42 -55.50 -3.29
C CYS C 806 7.80 -56.15 -2.07
N TYR C 807 7.01 -55.39 -1.31
CA TYR C 807 6.37 -55.95 -0.12
C TYR C 807 5.26 -56.91 -0.50
N LYS C 808 4.51 -56.60 -1.57
CA LYS C 808 3.46 -57.51 -2.01
C LYS C 808 4.06 -58.74 -2.67
N SER C 809 5.31 -58.65 -3.14
CA SER C 809 6.00 -59.80 -3.70
C SER C 809 6.29 -60.84 -2.63
N ARG C 810 6.70 -60.40 -1.44
CA ARG C 810 6.91 -61.32 -0.33
C ARG C 810 5.59 -61.91 0.14
N ALA C 811 4.51 -61.14 0.02
CA ALA C 811 3.18 -61.63 0.38
C ALA C 811 2.71 -62.70 -0.58
N GLU C 812 3.19 -62.66 -1.82
CA GLU C 812 2.85 -63.70 -2.79
C GLU C 812 3.56 -65.01 -2.47
N ALA C 813 4.81 -64.93 -2.04
CA ALA C 813 5.56 -66.13 -1.68
C ALA C 813 5.33 -66.50 -0.22
N LEU C 821 0.49 -59.31 7.04
CA LEU C 821 0.59 -57.87 7.11
C LEU C 821 1.15 -57.48 8.48
N PHE C 822 0.28 -57.44 9.48
CA PHE C 822 0.65 -57.06 10.84
C PHE C 822 -0.14 -57.90 11.83
N ASP C 823 0.56 -58.74 12.59
CA ASP C 823 -0.10 -59.69 13.45
C ASP C 823 -0.69 -59.00 14.68
N ARG C 824 -1.72 -59.62 15.23
CA ARG C 824 -2.48 -59.12 16.37
C ARG C 824 -1.66 -59.31 17.66
N GLY C 825 -1.97 -58.51 18.65
CA GLY C 825 -1.44 -58.72 20.00
C GLY C 825 -0.19 -57.96 20.30
N VAL C 826 0.69 -57.82 19.30
CA VAL C 826 1.84 -56.94 19.44
C VAL C 826 1.40 -55.49 19.43
N GLN C 827 0.23 -55.19 18.84
CA GLN C 827 -0.31 -53.84 18.91
C GLN C 827 -0.89 -53.55 20.28
N MET C 828 -1.10 -54.58 21.10
CA MET C 828 -1.31 -54.34 22.52
C MET C 828 0.04 -54.14 23.21
N LEU C 829 1.05 -54.89 22.79
CA LEU C 829 2.38 -54.74 23.35
C LEU C 829 2.97 -53.39 22.98
N LEU C 830 2.68 -52.91 21.77
CA LEU C 830 3.21 -51.62 21.34
C LEU C 830 2.52 -50.47 22.05
N THR C 831 1.23 -50.67 22.39
CA THR C 831 0.50 -49.62 23.10
C THR C 831 1.00 -49.47 24.52
N THR C 832 1.17 -50.59 25.23
CA THR C 832 1.63 -50.54 26.61
C THR C 832 3.07 -50.05 26.71
N VAL C 833 3.86 -50.28 25.65
CA VAL C 833 5.16 -49.61 25.54
C VAL C 833 4.97 -48.12 25.33
N GLY C 834 4.12 -47.75 24.37
CA GLY C 834 4.02 -46.35 23.99
C GLY C 834 3.39 -45.48 25.05
N ALA C 835 2.50 -46.05 25.85
CA ALA C 835 1.92 -45.30 26.97
C ALA C 835 2.98 -44.96 28.00
N PHE C 836 3.88 -45.92 28.27
CA PHE C 836 5.00 -45.64 29.15
C PHE C 836 5.98 -44.67 28.49
N ALA C 837 6.12 -44.76 27.16
CA ALA C 837 7.04 -43.89 26.46
C ALA C 837 6.48 -42.48 26.34
N ALA C 838 5.15 -42.35 26.27
CA ALA C 838 4.57 -41.02 26.24
C ALA C 838 4.58 -40.39 27.62
N PHE C 839 4.36 -41.20 28.66
CA PHE C 839 4.30 -40.68 30.02
C PHE C 839 5.66 -40.22 30.49
N SER C 840 6.72 -40.74 29.90
CA SER C 840 8.06 -40.31 30.26
C SER C 840 8.32 -38.89 29.77
N LEU C 841 8.01 -38.63 28.49
CA LEU C 841 8.48 -37.40 27.84
C LEU C 841 7.74 -36.17 28.34
N MET C 842 6.60 -36.33 29.00
CA MET C 842 6.00 -35.18 29.68
C MET C 842 6.69 -34.91 31.00
N THR C 843 6.78 -35.95 31.85
CA THR C 843 7.30 -35.78 33.21
C THR C 843 8.77 -35.44 33.20
N ILE C 844 9.49 -35.82 32.15
CA ILE C 844 10.80 -35.26 31.92
C ILE C 844 10.69 -33.77 31.61
N ALA C 845 9.80 -33.41 30.68
CA ALA C 845 9.79 -32.05 30.15
C ALA C 845 9.27 -31.05 31.16
N VAL C 846 8.44 -31.49 32.10
CA VAL C 846 8.04 -30.60 33.16
C VAL C 846 9.21 -30.38 34.13
N GLY C 847 9.94 -31.45 34.44
CA GLY C 847 11.01 -31.36 35.40
C GLY C 847 12.39 -31.09 34.82
N THR C 848 12.44 -30.54 33.61
CA THR C 848 13.68 -30.04 33.05
C THR C 848 13.45 -28.62 32.55
N ASP C 849 14.55 -27.89 32.38
CA ASP C 849 14.45 -26.45 32.30
C ASP C 849 15.30 -25.87 31.18
N TYR C 850 15.62 -26.65 30.16
CA TYR C 850 16.12 -26.04 28.93
C TYR C 850 14.98 -25.84 27.91
N TRP C 851 13.96 -25.08 28.31
CA TRP C 851 12.81 -24.83 27.45
C TRP C 851 13.07 -23.70 26.47
N LEU C 852 13.70 -22.62 26.93
CA LEU C 852 13.85 -21.42 26.11
C LEU C 852 15.28 -20.91 26.20
N TYR C 853 15.87 -20.55 25.06
CA TYR C 853 17.21 -20.00 25.03
C TYR C 853 17.13 -18.52 24.68
N SER C 854 16.96 -17.69 25.69
CA SER C 854 16.87 -16.25 25.52
C SER C 854 17.86 -15.59 26.46
N ARG C 855 17.80 -14.27 26.54
CA ARG C 855 18.73 -13.49 27.34
C ARG C 855 17.96 -12.70 28.39
N GLY C 856 18.31 -12.91 29.66
CA GLY C 856 17.57 -12.29 30.74
C GLY C 856 18.28 -12.44 32.07
N VAL C 857 17.68 -11.84 33.09
CA VAL C 857 18.35 -11.69 34.39
C VAL C 857 18.25 -12.96 35.21
N CYS C 858 19.41 -13.50 35.58
CA CYS C 858 19.48 -14.68 36.42
C CYS C 858 19.47 -14.34 37.90
N LYS C 859 19.94 -13.16 38.27
CA LYS C 859 19.84 -12.65 39.63
C LYS C 859 19.03 -11.37 39.64
N THR C 860 18.24 -11.20 40.70
CA THR C 860 17.52 -9.94 40.94
C THR C 860 17.22 -9.82 42.43
N VAL C 875 23.72 -12.51 28.43
CA VAL C 875 23.22 -12.97 29.72
C VAL C 875 22.18 -14.05 29.39
N MET C 876 22.64 -15.11 28.73
CA MET C 876 21.72 -16.11 28.18
C MET C 876 21.06 -16.89 29.29
N THR C 877 19.85 -17.38 29.01
CA THR C 877 19.04 -18.05 30.02
C THR C 877 18.83 -19.51 29.68
N HIS C 878 19.09 -20.36 30.68
CA HIS C 878 18.67 -21.75 30.67
C HIS C 878 17.21 -21.78 31.15
N SER C 879 16.33 -21.19 30.35
CA SER C 879 15.00 -20.86 30.83
C SER C 879 14.06 -22.04 30.67
N GLY C 880 13.15 -22.18 31.63
CA GLY C 880 12.34 -23.37 31.72
C GLY C 880 10.88 -23.04 31.93
N LEU C 881 10.11 -24.09 32.23
CA LEU C 881 8.68 -23.90 32.43
C LEU C 881 8.37 -23.49 33.86
N TRP C 882 9.22 -23.88 34.81
CA TRP C 882 9.06 -23.45 36.19
C TRP C 882 10.17 -22.53 36.66
N ARG C 883 11.40 -22.88 36.35
CA ARG C 883 12.54 -22.20 36.93
C ARG C 883 13.44 -21.73 35.81
N THR C 884 13.48 -20.42 35.61
CA THR C 884 14.40 -19.82 34.66
C THR C 884 15.81 -19.88 35.22
N CYS C 885 16.71 -20.50 34.48
CA CYS C 885 18.08 -20.65 34.92
C CYS C 885 18.96 -19.91 33.90
N CYS C 886 20.28 -19.99 34.08
CA CYS C 886 21.18 -19.13 33.32
C CYS C 886 22.44 -19.86 32.90
N LEU C 887 22.90 -19.55 31.69
CA LEU C 887 24.15 -20.06 31.15
C LEU C 887 24.89 -18.92 30.47
N GLU C 888 26.19 -19.13 30.25
CA GLU C 888 27.11 -18.12 29.69
C GLU C 888 27.06 -16.82 30.47
N GLY C 889 27.53 -16.88 31.71
CA GLY C 889 27.68 -15.68 32.53
C GLY C 889 28.87 -15.84 33.44
N ASN C 890 29.17 -14.76 34.15
CA ASN C 890 30.17 -14.85 35.22
C ASN C 890 29.70 -15.78 36.33
N PHE C 891 28.45 -15.64 36.79
CA PHE C 891 27.84 -16.63 37.67
C PHE C 891 26.96 -17.55 36.83
N LYS C 892 26.97 -18.84 37.16
CA LYS C 892 26.41 -19.88 36.33
C LYS C 892 25.97 -21.05 37.18
N GLY C 893 24.80 -21.59 36.86
CA GLY C 893 24.28 -22.73 37.59
C GLY C 893 23.23 -22.39 38.63
N LEU C 894 22.87 -21.13 38.76
CA LEU C 894 21.84 -20.68 39.68
C LEU C 894 20.52 -20.61 38.94
N CYS C 895 19.51 -21.29 39.44
CA CYS C 895 18.21 -21.30 38.80
C CYS C 895 17.20 -20.67 39.75
N LYS C 896 16.50 -19.64 39.29
CA LYS C 896 15.59 -18.88 40.13
C LYS C 896 14.16 -19.17 39.72
N GLN C 897 13.23 -18.86 40.61
CA GLN C 897 11.83 -19.08 40.32
C GLN C 897 11.33 -18.06 39.31
N ILE C 898 10.57 -18.53 38.32
CA ILE C 898 10.01 -17.63 37.31
C ILE C 898 8.92 -16.79 37.97
N ASP C 899 8.56 -15.68 37.32
CA ASP C 899 7.57 -14.80 37.91
C ASP C 899 6.77 -14.11 36.81
N HIS C 900 5.47 -14.42 36.74
CA HIS C 900 4.53 -13.50 36.14
C HIS C 900 4.50 -12.23 36.98
N PHE C 901 4.65 -11.08 36.33
CA PHE C 901 4.97 -9.89 37.10
C PHE C 901 3.76 -8.98 37.22
N PRO C 902 3.33 -8.66 38.45
CA PRO C 902 2.37 -7.57 38.64
C PRO C 902 3.02 -6.21 38.87
N GLU C 903 4.32 -6.18 39.17
CA GLU C 903 5.05 -4.94 39.38
C GLU C 903 5.45 -4.36 38.03
N ASP C 904 4.95 -3.15 37.75
CA ASP C 904 5.01 -2.52 36.43
C ASP C 904 4.44 -3.45 35.37
N ALA C 905 3.16 -3.78 35.54
CA ALA C 905 2.54 -4.90 34.83
C ALA C 905 2.07 -4.50 33.44
N ASP C 906 1.35 -3.38 33.35
CA ASP C 906 0.74 -2.83 32.13
C ASP C 906 -0.32 -3.75 31.51
N TYR C 907 -0.86 -4.70 32.28
CA TYR C 907 -1.96 -5.53 31.80
C TYR C 907 -3.12 -5.58 32.78
N GLU C 908 -3.17 -4.64 33.72
CA GLU C 908 -4.25 -4.59 34.70
C GLU C 908 -5.59 -4.34 34.02
N ALA C 909 -6.63 -5.03 34.52
CA ALA C 909 -8.00 -5.02 33.97
C ALA C 909 -8.04 -5.43 32.49
N ASP C 910 -7.18 -6.37 32.08
CA ASP C 910 -7.31 -7.03 30.79
C ASP C 910 -8.12 -8.30 31.01
N THR C 911 -9.16 -8.49 30.19
CA THR C 911 -9.87 -9.76 30.24
C THR C 911 -9.03 -10.87 29.62
N ALA C 912 -8.32 -10.56 28.54
CA ALA C 912 -7.64 -11.59 27.77
C ALA C 912 -6.30 -11.97 28.39
N GLU C 913 -5.62 -11.01 29.03
CA GLU C 913 -4.30 -11.31 29.58
C GLU C 913 -4.41 -12.01 30.94
N TYR C 914 -5.44 -11.66 31.72
CA TYR C 914 -5.57 -12.25 33.05
C TYR C 914 -5.91 -13.73 32.97
N PHE C 915 -6.53 -14.15 31.87
CA PHE C 915 -6.64 -15.58 31.60
C PHE C 915 -5.29 -16.16 31.23
N LEU C 916 -4.49 -15.42 30.45
CA LEU C 916 -3.22 -15.95 29.97
C LEU C 916 -2.16 -15.96 31.06
N ARG C 917 -2.25 -15.07 32.03
CA ARG C 917 -1.28 -15.10 33.12
C ARG C 917 -1.50 -16.31 34.00
N ALA C 918 -2.77 -16.64 34.25
CA ALA C 918 -3.10 -17.73 35.16
C ALA C 918 -2.74 -19.08 34.56
N VAL C 919 -3.01 -19.26 33.27
CA VAL C 919 -2.79 -20.55 32.64
C VAL C 919 -1.31 -20.78 32.40
N ARG C 920 -0.56 -19.72 32.07
CA ARG C 920 0.87 -19.89 31.81
C ARG C 920 1.63 -20.24 33.09
N ALA C 921 1.67 -19.34 34.06
CA ALA C 921 2.55 -19.48 35.20
C ALA C 921 2.06 -20.53 36.18
N SER C 922 0.76 -20.83 36.16
CA SER C 922 0.26 -22.02 36.81
C SER C 922 -0.12 -22.92 35.65
N SER C 923 0.86 -23.65 35.16
CA SER C 923 0.73 -24.43 33.93
C SER C 923 -0.15 -25.64 34.15
N ILE C 924 -1.46 -25.42 34.10
CA ILE C 924 -2.41 -26.51 34.33
C ILE C 924 -2.40 -27.48 33.16
N PHE C 925 -2.24 -26.97 31.95
CA PHE C 925 -2.40 -27.82 30.76
C PHE C 925 -1.27 -28.84 30.58
N PRO C 926 0.01 -28.52 30.79
CA PRO C 926 0.98 -29.62 30.83
C PRO C 926 0.89 -30.48 32.07
N ILE C 927 0.30 -29.97 33.15
CA ILE C 927 0.01 -30.83 34.29
C ILE C 927 -1.15 -31.75 33.96
N LEU C 928 -2.19 -31.22 33.32
CA LEU C 928 -3.31 -32.03 32.84
C LEU C 928 -2.83 -33.06 31.82
N SER C 929 -1.85 -32.69 31.00
CA SER C 929 -1.36 -33.61 29.99
C SER C 929 -0.52 -34.72 30.60
N VAL C 930 -0.12 -34.57 31.86
CA VAL C 930 0.53 -35.67 32.55
C VAL C 930 -0.50 -36.61 33.14
N ILE C 931 -1.49 -36.05 33.86
CA ILE C 931 -2.42 -36.87 34.64
C ILE C 931 -3.33 -37.67 33.72
N LEU C 932 -3.81 -37.06 32.64
CA LEU C 932 -4.65 -37.78 31.69
C LEU C 932 -3.85 -38.83 30.95
N LEU C 933 -2.59 -38.54 30.65
CA LEU C 933 -1.73 -39.54 30.06
C LEU C 933 -1.40 -40.63 31.07
N PHE C 934 -1.39 -40.28 32.35
CA PHE C 934 -1.21 -41.28 33.39
C PHE C 934 -2.46 -42.09 33.59
N MET C 935 -3.62 -41.45 33.48
CA MET C 935 -4.88 -42.16 33.68
C MET C 935 -5.16 -43.10 32.53
N GLY C 936 -4.74 -42.73 31.32
CA GLY C 936 -4.81 -43.65 30.21
C GLY C 936 -3.82 -44.79 30.35
N GLY C 937 -2.73 -44.56 31.09
CA GLY C 937 -1.79 -45.63 31.34
C GLY C 937 -2.33 -46.68 32.29
N LEU C 938 -3.18 -46.27 33.23
CA LEU C 938 -3.69 -47.23 34.20
C LEU C 938 -4.79 -48.09 33.59
N CYS C 939 -5.57 -47.52 32.68
CA CYS C 939 -6.62 -48.30 32.03
C CYS C 939 -6.03 -49.27 31.02
N ILE C 940 -4.86 -48.94 30.47
CA ILE C 940 -4.21 -49.85 29.53
C ILE C 940 -3.32 -50.83 30.28
N ALA C 941 -2.98 -50.51 31.53
CA ALA C 941 -2.33 -51.50 32.38
C ALA C 941 -3.36 -52.50 32.90
N ALA C 942 -4.61 -52.07 33.08
CA ALA C 942 -5.68 -52.92 33.56
C ALA C 942 -6.33 -53.75 32.47
N SER C 943 -5.67 -53.93 31.33
CA SER C 943 -6.21 -54.88 30.35
C SER C 943 -5.59 -56.25 30.53
N GLU C 944 -4.48 -56.34 31.26
CA GLU C 944 -3.95 -57.65 31.60
C GLU C 944 -4.83 -58.35 32.62
N PHE C 945 -5.06 -57.72 33.76
CA PHE C 945 -5.92 -58.27 34.80
C PHE C 945 -7.21 -57.48 34.85
N TYR C 946 -8.30 -58.21 35.10
CA TYR C 946 -9.69 -57.75 34.96
C TYR C 946 -10.01 -57.34 33.52
N LYS C 947 -9.69 -58.22 32.57
CA LYS C 947 -10.05 -57.99 31.18
C LYS C 947 -11.47 -58.51 30.93
N THR C 948 -11.83 -58.61 29.64
CA THR C 948 -13.10 -59.02 29.01
C THR C 948 -14.16 -57.94 29.24
N ARG C 949 -13.78 -56.81 29.84
CA ARG C 949 -14.70 -55.70 30.01
C ARG C 949 -14.98 -55.04 28.68
N HIS C 950 -13.97 -55.00 27.80
CA HIS C 950 -14.10 -54.66 26.38
C HIS C 950 -14.59 -53.22 26.17
N ASN C 951 -14.30 -52.36 27.15
CA ASN C 951 -14.70 -50.97 27.11
C ASN C 951 -13.51 -50.18 27.64
N ILE C 952 -12.57 -50.90 28.21
CA ILE C 952 -11.59 -50.28 29.08
C ILE C 952 -10.47 -49.64 28.27
N ILE C 953 -10.31 -50.07 27.02
CA ILE C 953 -9.24 -49.49 26.21
C ILE C 953 -9.76 -48.32 25.40
N LEU C 954 -11.06 -48.29 25.12
CA LEU C 954 -11.68 -47.05 24.67
C LEU C 954 -11.63 -46.00 25.76
N SER C 955 -11.86 -46.41 27.01
CA SER C 955 -11.68 -45.50 28.12
C SER C 955 -10.22 -45.11 28.27
N ALA C 956 -9.31 -46.00 27.91
CA ALA C 956 -7.91 -45.63 27.86
C ALA C 956 -7.63 -44.73 26.68
N GLY C 957 -8.08 -45.11 25.50
CA GLY C 957 -7.64 -44.47 24.27
C GLY C 957 -8.13 -43.05 24.11
N ILE C 958 -9.30 -42.75 24.67
CA ILE C 958 -9.78 -41.37 24.71
C ILE C 958 -8.90 -40.53 25.61
N PHE C 959 -8.37 -41.12 26.69
CA PHE C 959 -7.51 -40.37 27.59
C PHE C 959 -6.17 -40.05 26.96
N PHE C 960 -5.72 -40.88 26.01
CA PHE C 960 -4.51 -40.55 25.27
C PHE C 960 -4.77 -39.41 24.30
N VAL C 961 -5.89 -39.47 23.58
CA VAL C 961 -6.22 -38.43 22.62
C VAL C 961 -6.52 -37.12 23.31
N SER C 962 -7.20 -37.18 24.46
CA SER C 962 -7.41 -35.98 25.26
C SER C 962 -6.09 -35.40 25.77
N ALA C 963 -5.14 -36.26 26.12
CA ALA C 963 -3.88 -35.80 26.68
C ALA C 963 -3.02 -35.10 25.63
N GLY C 964 -3.28 -35.36 24.37
CA GLY C 964 -2.62 -34.56 23.34
C GLY C 964 -3.31 -33.24 23.14
N LEU C 965 -4.64 -33.22 23.24
CA LEU C 965 -5.37 -31.97 23.13
C LEU C 965 -5.10 -31.08 24.34
N SER C 966 -4.81 -31.68 25.48
CA SER C 966 -4.30 -30.89 26.59
C SER C 966 -2.88 -30.43 26.33
N ASN C 967 -2.07 -31.28 25.68
CA ASN C 967 -0.67 -30.93 25.48
C ASN C 967 -0.51 -29.87 24.40
N ILE C 968 -1.38 -29.91 23.38
CA ILE C 968 -1.18 -29.04 22.23
C ILE C 968 -1.52 -27.60 22.58
N ILE C 969 -2.46 -27.41 23.51
CA ILE C 969 -2.84 -26.05 23.87
C ILE C 969 -1.93 -25.54 24.98
N GLY C 970 -1.24 -26.45 25.66
CA GLY C 970 -0.20 -26.03 26.58
C GLY C 970 1.00 -25.44 25.86
N ILE C 971 1.22 -25.86 24.62
CA ILE C 971 2.24 -25.22 23.79
C ILE C 971 1.78 -23.83 23.37
N ILE C 972 0.50 -23.69 23.02
CA ILE C 972 -0.02 -22.45 22.46
C ILE C 972 -0.04 -21.35 23.52
N VAL C 973 -0.36 -21.72 24.76
CA VAL C 973 -0.34 -20.72 25.82
C VAL C 973 1.09 -20.36 26.19
N TYR C 974 2.04 -21.26 25.93
CA TYR C 974 3.43 -20.98 26.23
C TYR C 974 4.02 -20.04 25.21
N ILE C 975 3.68 -20.23 23.94
CA ILE C 975 4.19 -19.34 22.90
C ILE C 975 3.49 -17.99 22.99
N SER C 976 2.26 -17.98 23.50
CA SER C 976 1.51 -16.73 23.60
C SER C 976 2.11 -15.82 24.67
N ALA C 977 2.46 -16.39 25.81
CA ALA C 977 2.79 -15.55 26.96
C ALA C 977 4.18 -14.95 26.85
N ASN C 978 5.15 -15.71 26.35
CA ASN C 978 6.52 -15.21 26.39
C ASN C 978 6.80 -14.15 25.33
N ALA C 979 5.89 -13.97 24.37
CA ALA C 979 6.10 -12.96 23.35
C ALA C 979 5.84 -11.58 23.92
N GLY C 980 6.76 -10.66 23.64
CA GLY C 980 6.65 -9.30 24.15
C GLY C 980 7.90 -8.47 23.96
N LYS C 988 14.06 -7.75 24.06
CA LYS C 988 12.69 -8.14 23.77
C LYS C 988 12.61 -9.63 23.46
N LYS C 989 13.42 -10.40 24.19
CA LYS C 989 13.63 -11.84 23.98
C LYS C 989 14.15 -12.09 22.58
N ASN C 990 15.26 -11.41 22.25
CA ASN C 990 15.84 -11.48 20.91
C ASN C 990 16.42 -12.85 20.63
N SER C 991 16.04 -13.40 19.48
CA SER C 991 16.61 -14.64 18.91
C SER C 991 16.47 -15.82 19.87
N TYR C 992 15.28 -15.93 20.45
CA TYR C 992 14.97 -17.04 21.33
C TYR C 992 14.97 -18.36 20.55
N SER C 993 15.45 -19.41 21.19
CA SER C 993 15.38 -20.75 20.63
C SER C 993 14.66 -21.64 21.64
N TYR C 994 14.06 -22.71 21.15
CA TYR C 994 13.24 -23.55 22.01
C TYR C 994 13.97 -24.73 22.60
N GLY C 995 15.28 -24.83 22.39
CA GLY C 995 16.08 -25.84 23.04
C GLY C 995 15.69 -27.25 22.63
N TRP C 996 15.75 -28.15 23.60
CA TRP C 996 15.32 -29.52 23.37
C TRP C 996 14.50 -30.09 24.51
N SER C 997 14.12 -29.29 25.50
CA SER C 997 13.07 -29.69 26.43
C SER C 997 11.71 -29.57 25.77
N PHE C 998 11.50 -28.46 25.09
CA PHE C 998 10.25 -28.19 24.41
C PHE C 998 9.99 -29.19 23.31
N TYR C 999 11.05 -29.64 22.63
CA TYR C 999 10.87 -30.62 21.57
C TYR C 999 10.48 -31.97 22.13
N PHE C 1000 10.77 -32.22 23.40
CA PHE C 1000 10.25 -33.44 24.01
C PHE C 1000 8.76 -33.33 24.27
N GLY C 1001 8.30 -32.16 24.69
CA GLY C 1001 6.86 -31.94 24.78
C GLY C 1001 6.21 -31.92 23.42
N ALA C 1002 6.96 -31.46 22.40
CA ALA C 1002 6.49 -31.56 21.03
C ALA C 1002 6.42 -33.01 20.58
N LEU C 1003 7.40 -33.82 20.96
CA LEU C 1003 7.40 -35.22 20.55
C LEU C 1003 6.45 -36.03 21.42
N SER C 1004 6.14 -35.54 22.62
CA SER C 1004 5.21 -36.27 23.47
C SER C 1004 3.79 -36.18 22.95
N PHE C 1005 3.51 -35.16 22.13
CA PHE C 1005 2.19 -35.08 21.52
C PHE C 1005 2.00 -36.17 20.47
N ILE C 1006 3.03 -36.42 19.67
CA ILE C 1006 2.88 -37.36 18.55
C ILE C 1006 2.77 -38.79 19.07
N ILE C 1007 3.48 -39.10 20.16
CA ILE C 1007 3.41 -40.42 20.73
C ILE C 1007 2.07 -40.63 21.45
N ALA C 1008 1.59 -39.59 22.15
CA ALA C 1008 0.34 -39.73 22.89
C ALA C 1008 -0.86 -39.90 21.96
N GLU C 1009 -0.75 -39.39 20.73
CA GLU C 1009 -1.81 -39.67 19.77
C GLU C 1009 -1.62 -41.04 19.16
N MET C 1010 -0.38 -41.41 18.83
CA MET C 1010 -0.11 -42.68 18.17
C MET C 1010 -0.42 -43.87 19.08
N VAL C 1011 -0.43 -43.63 20.39
CA VAL C 1011 -1.04 -44.59 21.29
C VAL C 1011 -2.54 -44.64 21.09
N GLY C 1012 -3.19 -43.47 21.08
CA GLY C 1012 -4.63 -43.42 20.93
C GLY C 1012 -5.09 -43.75 19.53
N VAL C 1013 -4.21 -43.58 18.55
CA VAL C 1013 -4.40 -44.20 17.24
C VAL C 1013 -4.54 -45.69 17.40
N LEU C 1014 -3.57 -46.30 18.07
CA LEU C 1014 -3.50 -47.75 18.10
C LEU C 1014 -4.51 -48.33 19.07
N ALA C 1015 -4.89 -47.55 20.09
CA ALA C 1015 -5.84 -48.02 21.08
C ALA C 1015 -7.22 -48.22 20.48
N VAL C 1016 -7.59 -47.38 19.52
CA VAL C 1016 -8.88 -47.55 18.88
C VAL C 1016 -8.83 -48.74 17.93
N HIS C 1017 -7.68 -48.97 17.29
CA HIS C 1017 -7.54 -50.09 16.37
C HIS C 1017 -7.61 -51.42 17.10
N MET C 1018 -7.27 -51.43 18.38
CA MET C 1018 -7.52 -52.62 19.16
C MET C 1018 -8.99 -52.73 19.53
N PHE C 1019 -9.64 -51.59 19.76
CA PHE C 1019 -11.01 -51.60 20.24
C PHE C 1019 -11.97 -52.02 19.15
N ILE C 1020 -11.65 -51.72 17.90
CA ILE C 1020 -12.51 -52.16 16.81
C ILE C 1020 -12.44 -53.67 16.67
N ASP C 1021 -11.27 -54.25 16.93
CA ASP C 1021 -11.10 -55.70 16.81
C ASP C 1021 -11.88 -56.43 17.90
N ARG C 1022 -11.90 -55.88 19.11
CA ARG C 1022 -12.53 -56.57 20.22
C ARG C 1022 -14.05 -56.43 20.20
N HIS C 1023 -14.58 -55.55 19.35
CA HIS C 1023 -16.02 -55.60 19.10
C HIS C 1023 -16.32 -56.27 17.77
N LYS C 1024 -15.32 -56.42 16.92
CA LYS C 1024 -15.42 -57.43 15.86
C LYS C 1024 -15.29 -58.83 16.44
N GLN C 1025 -14.56 -58.96 17.55
CA GLN C 1025 -14.44 -60.28 18.18
C GLN C 1025 -15.70 -60.63 18.96
N LEU C 1026 -16.42 -59.62 19.46
CA LEU C 1026 -17.74 -59.89 20.02
C LEU C 1026 -18.78 -60.09 18.92
N THR C 1027 -18.47 -59.64 17.71
CA THR C 1027 -19.39 -59.82 16.60
C THR C 1027 -19.30 -61.24 16.05
N THR D 385 22.50 50.27 32.58
CA THR D 385 21.91 49.39 31.57
C THR D 385 20.79 48.55 32.17
N VAL D 386 20.05 47.89 31.29
CA VAL D 386 18.82 47.19 31.68
C VAL D 386 19.17 45.77 32.11
N VAL D 387 18.50 45.28 33.15
CA VAL D 387 18.73 43.95 33.68
C VAL D 387 17.52 43.08 33.37
N VAL D 388 17.75 41.98 32.66
CA VAL D 388 16.71 41.04 32.30
C VAL D 388 16.63 39.95 33.37
N THR D 389 15.46 39.76 33.95
CA THR D 389 15.25 38.70 34.92
C THR D 389 14.47 37.55 34.32
N THR D 390 14.76 36.34 34.78
CA THR D 390 14.19 35.09 34.32
C THR D 390 14.09 34.12 35.48
N ILE D 391 13.31 33.07 35.29
CA ILE D 391 13.40 31.88 36.13
C ILE D 391 13.79 30.72 35.23
N LEU D 392 14.75 29.90 35.66
CA LEU D 392 15.24 28.86 34.79
C LEU D 392 14.23 27.74 34.69
N GLU D 393 13.69 27.55 33.50
CA GLU D 393 12.76 26.48 33.19
C GLU D 393 13.06 26.01 31.78
N SER D 394 12.81 24.73 31.54
CA SER D 394 12.88 24.23 30.19
C SER D 394 11.64 24.66 29.43
N PRO D 395 11.77 24.96 28.13
CA PRO D 395 13.00 25.14 27.38
C PRO D 395 13.26 26.62 27.17
N TYR D 396 12.60 27.43 27.99
CA TYR D 396 12.69 28.87 27.82
C TYR D 396 14.02 29.40 28.31
N VAL D 397 14.33 29.15 29.58
CA VAL D 397 15.52 29.70 30.23
C VAL D 397 16.39 28.53 30.65
N MET D 398 17.34 28.17 29.81
CA MET D 398 18.30 27.16 30.19
C MET D 398 19.67 27.71 29.86
N MET D 399 20.69 27.05 30.41
CA MET D 399 22.06 27.40 30.14
C MET D 399 22.60 26.45 29.08
N LYS D 400 23.65 26.87 28.40
CA LYS D 400 24.33 25.97 27.49
C LYS D 400 25.13 24.96 28.31
N LYS D 401 25.57 23.87 27.66
CA LYS D 401 26.38 22.88 28.36
C LYS D 401 27.75 23.43 28.76
N ASN D 402 28.18 24.51 28.11
CA ASN D 402 29.45 25.16 28.43
C ASN D 402 29.26 26.32 29.39
N HIS D 403 28.28 26.24 30.29
CA HIS D 403 27.99 27.34 31.20
C HIS D 403 29.08 27.49 32.25
N GLU D 404 29.81 26.42 32.53
CA GLU D 404 30.82 26.46 33.59
C GLU D 404 32.04 27.27 33.15
N MET D 405 32.43 27.14 31.88
CA MET D 405 33.57 27.93 31.39
C MET D 405 33.12 29.31 30.93
N LEU D 406 32.01 29.39 30.22
CA LEU D 406 31.60 30.67 29.66
C LEU D 406 30.94 31.54 30.71
N GLU D 407 30.78 32.82 30.37
CA GLU D 407 30.27 33.84 31.28
C GLU D 407 29.60 34.94 30.49
N GLY D 408 28.42 35.34 30.94
CA GLY D 408 27.73 36.47 30.35
C GLY D 408 26.36 36.12 29.82
N ASN D 409 26.08 36.67 28.64
CA ASN D 409 24.82 36.39 27.98
C ASN D 409 24.97 35.24 27.01
N GLU D 410 26.22 34.83 26.76
CA GLU D 410 26.48 33.76 25.79
C GLU D 410 26.31 32.38 26.43
N ARG D 411 26.41 32.31 27.75
CA ARG D 411 26.27 31.04 28.44
C ARG D 411 24.82 30.57 28.47
N TYR D 412 23.88 31.51 28.41
CA TYR D 412 22.47 31.15 28.46
C TYR D 412 21.97 30.71 27.11
N GLU D 413 21.10 29.70 27.11
CA GLU D 413 20.75 28.99 25.89
C GLU D 413 19.32 28.47 26.02
N GLY D 414 18.38 29.20 25.43
CA GLY D 414 16.99 28.82 25.48
C GLY D 414 16.18 29.75 24.61
N TYR D 415 14.85 29.68 24.79
CA TYR D 415 13.99 30.48 23.95
C TYR D 415 13.98 31.94 24.36
N CYS D 416 13.58 32.23 25.61
CA CYS D 416 13.46 33.62 26.02
C CYS D 416 14.81 34.27 26.25
N VAL D 417 15.88 33.46 26.26
CA VAL D 417 17.24 33.99 26.12
C VAL D 417 17.35 34.77 24.82
N ASP D 418 17.04 34.13 23.70
CA ASP D 418 17.18 34.81 22.41
C ASP D 418 16.05 35.79 22.18
N LEU D 419 14.91 35.58 22.82
CA LEU D 419 13.80 36.52 22.66
C LEU D 419 14.15 37.87 23.26
N ALA D 420 14.85 37.86 24.39
CA ALA D 420 15.43 39.08 24.94
C ALA D 420 16.44 39.67 23.98
N ALA D 421 17.20 38.82 23.28
CA ALA D 421 18.21 39.29 22.36
C ALA D 421 17.60 39.88 21.11
N GLU D 422 16.31 39.61 20.87
CA GLU D 422 15.65 40.22 19.72
C GLU D 422 15.03 41.56 20.07
N ILE D 423 14.56 41.71 21.30
CA ILE D 423 13.99 42.98 21.73
C ILE D 423 15.06 44.06 21.77
N ALA D 424 16.24 43.74 22.30
CA ALA D 424 17.33 44.69 22.34
C ALA D 424 17.88 44.99 20.94
N LYS D 425 17.70 44.06 20.00
CA LYS D 425 18.11 44.30 18.64
C LYS D 425 17.25 45.37 17.99
N HIS D 426 15.99 45.46 18.40
CA HIS D 426 15.09 46.43 17.79
C HIS D 426 14.88 47.64 18.68
N CYS D 427 15.21 47.52 19.97
CA CYS D 427 15.10 48.67 20.86
C CYS D 427 16.44 49.36 21.11
N GLY D 428 17.49 48.59 21.36
CA GLY D 428 18.78 49.20 21.66
C GLY D 428 19.00 49.49 23.12
N PHE D 429 18.71 48.53 23.99
CA PHE D 429 18.97 48.64 25.43
C PHE D 429 19.83 47.45 25.85
N LYS D 430 20.99 47.74 26.43
CA LYS D 430 21.93 46.68 26.76
C LYS D 430 21.43 45.89 27.98
N TYR D 431 21.53 44.57 27.86
CA TYR D 431 20.85 43.63 28.73
C TYR D 431 21.86 42.78 29.48
N LYS D 432 21.58 42.50 30.75
CA LYS D 432 22.37 41.55 31.54
C LYS D 432 21.42 40.49 32.08
N LEU D 433 21.60 39.25 31.66
CA LEU D 433 20.70 38.18 32.00
C LEU D 433 20.89 37.75 33.44
N THR D 434 19.78 37.50 34.13
CA THR D 434 19.80 37.07 35.52
C THR D 434 18.77 35.98 35.77
N ILE D 435 18.92 35.35 36.91
CA ILE D 435 17.87 34.53 37.53
C ILE D 435 17.54 35.23 38.84
N VAL D 436 16.25 35.29 39.19
CA VAL D 436 15.90 35.81 40.50
C VAL D 436 16.31 34.75 41.53
N GLY D 437 16.77 35.22 42.69
CA GLY D 437 17.20 34.30 43.73
C GLY D 437 16.03 33.55 44.35
N ASP D 438 14.87 34.21 44.46
CA ASP D 438 13.71 33.61 45.09
C ASP D 438 13.16 32.45 44.26
N GLY D 439 13.23 32.54 42.94
CA GLY D 439 12.68 31.51 42.09
C GLY D 439 11.18 31.43 42.15
N LYS D 440 10.52 32.57 42.34
CA LYS D 440 9.07 32.64 42.32
C LYS D 440 8.63 33.43 41.10
N TYR D 441 7.51 33.01 40.51
CA TYR D 441 6.93 33.76 39.41
C TYR D 441 6.50 35.14 39.86
N GLY D 442 5.88 35.23 41.03
CA GLY D 442 5.50 36.53 41.54
C GLY D 442 4.03 36.72 41.81
N ALA D 443 3.69 36.78 43.09
CA ALA D 443 2.34 37.05 43.53
C ALA D 443 2.41 37.90 44.78
N ARG D 444 1.25 38.11 45.39
CA ARG D 444 1.23 38.57 46.77
C ARG D 444 1.51 37.37 47.67
N ASP D 445 2.00 37.64 48.87
CA ASP D 445 2.24 36.54 49.81
C ASP D 445 0.93 35.96 50.33
N ALA D 446 0.93 34.64 50.54
CA ALA D 446 -0.15 34.00 51.25
C ALA D 446 -0.12 34.44 52.71
N ASP D 447 -1.27 34.88 53.23
CA ASP D 447 -1.57 35.30 54.59
C ASP D 447 -0.91 36.66 54.94
N THR D 448 -0.04 37.19 54.09
CA THR D 448 0.69 38.42 54.36
C THR D 448 0.43 39.50 53.32
N LYS D 449 -0.09 39.11 52.14
CA LYS D 449 -0.32 39.93 50.93
C LYS D 449 0.84 40.86 50.58
N ILE D 450 2.08 40.44 50.79
CA ILE D 450 3.25 41.20 50.39
C ILE D 450 3.73 40.64 49.05
N TRP D 451 4.07 41.53 48.11
CA TRP D 451 4.43 41.07 46.78
C TRP D 451 5.84 40.49 46.76
N ASN D 452 5.95 39.26 46.26
CA ASN D 452 7.23 38.59 46.11
C ASN D 452 7.44 38.24 44.64
N GLY D 453 8.56 37.59 44.36
CA GLY D 453 8.80 36.94 43.08
C GLY D 453 9.33 37.89 42.01
N MET D 454 9.27 37.40 40.77
CA MET D 454 9.71 38.21 39.64
C MET D 454 8.79 39.39 39.42
N VAL D 455 7.51 39.22 39.74
CA VAL D 455 6.61 40.37 39.77
C VAL D 455 7.06 41.34 40.84
N GLY D 456 7.38 40.84 42.04
CA GLY D 456 7.72 41.70 43.15
C GLY D 456 9.02 42.45 42.94
N GLU D 457 9.97 41.85 42.24
CA GLU D 457 11.21 42.54 41.93
C GLU D 457 10.98 43.72 41.00
N LEU D 458 10.07 43.58 40.05
CA LEU D 458 9.70 44.70 39.21
C LEU D 458 8.90 45.73 39.99
N VAL D 459 8.16 45.29 41.01
CA VAL D 459 7.44 46.22 41.88
C VAL D 459 8.42 47.09 42.66
N TYR D 460 9.48 46.49 43.19
CA TYR D 460 10.34 47.16 44.15
C TYR D 460 11.47 47.93 43.49
N GLY D 461 11.46 48.05 42.16
CA GLY D 461 12.42 48.85 41.43
C GLY D 461 13.71 48.17 41.06
N LYS D 462 13.97 46.99 41.61
CA LYS D 462 15.27 46.34 41.39
C LYS D 462 15.37 45.76 39.99
N ALA D 463 14.34 45.05 39.55
CA ALA D 463 14.32 44.42 38.25
C ALA D 463 13.83 45.42 37.22
N ASP D 464 14.24 45.23 35.97
CA ASP D 464 13.91 46.20 34.93
C ASP D 464 12.89 45.65 33.95
N ILE D 465 13.15 44.46 33.40
CA ILE D 465 12.25 43.81 32.47
C ILE D 465 12.29 42.31 32.75
N ALA D 466 11.16 41.64 32.56
CA ALA D 466 11.01 40.22 32.90
C ALA D 466 10.63 39.47 31.64
N ILE D 467 11.63 39.08 30.87
CA ILE D 467 11.38 38.37 29.63
C ILE D 467 11.42 36.88 29.95
N ALA D 468 10.29 36.34 30.35
CA ALA D 468 10.26 35.05 31.02
C ALA D 468 8.97 34.31 30.67
N PRO D 469 8.88 32.99 30.89
CA PRO D 469 7.57 32.33 30.77
C PRO D 469 6.65 32.70 31.93
N LEU D 470 6.02 33.87 31.81
CA LEU D 470 5.23 34.46 32.89
C LEU D 470 3.84 34.78 32.37
N THR D 471 2.82 34.25 33.02
CA THR D 471 1.46 34.40 32.50
C THR D 471 0.89 35.75 32.85
N ILE D 472 0.29 36.39 31.86
CA ILE D 472 -0.37 37.69 32.05
C ILE D 472 -1.60 37.44 32.90
N THR D 473 -1.67 38.09 34.05
CA THR D 473 -2.73 37.85 35.01
C THR D 473 -3.27 39.20 35.46
N LEU D 474 -4.57 39.21 35.76
CA LEU D 474 -5.26 40.43 36.17
C LEU D 474 -4.66 41.03 37.44
N VAL D 475 -4.22 40.17 38.36
CA VAL D 475 -3.77 40.67 39.66
C VAL D 475 -2.38 41.29 39.55
N ARG D 476 -1.56 40.79 38.61
CA ARG D 476 -0.25 41.39 38.40
C ARG D 476 -0.30 42.44 37.31
N GLU D 477 -1.40 42.50 36.56
CA GLU D 477 -1.64 43.66 35.72
C GLU D 477 -1.88 44.89 36.58
N GLU D 478 -2.41 44.69 37.78
CA GLU D 478 -2.69 45.78 38.70
C GLU D 478 -1.41 46.51 39.12
N VAL D 479 -0.35 45.77 39.39
CA VAL D 479 0.86 46.40 39.90
C VAL D 479 1.74 46.91 38.78
N ILE D 480 1.87 46.15 37.69
CA ILE D 480 2.89 46.44 36.68
C ILE D 480 2.29 46.34 35.30
N ASP D 481 3.05 46.80 34.31
CA ASP D 481 2.60 46.83 32.94
C ASP D 481 2.90 45.50 32.25
N PHE D 482 2.10 45.19 31.23
CA PHE D 482 2.38 44.06 30.36
C PHE D 482 2.39 44.50 28.91
N SER D 483 3.12 43.76 28.10
CA SER D 483 3.05 43.96 26.66
C SER D 483 1.93 43.14 26.08
N LYS D 484 1.84 43.17 24.76
CA LYS D 484 1.00 42.21 24.07
C LYS D 484 1.60 40.83 24.25
N PRO D 485 0.78 39.78 24.31
CA PRO D 485 1.33 38.46 24.59
C PRO D 485 2.15 37.94 23.43
N PHE D 486 3.21 37.21 23.73
CA PHE D 486 4.03 36.70 22.65
C PHE D 486 3.75 35.22 22.40
N MET D 487 3.35 34.48 23.41
CA MET D 487 2.91 33.10 23.22
C MET D 487 1.58 32.88 23.91
N SER D 488 0.73 32.08 23.29
CA SER D 488 -0.58 31.74 23.81
C SER D 488 -0.66 30.25 24.07
N LEU D 489 -1.38 29.86 25.12
CA LEU D 489 -1.42 28.48 25.56
C LEU D 489 -2.60 28.28 26.48
N GLY D 490 -2.91 27.02 26.75
CA GLY D 490 -4.03 26.69 27.62
C GLY D 490 -3.64 25.64 28.64
N ILE D 491 -4.54 25.47 29.61
CA ILE D 491 -4.35 24.44 30.61
C ILE D 491 -4.65 23.08 30.01
N SER D 492 -3.65 22.20 30.02
CA SER D 492 -3.77 20.92 29.32
C SER D 492 -3.57 19.78 30.30
N ILE D 493 -3.71 18.55 29.80
CA ILE D 493 -3.67 17.35 30.62
C ILE D 493 -2.50 16.49 30.18
N MET D 494 -1.72 16.00 31.15
CA MET D 494 -0.72 14.97 30.92
C MET D 494 -1.09 13.71 31.67
N ILE D 495 -1.02 12.57 30.98
CA ILE D 495 -1.09 11.25 31.58
C ILE D 495 0.13 10.46 31.12
N LYS D 496 0.36 9.33 31.78
CA LYS D 496 1.34 8.36 31.32
C LYS D 496 0.83 7.70 30.04
N LYS D 497 1.56 7.88 28.93
CA LYS D 497 1.10 7.47 27.62
C LYS D 497 0.96 5.95 27.55
N PRO D 498 -0.20 5.43 27.13
CA PRO D 498 -0.46 4.00 27.26
C PRO D 498 0.32 3.17 26.26
N GLN D 499 0.48 1.89 26.58
CA GLN D 499 1.16 0.95 25.70
C GLN D 499 0.26 0.66 24.52
N LYS D 500 0.88 0.45 23.37
CA LYS D 500 0.11 0.18 22.16
C LYS D 500 -0.50 -1.22 22.24
N SER D 501 -1.83 -1.26 22.24
CA SER D 501 -2.55 -2.47 22.63
C SER D 501 -2.42 -3.57 21.60
N LYS D 502 -2.17 -4.78 22.08
CA LYS D 502 -2.17 -5.98 21.26
C LYS D 502 -3.60 -6.29 20.80
N PRO D 503 -3.77 -7.01 19.70
CA PRO D 503 -5.11 -7.46 19.32
C PRO D 503 -5.59 -8.60 20.19
N GLY D 504 -6.91 -8.71 20.31
CA GLY D 504 -7.50 -9.70 21.20
C GLY D 504 -7.41 -11.11 20.66
N VAL D 505 -7.98 -12.05 21.43
CA VAL D 505 -7.94 -13.45 21.01
C VAL D 505 -8.96 -13.70 19.91
N PHE D 506 -9.91 -12.79 19.74
CA PHE D 506 -10.84 -12.88 18.62
C PHE D 506 -10.53 -11.86 17.55
N SER D 507 -9.25 -11.68 17.24
CA SER D 507 -8.86 -10.68 16.26
C SER D 507 -9.14 -11.12 14.84
N PHE D 508 -9.48 -12.40 14.64
CA PHE D 508 -9.80 -12.86 13.30
C PHE D 508 -11.13 -12.29 12.81
N LEU D 509 -12.07 -12.04 13.73
CA LEU D 509 -13.38 -11.58 13.33
C LEU D 509 -13.48 -10.06 13.33
N ASP D 510 -12.36 -9.39 13.31
CA ASP D 510 -12.32 -7.94 13.21
C ASP D 510 -12.51 -7.31 11.82
N PRO D 511 -12.06 -7.87 10.69
CA PRO D 511 -12.30 -7.15 9.41
C PRO D 511 -13.75 -7.05 9.01
N LEU D 512 -14.61 -7.89 9.54
CA LEU D 512 -16.04 -7.72 9.35
C LEU D 512 -16.64 -7.32 10.69
N ALA D 513 -17.52 -6.32 10.65
CA ALA D 513 -18.04 -5.77 11.88
C ALA D 513 -18.99 -6.76 12.56
N TYR D 514 -19.33 -6.45 13.81
CA TYR D 514 -20.17 -7.34 14.62
C TYR D 514 -21.57 -7.45 14.03
N GLU D 515 -21.99 -6.45 13.27
CA GLU D 515 -23.34 -6.41 12.75
C GLU D 515 -23.47 -7.31 11.52
N ILE D 516 -22.34 -7.72 10.94
CA ILE D 516 -22.37 -8.54 9.74
C ILE D 516 -22.29 -10.01 10.10
N TRP D 517 -21.48 -10.34 11.12
CA TRP D 517 -21.38 -11.73 11.55
C TRP D 517 -22.70 -12.25 12.12
N MET D 518 -23.52 -11.35 12.65
CA MET D 518 -24.85 -11.75 13.05
C MET D 518 -25.75 -11.91 11.82
N CYS D 519 -25.47 -11.18 10.75
CA CYS D 519 -26.31 -11.30 9.57
C CYS D 519 -25.76 -12.32 8.59
N ILE D 520 -24.54 -12.81 8.83
CA ILE D 520 -24.06 -13.97 8.08
C ILE D 520 -24.68 -15.23 8.66
N VAL D 521 -24.77 -15.31 9.98
CA VAL D 521 -25.42 -16.46 10.61
C VAL D 521 -26.91 -16.48 10.27
N PHE D 522 -27.53 -15.31 10.19
CA PHE D 522 -28.95 -15.27 9.86
C PHE D 522 -29.20 -15.61 8.41
N ALA D 523 -28.27 -15.25 7.53
CA ALA D 523 -28.41 -15.66 6.14
C ALA D 523 -28.10 -17.14 5.98
N TYR D 524 -27.28 -17.70 6.87
CA TYR D 524 -26.97 -19.11 6.81
C TYR D 524 -28.18 -19.97 7.14
N ILE D 525 -28.86 -19.65 8.25
CA ILE D 525 -30.06 -20.38 8.63
C ILE D 525 -31.17 -20.13 7.63
N GLY D 526 -31.21 -18.93 7.06
CA GLY D 526 -32.23 -18.62 6.09
C GLY D 526 -32.09 -19.41 4.81
N VAL D 527 -30.86 -19.66 4.38
CA VAL D 527 -30.65 -20.40 3.14
C VAL D 527 -30.94 -21.87 3.32
N SER D 528 -30.43 -22.46 4.40
CA SER D 528 -30.52 -23.89 4.58
C SER D 528 -31.95 -24.36 4.83
N VAL D 529 -32.79 -23.50 5.38
CA VAL D 529 -34.19 -23.86 5.51
C VAL D 529 -34.87 -23.80 4.15
N VAL D 530 -34.55 -22.79 3.35
CA VAL D 530 -35.13 -22.66 2.02
C VAL D 530 -34.64 -23.78 1.11
N LEU D 531 -33.37 -24.18 1.26
CA LEU D 531 -32.87 -25.29 0.47
C LEU D 531 -33.48 -26.60 0.95
N PHE D 532 -33.78 -26.71 2.24
CA PHE D 532 -34.59 -27.82 2.72
C PHE D 532 -36.00 -27.75 2.19
N LEU D 533 -36.51 -26.54 1.97
CA LEU D 533 -37.91 -26.40 1.57
C LEU D 533 -38.12 -26.79 0.11
N VAL D 534 -37.23 -26.34 -0.77
CA VAL D 534 -37.45 -26.46 -2.21
C VAL D 534 -37.42 -27.93 -2.64
N SER D 535 -36.30 -28.60 -2.37
CA SER D 535 -36.29 -30.04 -2.48
C SER D 535 -37.05 -30.64 -1.31
N ARG D 536 -37.27 -31.97 -1.37
CA ARG D 536 -38.04 -32.72 -0.37
C ARG D 536 -39.43 -32.13 -0.17
N PHE D 537 -40.09 -31.83 -1.27
CA PHE D 537 -41.36 -31.11 -1.24
C PHE D 537 -42.32 -31.82 -2.18
N SER D 538 -42.92 -32.91 -1.66
CA SER D 538 -43.85 -33.79 -2.37
C SER D 538 -43.67 -33.97 -3.88
N PRO D 539 -42.59 -34.61 -4.33
CA PRO D 539 -42.39 -34.76 -5.77
C PRO D 539 -43.34 -35.78 -6.36
N TYR D 540 -43.76 -35.52 -7.60
CA TYR D 540 -44.61 -36.40 -8.40
C TYR D 540 -44.63 -35.98 -9.86
N GLN D 554 -38.47 -44.80 -6.42
CA GLN D 554 -39.82 -45.30 -6.18
C GLN D 554 -40.63 -44.25 -5.43
N SER D 555 -40.46 -44.18 -4.10
CA SER D 555 -41.11 -43.16 -3.30
C SER D 555 -40.37 -41.86 -3.53
N SER D 556 -41.09 -40.85 -4.04
CA SER D 556 -40.43 -39.62 -4.46
C SER D 556 -40.16 -38.68 -3.30
N GLU D 557 -40.73 -38.95 -2.13
CA GLU D 557 -40.59 -38.04 -1.00
C GLU D 557 -39.17 -38.02 -0.44
N SER D 558 -38.39 -39.06 -0.73
CA SER D 558 -37.00 -39.14 -0.30
C SER D 558 -36.03 -39.32 -1.46
N THR D 559 -36.32 -38.74 -2.63
CA THR D 559 -35.40 -38.85 -3.75
C THR D 559 -34.15 -38.02 -3.52
N ASN D 560 -34.33 -36.76 -3.13
CA ASN D 560 -33.20 -35.88 -2.88
C ASN D 560 -32.49 -36.31 -1.62
N GLU D 561 -31.23 -35.94 -1.50
CA GLU D 561 -30.47 -36.35 -0.33
C GLU D 561 -30.46 -35.27 0.75
N PHE D 562 -31.10 -34.14 0.47
CA PHE D 562 -31.06 -32.97 1.34
C PHE D 562 -32.15 -33.05 2.39
N GLY D 563 -31.83 -33.57 3.57
CA GLY D 563 -32.63 -33.34 4.75
C GLY D 563 -32.44 -31.93 5.27
N ILE D 564 -32.91 -31.69 6.49
CA ILE D 564 -32.57 -30.43 7.14
C ILE D 564 -31.12 -30.46 7.60
N PHE D 565 -30.63 -31.63 7.99
CA PHE D 565 -29.28 -31.68 8.54
C PHE D 565 -28.25 -31.68 7.44
N ASN D 566 -28.53 -32.31 6.30
CA ASN D 566 -27.59 -32.26 5.19
C ASN D 566 -27.57 -30.89 4.54
N SER D 567 -28.71 -30.20 4.53
CA SER D 567 -28.76 -28.91 3.86
C SER D 567 -28.08 -27.83 4.69
N LEU D 568 -27.99 -28.04 6.01
CA LEU D 568 -27.11 -27.22 6.80
C LEU D 568 -25.66 -27.48 6.42
N TRP D 569 -25.34 -28.72 6.10
CA TRP D 569 -23.96 -29.08 5.83
C TRP D 569 -23.56 -28.69 4.42
N PHE D 570 -24.54 -28.52 3.52
CA PHE D 570 -24.19 -27.98 2.22
C PHE D 570 -23.91 -26.50 2.30
N SER D 571 -24.71 -25.78 3.07
CA SER D 571 -24.53 -24.34 3.15
C SER D 571 -23.30 -23.99 3.96
N LEU D 572 -22.99 -24.78 4.98
CA LEU D 572 -21.74 -24.58 5.69
C LEU D 572 -20.56 -24.92 4.81
N GLY D 573 -20.69 -25.97 3.99
CA GLY D 573 -19.63 -26.31 3.08
C GLY D 573 -19.45 -25.27 1.99
N ALA D 574 -20.56 -24.74 1.49
CA ALA D 574 -20.47 -23.76 0.42
C ALA D 574 -19.93 -22.44 0.92
N PHE D 575 -20.10 -22.15 2.21
CA PHE D 575 -19.56 -20.89 2.72
C PHE D 575 -18.07 -21.01 2.95
N MET D 576 -17.62 -22.15 3.44
CA MET D 576 -16.21 -22.29 3.75
C MET D 576 -15.36 -22.60 2.55
N GLN D 577 -15.83 -22.40 1.31
CA GLN D 577 -15.07 -22.63 0.08
C GLN D 577 -14.65 -24.08 -0.06
N GLN D 578 -15.41 -25.01 0.51
CA GLN D 578 -15.07 -26.41 0.49
C GLN D 578 -16.15 -27.16 -0.27
N GLY D 579 -15.74 -28.06 -1.16
CA GLY D 579 -16.72 -28.86 -1.86
C GLY D 579 -17.31 -29.92 -0.96
N CYS D 580 -18.55 -30.29 -1.26
CA CYS D 580 -19.23 -31.36 -0.54
C CYS D 580 -19.60 -32.47 -1.50
N ASP D 581 -20.20 -33.52 -0.93
CA ASP D 581 -20.62 -34.66 -1.74
C ASP D 581 -21.87 -34.35 -2.52
N ILE D 582 -22.81 -33.68 -1.89
CA ILE D 582 -24.13 -33.50 -2.47
C ILE D 582 -24.20 -32.21 -3.28
N SER D 583 -25.19 -32.14 -4.15
CA SER D 583 -25.39 -31.05 -5.08
C SER D 583 -26.89 -30.96 -5.33
N PRO D 584 -27.42 -29.75 -5.61
CA PRO D 584 -28.89 -29.57 -5.54
C PRO D 584 -29.70 -30.37 -6.54
N ARG D 585 -29.38 -30.31 -7.84
CA ARG D 585 -29.96 -31.17 -8.87
C ARG D 585 -31.48 -31.02 -8.97
N SER D 586 -31.91 -29.78 -9.19
CA SER D 586 -33.27 -29.42 -9.61
C SER D 586 -33.23 -27.97 -10.04
N LEU D 587 -34.17 -27.53 -10.86
CA LEU D 587 -34.13 -26.16 -11.37
C LEU D 587 -34.43 -25.17 -10.26
N SER D 588 -35.29 -25.55 -9.33
CA SER D 588 -35.64 -24.62 -8.27
C SER D 588 -34.66 -24.73 -7.12
N GLY D 589 -33.91 -25.82 -7.05
CA GLY D 589 -33.00 -25.99 -5.93
C GLY D 589 -31.61 -25.45 -6.20
N ARG D 590 -31.24 -25.38 -7.47
CA ARG D 590 -29.93 -24.85 -7.82
C ARG D 590 -29.89 -23.34 -7.70
N ILE D 591 -31.05 -22.70 -7.69
CA ILE D 591 -31.11 -21.25 -7.55
C ILE D 591 -30.78 -20.85 -6.11
N VAL D 592 -31.12 -21.71 -5.15
CA VAL D 592 -30.74 -21.45 -3.77
C VAL D 592 -29.23 -21.57 -3.60
N GLY D 593 -28.65 -22.62 -4.18
CA GLY D 593 -27.22 -22.78 -4.08
C GLY D 593 -26.47 -21.79 -4.95
N GLY D 594 -27.02 -21.46 -6.11
CA GLY D 594 -26.30 -20.61 -7.04
C GLY D 594 -26.15 -19.18 -6.55
N VAL D 595 -27.09 -18.72 -5.74
CA VAL D 595 -26.99 -17.37 -5.22
C VAL D 595 -26.16 -17.36 -3.94
N TRP D 596 -26.28 -18.42 -3.14
CA TRP D 596 -25.46 -18.57 -1.95
C TRP D 596 -23.98 -18.76 -2.30
N TRP D 597 -23.71 -19.27 -3.49
CA TRP D 597 -22.34 -19.26 -3.98
C TRP D 597 -21.87 -17.85 -4.26
N PHE D 598 -22.66 -17.08 -4.98
CA PHE D 598 -22.28 -15.71 -5.30
C PHE D 598 -22.30 -14.84 -4.07
N PHE D 599 -23.15 -15.18 -3.09
CA PHE D 599 -23.05 -14.52 -1.79
C PHE D 599 -21.72 -14.82 -1.13
N THR D 600 -21.23 -16.04 -1.27
CA THR D 600 -20.02 -16.44 -0.59
C THR D 600 -18.81 -15.79 -1.22
N LEU D 601 -18.83 -15.64 -2.54
CA LEU D 601 -17.71 -15.09 -3.29
C LEU D 601 -17.44 -13.64 -2.91
N ILE D 602 -18.48 -12.91 -2.53
CA ILE D 602 -18.28 -11.51 -2.19
C ILE D 602 -17.87 -11.36 -0.74
N ILE D 603 -18.50 -12.12 0.15
CA ILE D 603 -18.25 -11.97 1.57
C ILE D 603 -16.87 -12.47 1.93
N ILE D 604 -16.48 -13.63 1.41
CA ILE D 604 -15.18 -14.20 1.74
C ILE D 604 -14.06 -13.37 1.14
N SER D 605 -14.24 -12.90 -0.10
CA SER D 605 -13.19 -12.10 -0.70
C SER D 605 -13.10 -10.72 -0.07
N SER D 606 -14.16 -10.27 0.57
CA SER D 606 -14.06 -9.02 1.33
C SER D 606 -13.47 -9.28 2.70
N TYR D 607 -13.55 -10.51 3.18
CA TYR D 607 -12.97 -10.84 4.48
C TYR D 607 -11.46 -10.97 4.38
N THR D 608 -10.96 -11.48 3.27
CA THR D 608 -9.52 -11.66 3.11
C THR D 608 -8.89 -10.48 2.40
N ALA D 609 -9.52 -9.30 2.45
CA ALA D 609 -8.96 -8.14 1.79
C ALA D 609 -7.74 -7.62 2.54
N ASN D 610 -7.94 -7.21 3.78
CA ASN D 610 -6.88 -6.58 4.53
C ASN D 610 -6.65 -7.33 5.83
N LEU D 611 -6.77 -8.66 5.77
CA LEU D 611 -6.85 -9.49 6.97
C LEU D 611 -5.56 -9.45 7.79
N ALA D 612 -4.41 -9.32 7.13
CA ALA D 612 -3.15 -9.30 7.87
C ALA D 612 -2.99 -8.01 8.64
N ALA D 613 -3.66 -6.95 8.20
CA ALA D 613 -3.60 -5.70 8.95
C ALA D 613 -4.39 -5.78 10.25
N PHE D 614 -5.55 -6.45 10.23
CA PHE D 614 -6.40 -6.44 11.40
C PHE D 614 -5.91 -7.41 12.47
N LEU D 615 -4.99 -8.29 12.11
CA LEU D 615 -4.35 -9.11 13.12
C LEU D 615 -3.16 -8.38 13.72
N THR D 616 -2.75 -7.25 13.14
CA THR D 616 -1.67 -6.42 13.66
C THR D 616 -2.08 -4.95 13.71
N VAL D 617 -3.23 -4.66 14.34
CA VAL D 617 -3.76 -3.31 14.37
C VAL D 617 -2.86 -2.37 15.15
N GLU D 618 -2.35 -2.82 16.30
CA GLU D 618 -1.54 -2.04 17.25
C GLU D 618 -2.30 -0.79 17.71
N ARG D 619 -3.41 -1.03 18.42
CA ARG D 619 -4.29 0.05 18.83
C ARG D 619 -3.64 0.91 19.90
N MET D 620 -4.10 2.16 19.98
CA MET D 620 -3.78 3.04 21.10
C MET D 620 -5.01 3.21 21.96
N VAL D 621 -4.85 2.97 23.27
CA VAL D 621 -6.01 2.87 24.15
C VAL D 621 -6.59 4.24 24.46
N SER D 622 -5.74 5.12 25.03
CA SER D 622 -6.10 6.49 25.39
C SER D 622 -7.32 6.55 26.33
N PRO D 623 -7.16 6.19 27.60
CA PRO D 623 -8.34 5.94 28.44
C PRO D 623 -9.11 7.19 28.83
N ILE D 624 -8.44 8.33 28.95
CA ILE D 624 -9.08 9.58 29.35
C ILE D 624 -8.72 10.66 28.36
N GLU D 625 -9.74 11.39 27.89
CA GLU D 625 -9.56 12.55 27.01
C GLU D 625 -10.65 13.54 27.41
N SER D 626 -10.53 14.79 26.93
CA SER D 626 -11.70 15.66 26.74
C SER D 626 -12.46 15.99 28.02
N ALA D 627 -11.98 17.00 28.77
CA ALA D 627 -12.06 17.14 30.23
C ALA D 627 -13.39 16.77 30.88
N GLU D 628 -14.50 16.77 30.12
CA GLU D 628 -15.72 16.07 30.56
C GLU D 628 -15.41 14.67 31.04
N ASP D 629 -14.63 13.90 30.26
CA ASP D 629 -14.36 12.52 30.64
C ASP D 629 -13.19 12.41 31.61
N LEU D 630 -12.59 13.54 31.98
CA LEU D 630 -11.81 13.54 33.22
C LEU D 630 -12.73 13.37 34.42
N SER D 631 -13.94 13.92 34.33
CA SER D 631 -14.82 14.00 35.49
C SER D 631 -15.72 12.78 35.60
N LYS D 632 -15.77 11.95 34.56
CA LYS D 632 -16.48 10.68 34.64
C LYS D 632 -15.56 9.52 34.99
N GLN D 633 -14.26 9.76 35.06
CA GLN D 633 -13.26 8.75 35.39
C GLN D 633 -12.26 9.36 36.39
N THR D 634 -12.82 9.97 37.44
CA THR D 634 -12.11 10.86 38.35
C THR D 634 -11.20 10.10 39.34
N GLU D 635 -11.10 8.77 39.24
CA GLU D 635 -10.37 8.00 40.24
C GLU D 635 -8.86 8.14 40.07
N ILE D 636 -8.40 8.60 38.89
CA ILE D 636 -6.97 8.85 38.72
C ILE D 636 -6.62 10.18 39.35
N ALA D 637 -5.44 10.25 39.95
CA ALA D 637 -5.10 11.36 40.84
C ALA D 637 -4.60 12.56 40.05
N TYR D 638 -5.28 13.69 40.19
CA TYR D 638 -4.89 14.86 39.43
C TYR D 638 -3.75 15.59 40.11
N GLY D 639 -3.16 16.53 39.39
CA GLY D 639 -1.97 17.22 39.87
C GLY D 639 -1.88 18.63 39.34
N THR D 640 -1.33 19.50 40.18
CA THR D 640 -1.21 20.92 39.89
C THR D 640 0.12 21.44 40.39
N LEU D 641 0.46 22.63 39.94
CA LEU D 641 1.69 23.28 40.36
C LEU D 641 1.43 24.17 41.58
N ASP D 642 2.34 24.11 42.54
CA ASP D 642 2.26 25.03 43.67
C ASP D 642 2.74 26.41 43.21
N SER D 643 2.05 27.44 43.72
CA SER D 643 2.20 28.83 43.28
C SER D 643 2.06 28.95 41.76
N GLY D 644 0.86 28.66 41.27
CA GLY D 644 0.62 28.54 39.85
C GLY D 644 -0.64 29.23 39.38
N SER D 645 -0.67 29.59 38.09
CA SER D 645 -1.91 30.07 37.49
C SER D 645 -2.90 28.94 37.33
N THR D 646 -2.39 27.72 37.08
CA THR D 646 -3.25 26.53 37.07
C THR D 646 -3.85 26.27 38.43
N LYS D 647 -3.13 26.65 39.49
CA LYS D 647 -3.73 26.67 40.81
C LYS D 647 -4.82 27.74 40.88
N GLU D 648 -4.46 28.97 40.52
CA GLU D 648 -5.37 30.11 40.70
C GLU D 648 -6.54 30.07 39.73
N PHE D 649 -6.41 29.32 38.63
CA PHE D 649 -7.57 29.06 37.79
C PHE D 649 -8.57 28.17 38.52
N PHE D 650 -8.09 27.06 39.06
CA PHE D 650 -9.01 26.13 39.67
C PHE D 650 -9.39 26.56 41.08
N ARG D 651 -8.61 27.43 41.71
CA ARG D 651 -9.08 28.10 42.91
C ARG D 651 -10.29 28.98 42.61
N ARG D 652 -10.33 29.58 41.42
CA ARG D 652 -11.41 30.44 41.00
C ARG D 652 -12.41 29.71 40.12
N SER D 653 -12.70 28.45 40.44
CA SER D 653 -13.55 27.61 39.61
C SER D 653 -14.99 28.11 39.58
N LYS D 654 -15.57 28.12 38.39
CA LYS D 654 -16.97 28.49 38.23
C LYS D 654 -17.76 27.43 37.49
N ILE D 655 -17.20 26.84 36.44
CA ILE D 655 -17.91 25.81 35.71
C ILE D 655 -17.87 24.52 36.52
N ALA D 656 -18.98 23.79 36.53
CA ALA D 656 -19.17 22.70 37.49
C ALA D 656 -18.24 21.52 37.20
N VAL D 657 -17.93 21.30 35.92
CA VAL D 657 -16.93 20.29 35.57
C VAL D 657 -15.56 20.74 36.06
N PHE D 658 -15.32 22.05 36.10
CA PHE D 658 -14.04 22.57 36.57
C PHE D 658 -14.02 22.66 38.09
N ASP D 659 -15.20 22.79 38.71
CA ASP D 659 -15.26 22.96 40.15
C ASP D 659 -15.05 21.63 40.86
N LYS D 660 -15.50 20.54 40.23
CA LYS D 660 -15.35 19.22 40.82
C LYS D 660 -13.88 18.82 40.90
N MET D 661 -13.10 19.13 39.85
CA MET D 661 -11.75 18.61 39.78
C MET D 661 -10.81 19.33 40.74
N TRP D 662 -11.13 20.57 41.12
CA TRP D 662 -10.34 21.23 42.14
C TRP D 662 -10.77 20.82 43.53
N THR D 663 -12.08 20.67 43.74
CA THR D 663 -12.56 20.19 45.03
C THR D 663 -12.26 18.71 45.21
N TYR D 664 -11.93 18.01 44.12
CA TYR D 664 -11.24 16.74 44.24
C TYR D 664 -9.84 16.96 44.83
N MET D 665 -9.06 17.87 44.24
CA MET D 665 -7.63 17.93 44.53
C MET D 665 -7.34 18.54 45.89
N ARG D 666 -8.22 19.41 46.39
CA ARG D 666 -7.91 20.09 47.64
C ARG D 666 -8.08 19.15 48.83
N SER D 667 -9.08 18.27 48.80
CA SER D 667 -9.26 17.30 49.86
C SER D 667 -8.58 15.96 49.57
N ALA D 668 -7.82 15.85 48.47
CA ALA D 668 -7.17 14.60 48.15
C ALA D 668 -5.95 14.37 49.03
N GLU D 669 -5.65 13.11 49.30
CA GLU D 669 -4.49 12.72 50.07
C GLU D 669 -3.55 11.92 49.19
N PRO D 670 -2.25 12.25 49.15
CA PRO D 670 -1.57 13.36 49.84
C PRO D 670 -1.66 14.68 49.09
N SER D 671 -0.71 15.58 49.38
CA SER D 671 -0.61 16.84 48.66
C SER D 671 -0.30 16.60 47.18
N VAL D 672 -1.23 17.02 46.32
CA VAL D 672 -1.08 16.79 44.89
C VAL D 672 -0.07 17.75 44.28
N PHE D 673 0.31 18.80 45.01
CA PHE D 673 1.16 19.83 44.44
C PHE D 673 2.61 19.37 44.35
N VAL D 674 3.30 19.87 43.34
CA VAL D 674 4.71 19.60 43.12
C VAL D 674 5.45 20.92 43.12
N ARG D 675 6.74 20.88 43.44
CA ARG D 675 7.48 22.12 43.63
C ARG D 675 8.04 22.66 42.32
N THR D 676 8.35 21.78 41.36
CA THR D 676 8.79 22.19 40.03
C THR D 676 8.12 21.34 38.98
N THR D 677 8.39 21.68 37.71
CA THR D 677 7.84 20.92 36.60
C THR D 677 8.46 19.53 36.53
N ALA D 678 9.73 19.40 36.91
CA ALA D 678 10.39 18.11 36.89
C ALA D 678 9.86 17.20 37.99
N GLU D 679 9.18 17.77 38.99
CA GLU D 679 8.55 16.95 40.01
C GLU D 679 7.18 16.46 39.56
N GLY D 680 6.45 17.27 38.80
CA GLY D 680 5.15 16.85 38.32
C GLY D 680 5.24 15.85 37.18
N VAL D 681 6.24 16.01 36.31
CA VAL D 681 6.42 15.10 35.20
C VAL D 681 6.81 13.71 35.70
N ALA D 682 7.74 13.66 36.66
CA ALA D 682 8.23 12.39 37.15
C ALA D 682 7.18 11.64 37.95
N ARG D 683 6.25 12.36 38.58
CA ARG D 683 5.21 11.71 39.36
C ARG D 683 4.19 11.03 38.47
N VAL D 684 3.99 11.58 37.26
CA VAL D 684 3.11 10.97 36.28
C VAL D 684 3.74 9.69 35.73
N ARG D 685 5.05 9.73 35.50
CA ARG D 685 5.73 8.64 34.82
C ARG D 685 5.81 7.38 35.69
N LYS D 686 5.86 7.55 37.00
CA LYS D 686 6.01 6.40 37.89
C LYS D 686 4.69 5.71 38.12
N SER D 687 3.61 6.48 38.28
CA SER D 687 2.33 5.97 38.75
C SER D 687 1.64 5.06 37.74
N LYS D 688 2.12 5.08 36.50
CA LYS D 688 1.71 4.15 35.44
C LYS D 688 0.21 4.30 35.12
N GLY D 689 -0.15 5.44 34.53
CA GLY D 689 -1.51 5.68 34.10
C GLY D 689 -2.47 6.08 35.20
N LYS D 690 -1.96 6.37 36.40
CA LYS D 690 -2.81 6.58 37.57
C LYS D 690 -2.76 8.00 38.11
N TYR D 691 -1.74 8.78 37.77
CA TYR D 691 -1.60 10.15 38.26
C TYR D 691 -1.57 11.10 37.08
N ALA D 692 -2.50 12.06 37.07
CA ALA D 692 -2.59 13.08 36.03
C ALA D 692 -2.00 14.38 36.55
N TYR D 693 -1.45 15.19 35.66
CA TYR D 693 -0.90 16.48 36.01
C TYR D 693 -1.38 17.51 34.99
N LEU D 694 -2.04 18.56 35.48
CA LEU D 694 -2.63 19.59 34.62
C LEU D 694 -1.68 20.76 34.53
N LEU D 695 -1.27 21.10 33.30
CA LEU D 695 -0.10 21.93 33.11
C LEU D 695 -0.23 22.64 31.77
N GLU D 696 0.68 23.58 31.53
CA GLU D 696 0.55 24.50 30.41
C GLU D 696 0.83 23.81 29.08
N SER D 697 0.27 24.37 28.02
CA SER D 697 0.19 23.66 26.75
C SER D 697 1.55 23.51 26.08
N THR D 698 2.49 24.42 26.36
CA THR D 698 3.75 24.41 25.64
C THR D 698 4.78 23.54 26.32
N MET D 699 4.76 23.49 27.65
CA MET D 699 5.59 22.53 28.35
C MET D 699 5.09 21.11 28.10
N ASN D 700 3.76 20.93 28.10
CA ASN D 700 3.16 19.64 27.79
C ASN D 700 3.39 19.29 26.33
N GLU D 701 3.60 20.31 25.49
CA GLU D 701 4.14 20.06 24.16
C GLU D 701 5.61 19.64 24.27
N TYR D 702 6.36 20.25 25.17
CA TYR D 702 7.80 20.06 25.20
C TYR D 702 8.18 18.73 25.82
N ILE D 703 7.52 18.37 26.92
CA ILE D 703 7.83 17.12 27.62
C ILE D 703 7.52 15.93 26.73
N GLU D 704 6.40 16.01 25.99
CA GLU D 704 6.00 14.90 25.13
C GLU D 704 6.97 14.70 23.99
N GLN D 705 7.58 15.78 23.50
CA GLN D 705 8.57 15.63 22.44
C GLN D 705 9.85 14.99 22.96
N ARG D 706 10.30 15.42 24.14
CA ARG D 706 11.59 14.99 24.68
C ARG D 706 11.51 13.53 25.09
N LYS D 707 12.52 12.75 24.70
CA LYS D 707 12.63 11.39 25.20
C LYS D 707 12.93 11.43 26.71
N PRO D 708 12.42 10.47 27.50
CA PRO D 708 11.86 9.12 27.29
C PRO D 708 10.52 9.00 26.57
N CYS D 709 9.80 10.12 26.45
CA CYS D 709 8.54 10.26 25.70
C CYS D 709 7.52 9.18 26.05
N ASP D 710 7.25 9.05 27.36
CA ASP D 710 6.28 8.09 27.87
C ASP D 710 4.99 8.76 28.33
N THR D 711 4.81 10.04 27.99
CA THR D 711 3.66 10.80 28.43
C THR D 711 2.88 11.29 27.23
N MET D 712 1.69 11.81 27.48
CA MET D 712 0.74 12.13 26.42
C MET D 712 -0.07 13.36 26.77
N LYS D 713 -0.28 14.22 25.78
CA LYS D 713 -1.13 15.40 25.90
C LYS D 713 -2.49 15.12 25.28
N VAL D 714 -3.50 14.93 26.11
CA VAL D 714 -4.84 14.60 25.63
C VAL D 714 -5.77 15.76 25.97
N GLY D 715 -6.89 15.82 25.28
CA GLY D 715 -7.89 16.83 25.57
C GLY D 715 -7.53 18.19 24.98
N GLY D 716 -8.56 18.98 24.71
CA GLY D 716 -8.33 20.33 24.26
C GLY D 716 -7.84 21.22 25.39
N ASN D 717 -7.38 22.42 25.01
CA ASN D 717 -7.07 23.41 26.02
C ASN D 717 -8.36 23.87 26.68
N LEU D 718 -8.34 24.00 28.00
CA LEU D 718 -9.58 24.30 28.70
C LEU D 718 -9.81 25.80 28.77
N ASP D 719 -8.82 26.59 28.36
CA ASP D 719 -8.94 28.01 28.11
C ASP D 719 -7.79 28.42 27.22
N SER D 720 -7.57 29.72 27.13
CA SER D 720 -6.34 30.27 26.59
C SER D 720 -5.80 31.30 27.56
N LYS D 721 -4.49 31.48 27.55
CA LYS D 721 -3.81 32.50 28.34
C LYS D 721 -2.44 32.74 27.73
N GLY D 722 -1.87 33.90 28.04
CA GLY D 722 -0.71 34.37 27.33
C GLY D 722 0.45 34.73 28.24
N TYR D 723 1.65 34.52 27.70
CA TYR D 723 2.88 35.02 28.27
C TYR D 723 3.17 36.38 27.67
N GLY D 724 3.54 37.34 28.50
CA GLY D 724 3.87 38.66 28.01
C GLY D 724 5.11 39.22 28.69
N ILE D 725 5.95 39.86 27.88
CA ILE D 725 7.06 40.61 28.41
C ILE D 725 6.54 41.77 29.25
N ALA D 726 7.05 41.89 30.48
CA ALA D 726 6.47 42.83 31.42
C ALA D 726 7.50 43.83 31.92
N THR D 727 7.03 45.05 32.13
CA THR D 727 7.77 46.17 32.69
C THR D 727 6.98 46.69 33.88
N PRO D 728 7.63 47.46 34.77
CA PRO D 728 6.86 48.10 35.85
C PRO D 728 5.90 49.15 35.31
N LYS D 729 4.85 49.42 36.09
CA LYS D 729 3.81 50.34 35.64
C LYS D 729 4.33 51.76 35.62
N GLY D 730 4.44 52.32 34.41
CA GLY D 730 5.07 53.60 34.23
C GLY D 730 6.48 53.54 33.73
N SER D 731 6.96 52.38 33.30
CA SER D 731 8.33 52.26 32.83
C SER D 731 8.49 52.91 31.47
N SER D 732 9.66 53.47 31.24
CA SER D 732 9.97 54.09 29.96
C SER D 732 10.12 53.03 28.87
N LEU D 733 10.65 51.86 29.23
CA LEU D 733 10.91 50.81 28.27
C LEU D 733 9.65 50.11 27.79
N GLY D 734 8.52 50.36 28.46
CA GLY D 734 7.30 49.65 28.13
C GLY D 734 6.81 49.95 26.73
N THR D 735 6.93 51.21 26.33
CA THR D 735 6.49 51.59 24.99
C THR D 735 7.40 51.08 23.86
N PRO D 736 8.74 51.10 23.95
CA PRO D 736 9.50 50.45 22.87
C PRO D 736 9.35 48.94 22.83
N VAL D 737 9.08 48.30 23.96
CA VAL D 737 8.94 46.85 23.97
C VAL D 737 7.59 46.46 23.38
N ASN D 738 6.53 47.18 23.75
CA ASN D 738 5.18 46.87 23.30
C ASN D 738 5.06 46.99 21.78
N LEU D 739 5.78 47.93 21.20
CA LEU D 739 5.82 48.01 19.75
C LEU D 739 6.69 46.92 19.16
N ALA D 740 7.63 46.39 19.94
CA ALA D 740 8.60 45.46 19.39
C ALA D 740 8.03 44.06 19.27
N VAL D 741 7.00 43.76 20.08
CA VAL D 741 6.47 42.40 20.14
C VAL D 741 5.77 42.05 18.83
N LEU D 742 4.91 42.95 18.36
CA LEU D 742 4.24 42.76 17.08
C LEU D 742 5.24 42.82 15.94
N LYS D 743 6.24 43.68 16.06
CA LYS D 743 7.18 43.91 14.97
C LYS D 743 8.03 42.67 14.72
N LEU D 744 8.27 41.88 15.76
CA LEU D 744 8.78 40.54 15.55
C LEU D 744 7.70 39.66 14.94
N SER D 745 6.47 39.79 15.44
CA SER D 745 5.45 38.79 15.16
C SER D 745 4.89 38.95 13.76
N GLU D 746 4.85 40.19 13.25
CA GLU D 746 4.32 40.40 11.91
C GLU D 746 5.28 39.89 10.86
N GLN D 747 6.56 39.82 11.18
CA GLN D 747 7.55 39.27 10.28
C GLN D 747 7.61 37.75 10.37
N GLY D 748 6.89 37.17 11.32
CA GLY D 748 7.02 35.76 11.60
C GLY D 748 8.30 35.39 12.31
N VAL D 749 9.03 36.37 12.83
CA VAL D 749 10.28 36.10 13.54
C VAL D 749 10.00 35.28 14.79
N LEU D 750 8.97 35.68 15.54
CA LEU D 750 8.59 34.96 16.74
C LEU D 750 8.09 33.57 16.39
N ASP D 751 7.40 33.45 15.26
CA ASP D 751 6.91 32.15 14.85
C ASP D 751 8.06 31.28 14.35
N LYS D 752 9.04 31.90 13.68
CA LYS D 752 10.24 31.18 13.28
C LYS D 752 11.08 30.79 14.49
N LEU D 753 11.13 31.66 15.50
CA LEU D 753 11.80 31.29 16.73
C LEU D 753 11.01 30.26 17.51
N LYS D 754 9.69 30.21 17.32
CA LYS D 754 8.90 29.15 17.95
C LYS D 754 9.02 27.86 17.14
N ASN D 755 9.18 27.99 15.83
CA ASN D 755 9.43 26.83 15.00
C ASN D 755 10.78 26.21 15.32
N LYS D 756 11.77 27.05 15.63
CA LYS D 756 13.12 26.54 15.83
C LYS D 756 13.24 25.77 17.13
N TRP D 757 12.85 26.38 18.24
CA TRP D 757 13.24 25.84 19.53
C TRP D 757 12.42 24.61 19.93
N TRP D 758 11.12 24.60 19.62
CA TRP D 758 10.31 23.47 20.08
C TRP D 758 10.42 22.27 19.17
N TYR D 759 11.15 22.40 18.06
CA TYR D 759 11.30 21.27 17.17
C TYR D 759 12.74 20.74 17.17
N ASP D 760 13.71 21.60 17.44
CA ASP D 760 15.11 21.16 17.34
C ASP D 760 15.56 20.39 18.57
N LYS D 761 14.75 20.34 19.62
CA LYS D 761 15.18 19.62 20.82
C LYS D 761 15.00 18.12 20.64
N GLY D 762 15.06 17.39 21.75
CA GLY D 762 14.84 15.96 21.74
C GLY D 762 13.48 15.60 21.18
N GLU D 763 13.48 14.87 20.07
CA GLU D 763 12.26 14.42 19.41
C GLU D 763 12.08 12.92 19.68
N CYS D 764 10.90 12.56 20.17
CA CYS D 764 10.54 11.15 20.24
C CYS D 764 10.29 10.63 18.83
N GLY D 765 10.36 9.30 18.68
CA GLY D 765 10.34 8.73 17.35
C GLY D 765 8.99 8.77 16.69
N ALA D 766 7.92 8.74 17.48
CA ALA D 766 6.57 8.76 16.92
C ALA D 766 6.03 10.18 16.80
N LYS D 767 6.89 11.15 16.51
CA LYS D 767 6.43 12.52 16.42
C LYS D 767 6.43 13.03 14.98
N ASP D 768 7.50 12.77 14.23
CA ASP D 768 7.57 13.19 12.84
C ASP D 768 7.63 12.01 11.88
N SER D 769 8.59 11.09 12.07
CA SER D 769 8.72 9.93 11.20
C SER D 769 8.20 8.65 11.84
N GLY D 770 7.35 8.76 12.86
CA GLY D 770 6.68 7.58 13.36
C GLY D 770 5.45 7.19 12.57
N SER D 771 5.08 7.98 11.56
CA SER D 771 3.92 7.66 10.73
C SER D 771 4.25 6.57 9.72
N LYS D 772 5.54 6.40 9.40
CA LYS D 772 5.94 5.44 8.39
C LYS D 772 5.75 4.01 8.87
N GLU D 773 5.31 3.14 7.95
CA GLU D 773 4.84 1.80 8.28
C GLU D 773 5.72 0.75 7.62
N LYS D 774 5.44 -0.51 7.96
CA LYS D 774 6.22 -1.66 7.52
C LYS D 774 5.42 -2.93 7.79
N THR D 775 5.88 -4.04 7.23
CA THR D 775 5.20 -5.32 7.38
C THR D 775 6.08 -6.36 8.04
N SER D 776 5.43 -7.34 8.66
CA SER D 776 6.08 -8.40 9.42
C SER D 776 5.27 -9.68 9.31
N ALA D 777 5.90 -10.79 9.69
CA ALA D 777 5.21 -12.07 9.69
C ALA D 777 4.16 -12.11 10.79
N LEU D 778 3.14 -12.93 10.59
CA LEU D 778 2.15 -13.14 11.64
C LEU D 778 2.76 -13.91 12.79
N SER D 779 2.48 -13.44 14.00
CA SER D 779 2.92 -14.12 15.20
C SER D 779 1.80 -15.03 15.68
N LEU D 780 2.17 -16.02 16.49
CA LEU D 780 1.17 -16.95 17.00
C LEU D 780 0.28 -16.28 18.05
N SER D 781 0.76 -15.21 18.66
CA SER D 781 -0.11 -14.45 19.56
C SER D 781 -1.16 -13.68 18.78
N ASN D 782 -0.92 -13.43 17.49
CA ASN D 782 -1.94 -12.81 16.69
C ASN D 782 -3.02 -13.81 16.31
N VAL D 783 -2.61 -15.01 15.90
CA VAL D 783 -3.58 -16.05 15.59
C VAL D 783 -3.46 -17.11 16.66
N ALA D 784 -4.21 -16.95 17.73
CA ALA D 784 -4.14 -17.90 18.83
C ALA D 784 -5.56 -18.34 19.15
N GLY D 785 -6.51 -17.47 18.87
CA GLY D 785 -7.89 -17.81 19.10
C GLY D 785 -8.39 -18.87 18.14
N VAL D 786 -7.82 -18.91 16.95
CA VAL D 786 -8.24 -19.89 15.97
C VAL D 786 -7.75 -21.28 16.38
N PHE D 787 -6.60 -21.35 17.04
CA PHE D 787 -6.15 -22.62 17.58
C PHE D 787 -6.93 -23.01 18.82
N TYR D 788 -7.42 -22.03 19.57
CA TYR D 788 -8.29 -22.33 20.71
C TYR D 788 -9.60 -22.93 20.24
N ILE D 789 -10.19 -22.32 19.22
CA ILE D 789 -11.50 -22.73 18.73
C ILE D 789 -11.42 -24.10 18.09
N LEU D 790 -10.28 -24.41 17.48
CA LEU D 790 -10.08 -25.75 16.92
C LEU D 790 -10.07 -26.80 18.00
N VAL D 791 -9.24 -26.61 19.04
CA VAL D 791 -9.22 -27.52 20.17
C VAL D 791 -10.52 -27.43 20.95
N GLY D 792 -11.11 -26.24 20.99
CA GLY D 792 -12.42 -26.10 21.62
C GLY D 792 -13.51 -26.84 20.89
N GLY D 793 -13.36 -27.01 19.57
CA GLY D 793 -14.31 -27.81 18.83
C GLY D 793 -14.02 -29.30 18.94
N LEU D 794 -12.74 -29.66 19.06
CA LEU D 794 -12.38 -31.07 19.10
C LEU D 794 -12.80 -31.71 20.42
N GLY D 795 -12.75 -30.97 21.51
CA GLY D 795 -13.25 -31.51 22.76
C GLY D 795 -14.75 -31.67 22.74
N LEU D 796 -15.45 -30.78 22.03
CA LEU D 796 -16.90 -30.88 21.93
C LEU D 796 -17.30 -32.07 21.09
N ALA D 797 -16.62 -32.30 19.97
CA ALA D 797 -16.98 -33.37 19.07
C ALA D 797 -16.75 -34.73 19.71
N MET D 798 -15.71 -34.84 20.53
CA MET D 798 -15.50 -36.09 21.26
C MET D 798 -16.55 -36.28 22.35
N LEU D 799 -17.06 -35.17 22.90
CA LEU D 799 -18.10 -35.28 23.91
C LEU D 799 -19.39 -35.81 23.32
N VAL D 800 -19.81 -35.24 22.19
CA VAL D 800 -21.10 -35.62 21.60
C VAL D 800 -21.02 -37.02 21.02
N ALA D 801 -19.85 -37.40 20.53
CA ALA D 801 -19.66 -38.76 20.04
C ALA D 801 -19.67 -39.77 21.18
N LEU D 802 -19.35 -39.32 22.39
CA LEU D 802 -19.41 -40.24 23.51
C LEU D 802 -20.84 -40.39 24.01
N ILE D 803 -21.65 -39.33 23.93
CA ILE D 803 -22.97 -39.43 24.53
C ILE D 803 -23.94 -40.17 23.62
N GLU D 804 -23.67 -40.18 22.31
CA GLU D 804 -24.49 -40.99 21.43
C GLU D 804 -24.14 -42.46 21.56
N PHE D 805 -22.97 -42.75 22.13
CA PHE D 805 -22.65 -44.14 22.44
C PHE D 805 -23.26 -44.55 23.76
N CYS D 806 -23.32 -43.63 24.73
CA CYS D 806 -23.94 -43.95 26.00
C CYS D 806 -25.45 -44.01 25.89
N TYR D 807 -26.01 -43.28 24.93
CA TYR D 807 -27.45 -43.35 24.72
C TYR D 807 -27.83 -44.63 23.99
N LYS D 808 -27.03 -45.04 23.00
CA LYS D 808 -27.39 -46.20 22.20
C LYS D 808 -27.09 -47.49 22.92
N SER D 809 -26.04 -47.52 23.75
CA SER D 809 -25.75 -48.72 24.53
C SER D 809 -26.73 -48.89 25.67
N ARG D 810 -27.33 -47.80 26.14
CA ARG D 810 -28.38 -47.91 27.14
C ARG D 810 -29.67 -48.44 26.54
N ALA D 811 -30.11 -47.85 25.44
CA ALA D 811 -31.32 -48.30 24.77
C ALA D 811 -31.05 -49.59 24.00
N LEU D 821 -37.08 -39.60 21.32
CA LEU D 821 -38.19 -40.19 20.59
C LEU D 821 -39.36 -39.21 20.55
N PHE D 822 -39.62 -38.65 19.37
CA PHE D 822 -40.72 -37.72 19.21
C PHE D 822 -42.01 -38.46 18.90
N ASP D 823 -43.12 -37.88 19.34
CA ASP D 823 -44.43 -38.33 18.88
C ASP D 823 -44.97 -37.35 17.85
N ARG D 824 -45.77 -37.88 16.92
CA ARG D 824 -46.40 -37.05 15.89
C ARG D 824 -47.38 -36.05 16.51
N GLY D 825 -47.96 -36.41 17.65
CA GLY D 825 -48.86 -35.48 18.32
C GLY D 825 -48.12 -34.36 19.02
N VAL D 826 -47.05 -34.70 19.76
CA VAL D 826 -46.41 -33.71 20.61
C VAL D 826 -45.62 -32.70 19.79
N GLN D 827 -45.23 -33.07 18.57
CA GLN D 827 -44.60 -32.10 17.68
C GLN D 827 -45.66 -31.20 17.06
N MET D 828 -46.88 -31.71 16.90
CA MET D 828 -47.98 -30.88 16.44
C MET D 828 -48.37 -29.87 17.50
N LEU D 829 -48.26 -30.25 18.78
CA LEU D 829 -48.39 -29.26 19.83
C LEU D 829 -47.17 -28.35 19.88
N LEU D 830 -45.99 -28.88 19.52
CA LEU D 830 -44.77 -28.09 19.63
C LEU D 830 -44.69 -27.07 18.51
N THR D 831 -45.22 -27.40 17.33
CA THR D 831 -45.30 -26.39 16.29
C THR D 831 -46.45 -25.44 16.55
N THR D 832 -47.36 -25.80 17.46
CA THR D 832 -48.46 -24.91 17.79
C THR D 832 -48.01 -23.84 18.77
N VAL D 833 -47.26 -24.25 19.80
CA VAL D 833 -46.76 -23.30 20.79
C VAL D 833 -45.70 -22.41 20.18
N GLY D 834 -44.83 -22.99 19.34
CA GLY D 834 -43.75 -22.21 18.74
C GLY D 834 -44.24 -21.17 17.76
N ALA D 835 -45.33 -21.48 17.05
CA ALA D 835 -45.95 -20.48 16.18
C ALA D 835 -46.56 -19.36 17.01
N PHE D 836 -47.10 -19.70 18.17
CA PHE D 836 -47.73 -18.71 19.03
C PHE D 836 -46.70 -17.76 19.60
N ALA D 837 -45.58 -18.28 20.08
CA ALA D 837 -44.59 -17.43 20.74
C ALA D 837 -43.79 -16.63 19.72
N ALA D 838 -43.70 -17.13 18.49
CA ALA D 838 -43.03 -16.35 17.45
C ALA D 838 -43.87 -15.14 17.08
N PHE D 839 -45.18 -15.30 16.94
CA PHE D 839 -46.05 -14.17 16.69
C PHE D 839 -46.18 -13.29 17.93
N SER D 840 -45.91 -13.86 19.10
CA SER D 840 -45.72 -13.03 20.28
C SER D 840 -44.44 -12.22 20.16
N LEU D 841 -43.29 -12.90 20.06
CA LEU D 841 -42.01 -12.23 20.21
C LEU D 841 -41.62 -11.40 18.99
N MET D 842 -42.46 -11.40 17.94
CA MET D 842 -42.22 -10.47 16.85
C MET D 842 -43.11 -9.25 16.97
N THR D 843 -44.34 -9.43 17.46
CA THR D 843 -45.24 -8.29 17.61
C THR D 843 -44.92 -7.51 18.88
N ILE D 844 -44.47 -8.21 19.92
CA ILE D 844 -43.93 -7.54 21.11
C ILE D 844 -42.65 -6.81 20.75
N ALA D 845 -41.89 -7.34 19.79
CA ALA D 845 -40.65 -6.70 19.37
C ALA D 845 -40.92 -5.41 18.61
N VAL D 846 -41.96 -5.38 17.78
CA VAL D 846 -42.23 -4.17 17.03
C VAL D 846 -42.98 -3.15 17.88
N GLY D 847 -43.67 -3.58 18.93
CA GLY D 847 -44.35 -2.65 19.81
C GLY D 847 -43.48 -2.20 20.97
N THR D 848 -42.20 -1.98 20.71
CA THR D 848 -41.24 -1.58 21.72
C THR D 848 -40.41 -0.46 21.11
N ASP D 849 -39.83 0.38 21.97
CA ASP D 849 -39.11 1.56 21.53
C ASP D 849 -37.64 1.56 21.95
N TYR D 850 -37.07 0.43 22.32
CA TYR D 850 -35.63 0.32 22.49
C TYR D 850 -35.04 -0.88 21.78
N TRP D 851 -35.30 -0.95 20.47
CA TRP D 851 -34.40 -1.62 19.55
C TRP D 851 -32.95 -1.17 19.75
N LEU D 852 -32.72 0.13 19.93
CA LEU D 852 -31.35 0.61 19.99
C LEU D 852 -31.20 1.80 20.92
N TYR D 853 -30.23 1.68 21.84
CA TYR D 853 -29.77 2.77 22.68
C TYR D 853 -28.73 3.57 21.91
N SER D 854 -28.86 4.90 21.90
CA SER D 854 -27.87 5.75 21.28
C SER D 854 -27.85 7.12 21.92
N ARG D 855 -26.86 7.92 21.54
CA ARG D 855 -26.74 9.28 22.08
C ARG D 855 -27.41 10.27 21.14
N GLY D 856 -28.01 11.30 21.71
CA GLY D 856 -28.65 12.30 20.88
C GLY D 856 -29.52 13.24 21.69
N VAL D 857 -30.46 13.86 20.98
CA VAL D 857 -31.33 14.88 21.57
C VAL D 857 -32.75 14.34 21.64
N CYS D 858 -33.34 14.43 22.84
CA CYS D 858 -34.62 13.79 23.16
C CYS D 858 -35.82 14.50 22.55
N LYS D 859 -35.72 15.79 22.25
CA LYS D 859 -36.87 16.55 21.78
C LYS D 859 -36.42 17.51 20.69
N THR D 860 -37.40 18.02 19.95
CA THR D 860 -37.20 19.03 18.93
C THR D 860 -37.58 20.39 19.51
N LYS D 861 -37.54 21.42 18.68
CA LYS D 861 -37.98 22.73 19.13
C LYS D 861 -39.50 22.80 19.16
N VAL D 875 -26.56 12.82 26.43
CA VAL D 875 -27.92 12.33 26.60
C VAL D 875 -28.12 11.08 25.77
N MET D 876 -28.24 9.94 26.44
CA MET D 876 -28.44 8.67 25.76
C MET D 876 -29.94 8.39 25.61
N THR D 877 -30.37 8.08 24.40
CA THR D 877 -31.78 7.88 24.09
C THR D 877 -31.99 6.49 23.51
N HIS D 878 -33.18 5.94 23.71
CA HIS D 878 -33.44 4.62 23.17
C HIS D 878 -34.54 4.69 22.12
N SER D 879 -34.26 4.13 20.95
CA SER D 879 -35.06 4.37 19.75
C SER D 879 -35.67 3.07 19.26
N GLY D 880 -36.84 3.16 18.64
CA GLY D 880 -37.49 2.03 18.02
C GLY D 880 -37.70 2.22 16.53
N LEU D 881 -38.61 1.42 15.98
CA LEU D 881 -38.95 1.55 14.57
C LEU D 881 -39.85 2.75 14.33
N TRP D 882 -40.67 3.11 15.31
CA TRP D 882 -41.65 4.15 15.12
C TRP D 882 -41.40 5.42 15.92
N ARG D 883 -40.54 5.36 16.93
CA ARG D 883 -40.36 6.49 17.83
C ARG D 883 -39.02 6.38 18.53
N THR D 884 -38.64 7.45 19.22
CA THR D 884 -37.45 7.46 20.07
C THR D 884 -37.79 8.17 21.37
N CYS D 885 -37.36 7.58 22.49
CA CYS D 885 -37.63 8.12 23.81
C CYS D 885 -36.33 8.07 24.60
N CYS D 886 -36.04 9.13 25.34
CA CYS D 886 -34.73 9.23 25.98
C CYS D 886 -34.72 8.60 27.37
N LEU D 887 -33.53 8.57 27.96
CA LEU D 887 -33.38 8.19 29.37
C LEU D 887 -32.14 8.89 29.94
N GLU D 888 -32.14 9.01 31.27
CA GLU D 888 -31.04 9.61 32.05
C GLU D 888 -30.75 11.04 31.62
N GLY D 889 -31.77 11.89 31.71
CA GLY D 889 -31.63 13.27 31.28
C GLY D 889 -32.65 14.17 31.93
N ASN D 890 -32.77 15.37 31.35
CA ASN D 890 -33.73 16.36 31.83
C ASN D 890 -35.16 15.88 31.63
N PHE D 891 -35.40 15.17 30.53
CA PHE D 891 -36.68 14.53 30.26
C PHE D 891 -36.49 13.03 30.38
N LYS D 892 -37.52 12.34 30.85
CA LYS D 892 -37.45 10.91 31.09
C LYS D 892 -38.78 10.29 30.72
N GLY D 893 -38.83 9.64 29.56
CA GLY D 893 -40.07 9.17 29.01
C GLY D 893 -40.69 10.09 27.99
N LEU D 894 -40.04 11.22 27.70
CA LEU D 894 -40.45 12.07 26.59
C LEU D 894 -40.13 11.35 25.28
N CYS D 895 -40.99 11.52 24.28
CA CYS D 895 -40.88 10.81 23.01
C CYS D 895 -41.14 11.75 21.85
N LYS D 896 -40.19 11.82 20.92
CA LYS D 896 -40.34 12.61 19.70
C LYS D 896 -40.48 11.68 18.51
N GLN D 897 -40.83 12.25 17.36
CA GLN D 897 -41.23 11.45 16.21
C GLN D 897 -40.28 11.63 15.03
N ILE D 898 -39.57 10.56 14.68
CA ILE D 898 -38.82 10.48 13.45
C ILE D 898 -39.78 10.25 12.27
N ASP D 899 -39.24 10.46 11.07
CA ASP D 899 -39.85 9.99 9.82
C ASP D 899 -38.77 9.94 8.74
N HIS D 900 -39.21 9.89 7.49
CA HIS D 900 -38.34 10.08 6.34
C HIS D 900 -37.62 11.42 6.43
N PHE D 901 -36.30 11.38 6.30
CA PHE D 901 -35.47 12.55 6.56
C PHE D 901 -34.81 13.04 5.29
N PRO D 902 -34.87 14.34 5.03
CA PRO D 902 -34.21 14.90 3.84
C PRO D 902 -32.75 15.19 4.06
N GLU D 903 -32.10 15.63 2.98
CA GLU D 903 -30.67 15.89 2.95
C GLU D 903 -30.38 16.86 1.81
N ASP D 904 -29.23 17.54 1.91
CA ASP D 904 -28.83 18.55 0.92
C ASP D 904 -28.53 17.89 -0.43
N ALA D 905 -28.62 18.69 -1.50
CA ALA D 905 -28.33 18.38 -2.90
C ALA D 905 -29.31 17.38 -3.52
N ASP D 906 -30.36 16.97 -2.81
CA ASP D 906 -31.58 16.33 -3.31
C ASP D 906 -31.34 14.97 -3.98
N TYR D 907 -30.23 14.29 -3.65
CA TYR D 907 -29.96 12.85 -3.93
C TYR D 907 -30.21 12.43 -5.39
N GLU D 908 -29.97 13.36 -6.32
CA GLU D 908 -30.59 13.32 -7.66
C GLU D 908 -30.19 12.08 -8.45
N ALA D 909 -29.00 11.54 -8.20
CA ALA D 909 -28.68 10.22 -8.75
C ALA D 909 -29.22 9.12 -7.85
N ASP D 910 -28.96 9.20 -6.56
CA ASP D 910 -29.29 8.13 -5.61
C ASP D 910 -30.76 8.15 -5.20
N THR D 911 -31.60 7.78 -6.16
CA THR D 911 -32.96 7.38 -5.83
C THR D 911 -32.94 6.05 -5.08
N ALA D 912 -31.87 5.27 -5.26
CA ALA D 912 -31.64 4.08 -4.44
C ALA D 912 -31.40 4.45 -2.97
N GLU D 913 -30.95 5.67 -2.70
CA GLU D 913 -30.92 6.15 -1.32
C GLU D 913 -32.32 6.55 -0.86
N TYR D 914 -33.13 7.11 -1.77
CA TYR D 914 -34.51 7.41 -1.45
C TYR D 914 -35.31 6.13 -1.20
N PHE D 915 -34.93 5.04 -1.86
CA PHE D 915 -35.56 3.76 -1.57
C PHE D 915 -35.23 3.29 -0.17
N LEU D 916 -34.02 3.56 0.29
CA LEU D 916 -33.59 3.03 1.58
C LEU D 916 -34.22 3.79 2.73
N ARG D 917 -34.41 5.10 2.55
CA ARG D 917 -35.03 5.89 3.62
C ARG D 917 -36.52 5.60 3.71
N ALA D 918 -37.16 5.27 2.58
CA ALA D 918 -38.60 5.07 2.58
C ALA D 918 -38.98 3.74 3.21
N VAL D 919 -38.22 2.69 2.91
CA VAL D 919 -38.56 1.36 3.40
C VAL D 919 -38.32 1.25 4.90
N ARG D 920 -37.32 1.96 5.40
CA ARG D 920 -37.09 1.94 6.83
C ARG D 920 -38.13 2.78 7.57
N ALA D 921 -38.57 3.88 6.98
CA ALA D 921 -39.55 4.77 7.59
C ALA D 921 -40.90 4.08 7.77
N SER D 922 -41.57 3.79 6.67
CA SER D 922 -42.74 2.92 6.74
C SER D 922 -42.17 1.52 6.69
N SER D 923 -41.96 0.94 7.87
CA SER D 923 -41.24 -0.31 7.98
C SER D 923 -42.09 -1.45 7.43
N ILE D 924 -42.11 -1.58 6.10
CA ILE D 924 -42.96 -2.58 5.47
C ILE D 924 -42.43 -3.97 5.73
N PHE D 925 -41.11 -4.12 5.81
CA PHE D 925 -40.52 -5.46 5.93
C PHE D 925 -40.69 -6.11 7.29
N PRO D 926 -40.50 -5.43 8.44
CA PRO D 926 -40.85 -6.13 9.69
C PRO D 926 -42.33 -6.27 9.91
N ILE D 927 -43.14 -5.36 9.34
CA ILE D 927 -44.58 -5.50 9.46
C ILE D 927 -45.09 -6.63 8.58
N LEU D 928 -44.45 -6.83 7.42
CA LEU D 928 -44.75 -8.02 6.62
C LEU D 928 -44.25 -9.27 7.33
N SER D 929 -43.21 -9.14 8.15
CA SER D 929 -42.77 -10.25 8.98
C SER D 929 -43.77 -10.50 10.10
N VAL D 930 -44.54 -9.48 10.48
CA VAL D 930 -45.61 -9.69 11.45
C VAL D 930 -46.80 -10.36 10.79
N ILE D 931 -47.32 -9.76 9.71
CA ILE D 931 -48.63 -10.15 9.21
C ILE D 931 -48.58 -11.48 8.49
N LEU D 932 -47.41 -11.88 8.00
CA LEU D 932 -47.28 -13.25 7.50
C LEU D 932 -47.20 -14.24 8.65
N LEU D 933 -46.65 -13.80 9.79
CA LEU D 933 -46.50 -14.71 10.91
C LEU D 933 -47.83 -14.91 11.63
N PHE D 934 -48.81 -14.05 11.35
CA PHE D 934 -50.17 -14.36 11.74
C PHE D 934 -50.82 -15.30 10.74
N MET D 935 -50.43 -15.22 9.47
CA MET D 935 -51.01 -16.09 8.46
C MET D 935 -50.55 -17.53 8.65
N GLY D 936 -49.29 -17.72 9.02
CA GLY D 936 -48.85 -19.04 9.41
C GLY D 936 -49.46 -19.48 10.72
N GLY D 937 -49.70 -18.53 11.63
CA GLY D 937 -50.39 -18.84 12.87
C GLY D 937 -51.87 -19.10 12.64
N LEU D 938 -52.39 -18.67 11.49
CA LEU D 938 -53.74 -19.03 11.10
C LEU D 938 -53.82 -20.48 10.61
N CYS D 939 -52.89 -20.86 9.73
CA CYS D 939 -52.95 -22.18 9.11
C CYS D 939 -52.55 -23.28 10.08
N ILE D 940 -51.74 -22.96 11.09
CA ILE D 940 -51.33 -23.98 12.03
C ILE D 940 -52.45 -24.27 13.02
N ALA D 941 -53.37 -23.32 13.19
CA ALA D 941 -54.54 -23.57 14.03
C ALA D 941 -55.68 -24.15 13.20
N ALA D 942 -55.86 -23.66 11.98
CA ALA D 942 -56.92 -24.12 11.10
C ALA D 942 -56.50 -25.31 10.25
N SER D 943 -55.53 -26.10 10.72
CA SER D 943 -55.26 -27.38 10.08
C SER D 943 -56.22 -28.45 10.58
N GLU D 944 -56.77 -28.26 11.78
CA GLU D 944 -57.77 -29.19 12.30
C GLU D 944 -59.08 -29.08 11.52
N PHE D 945 -59.58 -27.87 11.35
CA PHE D 945 -60.59 -27.58 10.35
C PHE D 945 -59.99 -27.80 8.96
N TYR D 946 -60.87 -28.08 7.98
CA TYR D 946 -60.47 -28.56 6.64
C TYR D 946 -59.56 -29.78 6.76
N LYS D 947 -59.98 -30.73 7.59
CA LYS D 947 -59.18 -31.90 7.89
C LYS D 947 -59.04 -32.80 6.67
N THR D 948 -57.81 -33.30 6.45
CA THR D 948 -57.37 -34.18 5.37
C THR D 948 -57.52 -33.47 4.03
N ARG D 949 -57.05 -32.23 3.93
CA ARG D 949 -56.84 -31.64 2.62
C ARG D 949 -55.39 -31.72 2.23
N HIS D 950 -54.49 -31.67 3.23
CA HIS D 950 -53.03 -31.82 3.07
C HIS D 950 -52.47 -30.76 2.14
N ASN D 951 -52.95 -29.53 2.30
CA ASN D 951 -52.48 -28.40 1.52
C ASN D 951 -52.30 -27.22 2.47
N ILE D 952 -52.84 -27.35 3.67
CA ILE D 952 -52.77 -26.27 4.64
C ILE D 952 -51.40 -26.27 5.30
N ILE D 953 -50.84 -27.46 5.52
CA ILE D 953 -49.51 -27.60 6.08
C ILE D 953 -48.47 -27.03 5.12
N LEU D 954 -48.66 -27.27 3.82
CA LEU D 954 -47.87 -26.59 2.79
C LEU D 954 -48.08 -25.08 2.87
N SER D 955 -49.32 -24.65 3.06
CA SER D 955 -49.61 -23.23 3.15
C SER D 955 -49.07 -22.64 4.43
N ALA D 956 -48.92 -23.47 5.46
CA ALA D 956 -48.39 -22.99 6.73
C ALA D 956 -46.90 -22.73 6.65
N GLY D 957 -46.13 -23.77 6.30
CA GLY D 957 -44.69 -23.73 6.48
C GLY D 957 -44.00 -22.78 5.52
N ILE D 958 -44.59 -22.54 4.35
CA ILE D 958 -44.03 -21.55 3.44
C ILE D 958 -44.24 -20.15 4.00
N PHE D 959 -45.34 -19.95 4.72
CA PHE D 959 -45.55 -18.65 5.36
C PHE D 959 -44.60 -18.45 6.54
N PHE D 960 -44.22 -19.53 7.23
CA PHE D 960 -43.26 -19.38 8.31
C PHE D 960 -41.86 -19.08 7.78
N VAL D 961 -41.53 -19.62 6.61
CA VAL D 961 -40.26 -19.32 5.98
C VAL D 961 -40.25 -17.89 5.45
N SER D 962 -41.34 -17.50 4.79
CA SER D 962 -41.44 -16.15 4.23
C SER D 962 -41.47 -15.10 5.32
N ALA D 963 -41.98 -15.45 6.51
CA ALA D 963 -41.90 -14.55 7.64
C ALA D 963 -40.47 -14.43 8.14
N GLY D 964 -39.66 -15.45 7.88
CA GLY D 964 -38.26 -15.34 8.23
C GLY D 964 -37.49 -14.49 7.25
N LEU D 965 -37.72 -14.70 5.94
CA LEU D 965 -37.00 -13.94 4.94
C LEU D 965 -37.40 -12.49 4.94
N SER D 966 -38.67 -12.20 5.24
CA SER D 966 -39.10 -10.82 5.36
C SER D 966 -38.53 -10.17 6.60
N ASN D 967 -38.14 -10.97 7.59
CA ASN D 967 -37.61 -10.39 8.81
C ASN D 967 -36.18 -9.93 8.62
N ILE D 968 -35.33 -10.76 8.01
CA ILE D 968 -33.92 -10.44 7.93
C ILE D 968 -33.66 -9.38 6.88
N ILE D 969 -34.57 -9.22 5.92
CA ILE D 969 -34.45 -8.08 5.02
C ILE D 969 -34.93 -6.82 5.73
N GLY D 970 -35.72 -6.99 6.80
CA GLY D 970 -36.03 -5.86 7.66
C GLY D 970 -34.87 -5.49 8.55
N ILE D 971 -34.08 -6.48 8.95
CA ILE D 971 -32.93 -6.21 9.81
C ILE D 971 -31.86 -5.45 9.04
N ILE D 972 -31.72 -5.73 7.74
CA ILE D 972 -30.70 -5.05 6.96
C ILE D 972 -31.07 -3.59 6.74
N VAL D 973 -32.33 -3.33 6.36
CA VAL D 973 -32.74 -1.95 6.11
C VAL D 973 -32.85 -1.17 7.41
N TYR D 974 -32.92 -1.87 8.54
CA TYR D 974 -32.74 -1.19 9.82
C TYR D 974 -31.32 -0.72 9.97
N ILE D 975 -30.35 -1.64 9.84
CA ILE D 975 -28.97 -1.31 10.17
C ILE D 975 -28.34 -0.48 9.07
N SER D 976 -28.79 -0.65 7.83
CA SER D 976 -28.21 0.14 6.74
C SER D 976 -28.65 1.60 6.83
N ALA D 977 -29.83 1.84 7.40
CA ALA D 977 -30.30 3.22 7.55
C ALA D 977 -29.63 3.91 8.72
N ASN D 978 -29.33 3.16 9.77
CA ASN D 978 -28.70 3.73 10.97
C ASN D 978 -27.31 4.25 10.67
N ALA D 979 -26.36 3.35 10.38
CA ALA D 979 -24.97 3.77 10.24
C ALA D 979 -24.72 4.36 8.86
N GLY D 980 -25.17 3.69 7.81
CA GLY D 980 -25.06 4.22 6.48
C GLY D 980 -26.21 5.14 6.17
N LYS D 989 -16.41 9.07 19.31
CA LYS D 989 -16.92 7.98 18.49
C LYS D 989 -18.41 7.80 18.68
N ASN D 990 -18.99 6.92 17.88
CA ASN D 990 -20.38 6.53 18.00
C ASN D 990 -20.47 5.15 18.64
N SER D 991 -20.73 5.11 19.95
CA SER D 991 -20.78 3.86 20.69
C SER D 991 -22.23 3.58 21.07
N TYR D 992 -22.81 2.56 20.46
CA TYR D 992 -24.20 2.22 20.69
C TYR D 992 -24.35 0.74 20.94
N SER D 993 -25.46 0.37 21.56
CA SER D 993 -25.75 -1.01 21.92
C SER D 993 -27.15 -1.36 21.44
N TYR D 994 -27.28 -2.50 20.79
CA TYR D 994 -28.59 -2.97 20.37
C TYR D 994 -29.39 -3.43 21.57
N GLY D 995 -30.70 -3.30 21.48
CA GLY D 995 -31.53 -3.35 22.66
C GLY D 995 -32.23 -4.68 22.88
N TRP D 996 -32.91 -4.72 24.03
CA TRP D 996 -33.74 -5.85 24.46
C TRP D 996 -34.87 -6.11 23.48
N SER D 997 -35.28 -5.09 22.72
CA SER D 997 -36.20 -5.30 21.62
C SER D 997 -35.53 -6.01 20.46
N PHE D 998 -34.29 -5.61 20.15
CA PHE D 998 -33.66 -6.02 18.89
C PHE D 998 -33.27 -7.48 18.92
N TYR D 999 -32.95 -8.01 20.09
CA TYR D 999 -32.58 -9.41 20.16
C TYR D 999 -33.81 -10.30 20.31
N PHE D 1000 -35.00 -9.69 20.37
CA PHE D 1000 -36.21 -10.48 20.22
C PHE D 1000 -36.57 -10.65 18.76
N GLY D 1001 -36.40 -9.59 17.96
CA GLY D 1001 -36.64 -9.69 16.53
C GLY D 1001 -35.69 -10.65 15.86
N ALA D 1002 -34.46 -10.70 16.34
CA ALA D 1002 -33.53 -11.74 15.92
C ALA D 1002 -33.98 -13.12 16.38
N LEU D 1003 -34.50 -13.20 17.61
CA LEU D 1003 -34.95 -14.49 18.14
C LEU D 1003 -36.26 -14.89 17.49
N SER D 1004 -37.05 -13.91 17.04
CA SER D 1004 -38.28 -14.24 16.33
C SER D 1004 -37.98 -14.84 14.97
N PHE D 1005 -36.84 -14.47 14.38
CA PHE D 1005 -36.45 -15.05 13.11
C PHE D 1005 -36.14 -16.53 13.25
N ILE D 1006 -35.40 -16.91 14.29
CA ILE D 1006 -34.94 -18.29 14.43
C ILE D 1006 -36.10 -19.21 14.73
N ILE D 1007 -37.03 -18.76 15.57
CA ILE D 1007 -38.19 -19.57 15.94
C ILE D 1007 -39.14 -19.70 14.76
N ALA D 1008 -39.21 -18.68 13.90
CA ALA D 1008 -40.04 -18.78 12.71
C ALA D 1008 -39.46 -19.76 11.71
N GLU D 1009 -38.15 -20.01 11.77
CA GLU D 1009 -37.57 -21.02 10.91
C GLU D 1009 -37.87 -22.41 11.43
N MET D 1010 -37.69 -22.60 12.74
CA MET D 1010 -37.76 -23.95 13.30
C MET D 1010 -39.20 -24.46 13.31
N VAL D 1011 -40.17 -23.55 13.33
CA VAL D 1011 -41.55 -23.97 13.09
C VAL D 1011 -41.71 -24.41 11.64
N GLY D 1012 -41.04 -23.71 10.72
CA GLY D 1012 -41.21 -24.01 9.30
C GLY D 1012 -40.64 -25.35 8.89
N VAL D 1013 -39.53 -25.75 9.51
CA VAL D 1013 -38.96 -27.06 9.20
C VAL D 1013 -39.79 -28.18 9.86
N LEU D 1014 -40.37 -27.90 11.03
CA LEU D 1014 -41.27 -28.88 11.63
C LEU D 1014 -42.57 -29.00 10.87
N ALA D 1015 -42.96 -27.94 10.16
CA ALA D 1015 -44.13 -28.04 9.30
C ALA D 1015 -43.88 -28.96 8.13
N VAL D 1016 -42.68 -28.89 7.55
CA VAL D 1016 -42.41 -29.66 6.34
C VAL D 1016 -42.21 -31.13 6.68
N HIS D 1017 -41.69 -31.43 7.88
CA HIS D 1017 -41.66 -32.80 8.37
C HIS D 1017 -43.07 -33.39 8.45
N MET D 1018 -44.05 -32.56 8.83
CA MET D 1018 -45.42 -33.04 8.86
C MET D 1018 -45.96 -33.26 7.46
N PHE D 1019 -45.67 -32.34 6.54
CA PHE D 1019 -46.24 -32.43 5.20
C PHE D 1019 -45.65 -33.61 4.43
N ILE D 1020 -44.41 -33.98 4.73
CA ILE D 1020 -43.88 -35.21 4.15
C ILE D 1020 -44.53 -36.41 4.81
N ASP D 1021 -44.79 -36.31 6.12
CA ASP D 1021 -45.36 -37.43 6.86
C ASP D 1021 -46.79 -37.72 6.42
N ARG D 1022 -47.54 -36.69 6.03
CA ARG D 1022 -48.89 -36.92 5.53
C ARG D 1022 -48.85 -37.61 4.17
N HIS D 1023 -47.94 -37.18 3.29
CA HIS D 1023 -47.78 -37.87 2.02
C HIS D 1023 -46.94 -39.14 2.17
N LYS D 1024 -46.35 -39.35 3.35
CA LYS D 1024 -45.83 -40.68 3.66
C LYS D 1024 -46.95 -41.61 4.12
N GLN D 1025 -47.94 -41.06 4.81
CA GLN D 1025 -49.10 -41.86 5.20
C GLN D 1025 -50.12 -41.95 4.07
N LEU D 1026 -50.00 -41.06 3.08
CA LEU D 1026 -50.88 -41.15 1.92
C LEU D 1026 -50.41 -42.24 0.96
N THR D 1027 -49.11 -42.50 0.93
CA THR D 1027 -48.61 -43.67 0.19
C THR D 1027 -48.92 -44.96 0.95
N GLY D 1028 -48.59 -45.00 2.24
CA GLY D 1028 -48.85 -46.16 3.05
C GLY D 1028 -50.29 -46.25 3.55
N GLU E . -10.60 41.09 10.92
CA GLU E . -9.69 41.39 9.82
C GLU E . -9.10 42.79 10.02
O GLU E . -9.55 43.52 10.90
CB GLU E . -10.43 41.25 8.48
CG GLU E . -9.58 41.44 7.22
CD GLU E . -8.55 40.35 7.05
OE1 GLU E . -8.82 39.22 7.47
OE2 GLU E . -7.46 40.64 6.52
OXT GLU E . -8.15 43.24 9.40
C1 CYZ F . -6.24 36.84 27.15
C2 CYZ F . -5.17 37.87 26.67
C3 CYZ F . -3.91 37.09 26.39
C4 CYZ F . -3.44 36.66 27.55
C5 CYZ F . -4.35 37.18 28.62
C6 CYZ F . -5.67 36.37 28.50
C7 CYZ F . -4.78 38.51 28.01
C8 CYZ F . -6.61 35.70 26.20
N1 CYZ F . -6.23 36.04 24.83
S1 CYZ F . -6.40 34.80 23.80
C9 CYZ F . -7.99 34.19 24.17
C10 CYZ F . -8.62 34.59 25.35
N2 CYZ F . -8.05 35.45 26.24
C11 CYZ F . -8.60 33.30 23.28
C12 CYZ F . -9.86 32.81 23.56
C13 CYZ F . -10.50 33.21 24.74
C14 CYZ F . -9.91 34.07 25.62
CL CYZ F . -12.07 32.64 25.16
S2 CYZ F . -10.60 31.70 22.40
O1 CYZ F . -5.43 33.81 24.14
O2 CYZ F . -6.40 35.33 22.48
O3 CYZ F . -9.55 30.89 21.86
O4 CYZ F . -11.42 32.47 21.52
N3 CYZ F . -11.57 30.71 23.23
N GLU G . 25.28 28.92 -24.12
CA GLU G . 25.87 28.41 -25.34
C GLU G . 27.15 29.21 -25.62
O GLU G . 27.98 28.95 -26.52
CB GLU G . 24.90 28.53 -26.52
CG GLU G . 25.30 27.76 -27.76
CD GLU G . 25.09 26.29 -27.60
OE1 GLU G . 24.17 25.92 -26.84
OE2 GLU G . 25.85 25.49 -28.20
OXT GLU G . 27.43 30.17 -24.90
C1 CYZ H . 32.06 27.46 -7.44
C2 CYZ H . 33.12 28.36 -8.15
C3 CYZ H . 33.83 27.50 -9.15
C4 CYZ H . 34.51 26.58 -8.48
C5 CYZ H . 34.37 26.89 -7.02
C6 CYZ H . 32.93 26.49 -6.63
C7 CYZ H . 34.21 28.42 -7.07
C8 CYZ H . 31.05 26.73 -8.33
N1 CYZ H . 31.05 27.30 -9.67
S1 CYZ H . 30.22 26.38 -10.72
C9 CYZ H . 28.70 26.13 -9.89
C10 CYZ H . 28.63 26.37 -8.51
N2 CYZ H . 29.71 26.79 -7.78
C11 CYZ H . 27.59 25.71 -10.62
C12 CYZ H . 26.38 25.51 -9.98
C13 CYZ H . 26.30 25.74 -8.59
C14 CYZ H . 27.39 26.17 -7.87
CL CYZ H . 24.82 25.52 -7.73
S2 CYZ H . 25.00 24.98 -10.93
O1 CYZ H . 30.90 25.12 -10.84
O2 CYZ H . 29.99 27.15 -11.90
O3 CYZ H . 25.50 24.55 -12.21
O4 CYZ H . 24.02 26.02 -10.90
N3 CYZ H . 24.37 23.71 -10.20
N GLU I . 39.64 18.56 -1.59
CA GLU I . 39.17 19.15 -0.35
C GLU I . 39.92 20.47 -0.13
O GLU I . 40.86 20.78 -0.84
CB GLU I . 39.37 18.16 0.81
CG GLU I . 38.84 18.60 2.16
CD GLU I . 37.34 18.72 2.20
OE1 GLU I . 36.68 17.96 1.47
OE2 GLU I . 36.81 19.61 2.92
OXT GLU I . 39.60 21.32 0.71
C1 CYZ J . 35.76 23.50 -17.51
C2 CYZ J . 35.82 24.81 -16.65
C3 CYZ J . 34.38 25.25 -16.44
C4 CYZ J . 33.91 25.63 -17.60
C5 CYZ J . 35.01 25.53 -18.61
C6 CYZ J . 35.22 24.01 -18.85
C7 CYZ J . 36.22 25.83 -17.72
C8 CYZ J . 35.00 22.30 -16.94
N1 CYZ J . 34.85 22.44 -15.49
S1 CYZ J . 33.86 21.34 -14.84
C9 CYZ J . 34.43 19.85 -15.56
C10 CYZ J . 35.29 19.90 -16.66
N2 CYZ J . 35.71 21.07 -17.22
C11 CYZ J . 34.02 18.63 -15.00
C12 CYZ J . 34.46 17.44 -15.54
C13 CYZ J . 35.33 17.48 -16.65
C14 CYZ J . 35.74 18.66 -17.20
CL CYZ J . 35.93 16.04 -17.39
S2 CYZ J . 33.92 15.93 -14.82
O1 CYZ J . 32.54 21.60 -15.31
O2 CYZ J . 34.09 21.30 -13.44
O3 CYZ J . 32.58 16.14 -14.35
O4 CYZ J . 34.92 15.51 -13.88
N3 CYZ J . 33.85 14.82 -15.98
N GLU K . 3.80 30.31 33.56
CA GLU K . 2.90 30.16 34.69
C GLU K . 2.68 31.55 35.31
O GLU K . 1.86 31.82 36.20
CB GLU K . 3.45 29.18 35.73
CG GLU K . 2.44 28.75 36.78
CD GLU K . 1.45 27.77 36.22
OE1 GLU K . 1.82 27.03 35.29
OE2 GLU K . 0.29 27.74 36.70
OXT GLU K . 3.35 32.50 34.88
C1 CYZ L . 0.31 38.75 17.97
C2 CYZ L . 0.42 39.95 18.98
C3 CYZ L . -0.75 39.85 19.92
C4 CYZ L . -1.84 40.06 19.22
C5 CYZ L . -1.43 40.41 17.82
C6 CYZ L . -0.96 39.10 17.17
C7 CYZ L . -0.08 41.10 18.09
C8 CYZ L . 0.27 37.32 18.53
N1 CYZ L . 0.56 37.35 19.97
S1 CYZ L . 0.25 35.92 20.66
C9 CYZ L . 1.11 34.81 19.64
C10 CYZ L . 1.51 35.21 18.35
N2 CYZ L . 1.23 36.46 17.87
C11 CYZ L . 1.40 33.53 20.12
C12 CYZ L . 2.09 32.62 19.32
C13 CYZ L . 2.49 33.03 18.04
C14 CYZ L . 2.21 34.28 17.56
CL CYZ L . 3.34 31.96 16.99
S2 CYZ L . 2.44 31.03 19.97
O1 CYZ L . -1.16 35.67 20.54
O2 CYZ L . 0.83 35.92 21.97
O3 CYZ L . 1.57 30.82 21.09
O4 CYZ L . 3.85 30.92 20.15
N3 CYZ L . 2.03 29.95 18.85
#